data_9V84
#
_entry.id   9V84
#
_cell.length_a   54.160
_cell.length_b   77.375
_cell.length_c   105.238
_cell.angle_alpha   112.720
_cell.angle_beta   93.180
_cell.angle_gamma   104.430
#
_symmetry.space_group_name_H-M   'P 1'
#
loop_
_entity.id
_entity.type
_entity.pdbx_description
1 polymer 'YTH domain-containing protein 1'
2 non-polymer 4-(2-bromanyl-6-fluoranyl-phenyl)carbonyl-~{N}-pyridin-3-yl-1~{H}-pyrrole-2-carboxamide
3 non-polymer 'SULFATE ION'
4 water water
#
_entity_poly.entity_id   1
_entity_poly.type   'polypeptide(L)'
_entity_poly.pdbx_seq_one_letter_code
;TSKLKYVLQDARFFLIKSNNHENVSLAKAKGVWSTLPVNEKKLNLAFRSARSVILIFSVRESGKFQGFARLSSESHHGGS
PIHWVLPAGMSAKMLGGVFKIDWICRRELPFTKSAHLTNPWNEHKPVKIGRDGQEIELECGTQLCLLFPPDESIDLYQVI
HKM
;
_entity_poly.pdbx_strand_id   B,A,C,D,E,F,G,H
#
loop_
_chem_comp.id
_chem_comp.type
_chem_comp.name
_chem_comp.formula
9N8 non-polymer 4-(2-bromanyl-6-fluoranyl-phenyl)carbonyl-~{N}-pyridin-3-yl-1~{H}-pyrrole-2-carboxamide 'C17 H11 Br F N3 O2'
SO4 non-polymer 'SULFATE ION' 'O4 S -2'
#
# COMPACT_ATOMS: atom_id res chain seq x y z
N LEU A 4 35.90 -3.07 -7.73
CA LEU A 4 35.10 -4.10 -7.07
C LEU A 4 35.66 -4.42 -5.69
N LYS A 5 36.99 -4.58 -5.61
CA LYS A 5 37.62 -4.87 -4.33
C LYS A 5 37.39 -3.76 -3.31
N TYR A 6 37.30 -2.51 -3.78
CA TYR A 6 36.98 -1.42 -2.88
C TYR A 6 35.58 -1.58 -2.31
N VAL A 7 34.63 -2.04 -3.12
CA VAL A 7 33.28 -2.28 -2.64
C VAL A 7 33.25 -3.42 -1.64
N LEU A 8 34.16 -4.39 -1.76
CA LEU A 8 34.18 -5.56 -0.90
C LEU A 8 35.01 -5.35 0.37
N GLN A 9 35.74 -4.25 0.48
CA GLN A 9 36.68 -4.07 1.58
C GLN A 9 35.98 -4.22 2.93
N ASP A 10 36.45 -5.16 3.75
CA ASP A 10 35.93 -5.36 5.11
C ASP A 10 34.43 -5.60 5.11
N ALA A 11 33.89 -6.08 4.01
CA ALA A 11 32.47 -6.37 3.95
C ALA A 11 32.15 -7.62 4.77
N ARG A 12 30.89 -7.72 5.20
CA ARG A 12 30.35 -8.95 5.75
C ARG A 12 29.51 -9.62 4.68
N PHE A 13 29.66 -10.93 4.55
CA PHE A 13 29.00 -11.72 3.51
C PHE A 13 28.02 -12.69 4.13
N PHE A 14 26.85 -12.80 3.51
CA PHE A 14 25.80 -13.69 3.98
C PHE A 14 25.31 -14.53 2.82
N LEU A 15 25.19 -15.84 3.05
CA LEU A 15 24.65 -16.75 2.06
C LEU A 15 23.14 -16.71 2.11
N ILE A 16 22.49 -16.33 1.02
CA ILE A 16 21.05 -16.20 0.95
C ILE A 16 20.53 -17.33 0.06
N LYS A 17 19.80 -18.26 0.68
CA LYS A 17 19.25 -19.42 -0.03
C LYS A 17 17.77 -19.18 -0.27
N SER A 18 17.43 -18.83 -1.51
CA SER A 18 16.04 -18.72 -1.92
C SER A 18 15.51 -20.07 -2.35
N ASN A 19 14.23 -20.33 -2.06
CA ASN A 19 13.62 -21.60 -2.44
C ASN A 19 13.14 -21.63 -3.88
N ASN A 20 13.20 -20.51 -4.61
CA ASN A 20 12.74 -20.46 -5.98
C ASN A 20 13.50 -19.37 -6.72
N HIS A 21 13.39 -19.39 -8.05
CA HIS A 21 14.01 -18.36 -8.87
C HIS A 21 13.18 -17.08 -8.94
N GLU A 22 11.86 -17.17 -8.74
CA GLU A 22 11.02 -15.99 -8.88
C GLU A 22 11.48 -14.88 -7.93
N ASN A 23 11.66 -15.20 -6.65
CA ASN A 23 12.07 -14.19 -5.68
C ASN A 23 13.38 -13.52 -6.07
N VAL A 24 14.31 -14.28 -6.63
CA VAL A 24 15.56 -13.67 -7.09
C VAL A 24 15.29 -12.78 -8.29
N SER A 25 14.47 -13.24 -9.23
CA SER A 25 14.10 -12.39 -10.37
C SER A 25 13.44 -11.10 -9.90
N LEU A 26 12.50 -11.21 -8.96
CA LEU A 26 11.91 -10.01 -8.37
C LEU A 26 13.00 -9.10 -7.81
N ALA A 27 13.94 -9.67 -7.05
CA ALA A 27 15.01 -8.87 -6.46
C ALA A 27 15.86 -8.21 -7.55
N LYS A 28 16.12 -8.93 -8.64
CA LYS A 28 16.94 -8.34 -9.70
C LYS A 28 16.18 -7.27 -10.47
N ALA A 29 14.86 -7.42 -10.61
CA ALA A 29 14.09 -6.42 -11.35
C ALA A 29 13.83 -5.18 -10.51
N LYS A 30 13.50 -5.35 -9.24
CA LYS A 30 13.09 -4.25 -8.37
C LYS A 30 14.19 -3.77 -7.43
N GLY A 31 15.32 -4.47 -7.37
CA GLY A 31 16.39 -4.04 -6.47
C GLY A 31 15.97 -3.97 -5.02
N VAL A 32 15.21 -4.96 -4.55
CA VAL A 32 14.73 -5.00 -3.18
C VAL A 32 14.82 -6.43 -2.66
N TRP A 33 14.76 -6.56 -1.34
CA TRP A 33 14.81 -7.87 -0.69
C TRP A 33 14.06 -7.77 0.63
N SER A 34 13.57 -8.92 1.11
CA SER A 34 12.87 -8.96 2.38
C SER A 34 13.02 -10.35 2.99
N THR A 35 12.69 -10.45 4.27
CA THR A 35 12.86 -11.69 5.03
C THR A 35 12.14 -11.52 6.37
N LEU A 36 12.14 -12.59 7.16
CA LEU A 36 11.47 -12.57 8.45
C LEU A 36 12.08 -11.52 9.38
N PRO A 37 11.35 -11.08 10.40
CA PRO A 37 11.85 -9.99 11.25
C PRO A 37 13.18 -10.29 11.92
N VAL A 38 13.35 -11.48 12.49
CA VAL A 38 14.59 -11.79 13.20
C VAL A 38 15.79 -11.62 12.28
N ASN A 39 15.68 -12.08 11.03
CA ASN A 39 16.77 -11.89 10.09
C ASN A 39 16.88 -10.43 9.67
N GLU A 40 15.75 -9.72 9.60
CA GLU A 40 15.78 -8.29 9.33
C GLU A 40 16.57 -7.55 10.39
N LYS A 41 16.38 -7.91 11.66
CA LYS A 41 17.10 -7.24 12.74
C LYS A 41 18.60 -7.44 12.60
N LYS A 42 19.04 -8.66 12.29
CA LYS A 42 20.46 -8.91 12.12
C LYS A 42 21.02 -8.11 10.96
N LEU A 43 20.32 -8.11 9.81
CA LEU A 43 20.78 -7.36 8.66
C LEU A 43 20.85 -5.86 8.97
N ASN A 44 19.82 -5.32 9.62
CA ASN A 44 19.83 -3.91 9.99
C ASN A 44 20.99 -3.60 10.93
N LEU A 45 21.19 -4.44 11.94
CA LEU A 45 22.32 -4.23 12.84
C LEU A 45 23.64 -4.34 12.10
N ALA A 46 23.78 -5.33 11.22
CA ALA A 46 25.00 -5.48 10.45
C ALA A 46 25.22 -4.29 9.51
N PHE A 47 24.14 -3.71 8.97
CA PHE A 47 24.30 -2.56 8.09
C PHE A 47 24.85 -1.36 8.84
N ARG A 48 24.41 -1.16 10.08
CA ARG A 48 24.89 -0.02 10.85
C ARG A 48 26.37 -0.16 11.18
N SER A 49 26.84 -1.39 11.44
CA SER A 49 28.15 -1.61 12.01
C SER A 49 29.21 -2.00 11.00
N ALA A 50 28.84 -2.37 9.77
CA ALA A 50 29.80 -2.86 8.79
C ALA A 50 29.89 -1.91 7.61
N ARG A 51 31.03 -1.97 6.92
CA ARG A 51 31.25 -1.08 5.79
C ARG A 51 30.42 -1.49 4.57
N SER A 52 30.14 -2.78 4.42
CA SER A 52 29.28 -3.26 3.34
C SER A 52 28.66 -4.60 3.75
N VAL A 53 27.38 -4.75 3.46
CA VAL A 53 26.64 -5.97 3.74
C VAL A 53 26.29 -6.60 2.40
N ILE A 54 27.00 -7.67 2.05
CA ILE A 54 26.85 -8.34 0.76
C ILE A 54 25.97 -9.57 0.95
N LEU A 55 24.90 -9.66 0.17
CA LEU A 55 24.10 -10.88 0.09
C LEU A 55 24.53 -11.65 -1.15
N ILE A 56 24.87 -12.93 -0.98
CA ILE A 56 25.20 -13.82 -2.08
C ILE A 56 24.06 -14.81 -2.24
N PHE A 57 23.37 -14.74 -3.38
CA PHE A 57 22.14 -15.49 -3.58
C PHE A 57 22.42 -16.84 -4.22
N SER A 58 21.71 -17.87 -3.73
CA SER A 58 21.81 -19.22 -4.30
C SER A 58 20.45 -19.88 -4.17
N VAL A 59 19.78 -20.09 -5.31
CA VAL A 59 18.50 -20.78 -5.31
C VAL A 59 18.73 -22.27 -5.06
N ARG A 60 18.03 -22.82 -4.07
CA ARG A 60 18.22 -24.22 -3.72
C ARG A 60 17.97 -25.12 -4.92
N GLU A 61 18.80 -26.16 -5.05
CA GLU A 61 18.77 -27.17 -6.11
C GLU A 61 19.34 -26.65 -7.41
N SER A 62 19.64 -25.35 -7.53
CA SER A 62 20.07 -24.82 -8.82
C SER A 62 21.51 -25.17 -9.14
N GLY A 63 22.32 -25.52 -8.15
CA GLY A 63 23.72 -25.79 -8.37
C GLY A 63 24.58 -24.58 -8.64
N LYS A 64 24.06 -23.38 -8.40
CA LYS A 64 24.78 -22.16 -8.76
C LYS A 64 24.45 -21.05 -7.77
N PHE A 65 25.34 -20.07 -7.70
CA PHE A 65 25.00 -18.75 -7.16
C PHE A 65 24.43 -17.91 -8.30
N GLN A 66 23.45 -17.07 -7.98
CA GLN A 66 22.81 -16.24 -8.99
C GLN A 66 23.31 -14.81 -8.98
N GLY A 67 24.32 -14.50 -8.18
CA GLY A 67 24.87 -13.16 -8.07
C GLY A 67 24.94 -12.71 -6.62
N PHE A 68 25.35 -11.46 -6.44
CA PHE A 68 25.42 -10.89 -5.10
C PHE A 68 25.17 -9.39 -5.17
N ALA A 69 24.52 -8.87 -4.12
CA ALA A 69 24.11 -7.48 -4.04
C ALA A 69 24.49 -6.92 -2.68
N ARG A 70 24.59 -5.59 -2.61
CA ARG A 70 24.99 -4.88 -1.40
C ARG A 70 23.81 -4.11 -0.83
N LEU A 71 23.55 -4.28 0.47
CA LEU A 71 22.51 -3.50 1.12
C LEU A 71 22.77 -2.02 0.97
N SER A 72 21.77 -1.28 0.49
CA SER A 72 21.87 0.16 0.37
C SER A 72 21.38 0.90 1.61
N SER A 73 20.54 0.27 2.43
CA SER A 73 19.98 0.93 3.59
C SER A 73 19.35 -0.12 4.49
N GLU A 74 18.96 0.32 5.69
CA GLU A 74 18.15 -0.50 6.55
C GLU A 74 16.77 -0.72 5.92
N SER A 75 16.01 -1.64 6.48
CA SER A 75 14.70 -1.95 5.92
C SER A 75 13.71 -0.83 6.20
N HIS A 76 12.84 -0.57 5.24
CA HIS A 76 11.76 0.41 5.37
C HIS A 76 10.41 -0.27 5.16
N HIS A 77 9.38 0.29 5.79
CA HIS A 77 8.03 -0.19 5.63
C HIS A 77 7.26 0.72 4.68
N GLY A 78 5.97 0.40 4.49
CA GLY A 78 5.06 1.25 3.74
C GLY A 78 5.43 1.47 2.29
N GLY A 79 5.58 0.36 1.54
CA GLY A 79 5.82 0.42 0.12
C GLY A 79 4.76 -0.37 -0.64
N SER A 80 4.92 -0.37 -1.96
CA SER A 80 4.01 -1.14 -2.82
C SER A 80 4.29 -2.62 -2.63
N PRO A 81 3.29 -3.43 -2.25
CA PRO A 81 3.57 -4.85 -1.99
C PRO A 81 4.21 -5.54 -3.18
N ILE A 82 5.21 -6.38 -2.87
CA ILE A 82 5.90 -7.19 -3.85
C ILE A 82 5.34 -8.60 -3.80
N HIS A 83 5.20 -9.23 -4.97
CA HIS A 83 4.61 -10.57 -5.04
C HIS A 83 5.69 -11.63 -4.85
N TRP A 84 6.19 -11.72 -3.62
CA TRP A 84 7.14 -12.76 -3.28
C TRP A 84 6.46 -14.12 -3.33
N VAL A 85 7.24 -15.14 -3.72
CA VAL A 85 6.84 -16.53 -3.57
C VAL A 85 7.40 -17.00 -2.23
N LEU A 86 6.53 -17.10 -1.23
CA LEU A 86 6.91 -17.34 0.15
C LEU A 86 6.84 -18.82 0.49
N PRO A 87 7.63 -19.27 1.46
CA PRO A 87 7.57 -20.68 1.88
C PRO A 87 6.15 -21.06 2.29
N ALA A 88 5.82 -22.32 2.06
CA ALA A 88 4.50 -22.85 2.41
C ALA A 88 4.16 -22.53 3.85
N GLY A 89 3.02 -21.84 4.05
CA GLY A 89 2.57 -21.49 5.38
C GLY A 89 3.02 -20.13 5.86
N MET A 90 3.82 -19.41 5.08
CA MET A 90 4.22 -18.04 5.39
C MET A 90 3.34 -17.07 4.61
N SER A 91 2.94 -15.99 5.27
CA SER A 91 2.19 -14.92 4.63
C SER A 91 3.00 -13.63 4.71
N ALA A 92 2.64 -12.67 3.84
CA ALA A 92 3.31 -11.38 3.85
C ALA A 92 3.23 -10.71 5.22
N LYS A 93 2.14 -10.93 5.95
CA LYS A 93 2.01 -10.34 7.28
C LYS A 93 3.12 -10.78 8.23
N MET A 94 3.78 -11.90 7.94
CA MET A 94 4.87 -12.38 8.80
C MET A 94 6.20 -11.73 8.46
N LEU A 95 6.29 -11.03 7.33
CA LEU A 95 7.54 -10.46 6.88
C LEU A 95 7.89 -9.19 7.66
N GLY A 96 9.19 -8.95 7.81
CA GLY A 96 9.68 -7.66 8.22
C GLY A 96 9.56 -6.67 7.09
N GLY A 97 10.34 -5.59 7.19
CA GLY A 97 10.34 -4.55 6.19
C GLY A 97 10.98 -5.03 4.89
N VAL A 98 11.21 -4.06 4.01
CA VAL A 98 11.82 -4.29 2.71
C VAL A 98 13.19 -3.61 2.70
N PHE A 99 14.18 -4.31 2.15
CA PHE A 99 15.53 -3.78 2.02
C PHE A 99 15.77 -3.32 0.58
N LYS A 100 16.40 -2.15 0.44
CA LYS A 100 16.92 -1.74 -0.85
C LYS A 100 18.33 -2.32 -1.03
N ILE A 101 18.61 -2.80 -2.24
CA ILE A 101 19.86 -3.48 -2.53
C ILE A 101 20.35 -3.04 -3.90
N ASP A 102 21.64 -2.77 -4.01
CA ASP A 102 22.29 -2.47 -5.27
C ASP A 102 23.02 -3.74 -5.73
N TRP A 103 22.58 -4.30 -6.84
CA TRP A 103 23.27 -5.46 -7.38
C TRP A 103 24.68 -5.07 -7.79
N ILE A 104 25.64 -5.91 -7.42
CA ILE A 104 27.04 -5.73 -7.79
C ILE A 104 27.32 -6.60 -9.00
N CYS A 105 26.59 -7.72 -9.09
CA CYS A 105 26.81 -8.70 -10.14
C CYS A 105 25.56 -9.54 -10.28
N ARG A 106 24.96 -9.53 -11.47
CA ARG A 106 23.76 -10.29 -11.76
C ARG A 106 24.05 -11.61 -12.47
N ARG A 107 25.30 -11.87 -12.81
CA ARG A 107 25.65 -13.08 -13.56
C ARG A 107 25.83 -14.27 -12.62
N GLU A 108 25.70 -15.46 -13.18
CA GLU A 108 25.71 -16.70 -12.41
C GLU A 108 27.12 -17.24 -12.20
N LEU A 109 27.26 -18.10 -11.19
CA LEU A 109 28.48 -18.83 -10.90
C LEU A 109 28.13 -20.25 -10.48
N PRO A 110 28.53 -21.27 -11.25
CA PRO A 110 28.23 -22.64 -10.85
C PRO A 110 29.06 -23.09 -9.66
N PHE A 111 28.49 -24.00 -8.88
CA PHE A 111 29.19 -24.50 -7.70
C PHE A 111 30.55 -25.09 -8.06
N THR A 112 30.69 -25.66 -9.26
CA THR A 112 31.93 -26.32 -9.62
C THR A 112 33.10 -25.35 -9.66
N LYS A 113 32.84 -24.06 -9.92
CA LYS A 113 33.91 -23.06 -9.93
C LYS A 113 34.22 -22.51 -8.54
N SER A 114 33.52 -22.98 -7.50
CA SER A 114 33.81 -22.58 -6.13
C SER A 114 34.12 -23.78 -5.25
N ALA A 115 34.41 -24.95 -5.83
CA ALA A 115 34.67 -26.14 -5.04
C ALA A 115 35.92 -26.03 -4.19
N HIS A 116 36.87 -25.16 -4.55
CA HIS A 116 38.08 -25.02 -3.77
C HIS A 116 37.95 -24.06 -2.59
N LEU A 117 36.91 -23.23 -2.56
CA LEU A 117 36.71 -22.27 -1.49
C LEU A 117 35.92 -22.90 -0.36
N THR A 118 36.51 -22.95 0.83
CA THR A 118 35.88 -23.48 2.03
C THR A 118 35.62 -22.35 3.01
N ASN A 119 34.48 -22.42 3.70
CA ASN A 119 34.07 -21.37 4.62
C ASN A 119 34.55 -21.72 6.03
N PRO A 120 35.54 -21.02 6.57
CA PRO A 120 36.02 -21.37 7.92
C PRO A 120 34.95 -21.24 8.98
N TRP A 121 33.95 -20.37 8.77
CA TRP A 121 32.90 -20.14 9.74
C TRP A 121 31.74 -21.12 9.60
N ASN A 122 31.89 -22.15 8.76
CA ASN A 122 30.94 -23.25 8.67
C ASN A 122 31.70 -24.57 8.59
N GLU A 123 32.48 -24.85 9.64
CA GLU A 123 33.22 -26.10 9.78
C GLU A 123 34.02 -26.43 8.52
N HIS A 124 34.48 -25.39 7.81
CA HIS A 124 35.38 -25.54 6.68
C HIS A 124 34.75 -26.32 5.52
N LYS A 125 33.43 -26.47 5.50
CA LYS A 125 32.77 -27.07 4.36
C LYS A 125 32.84 -26.12 3.15
N PRO A 126 32.66 -26.66 1.95
CA PRO A 126 32.70 -25.78 0.76
C PRO A 126 31.67 -24.67 0.86
N VAL A 127 32.06 -23.48 0.40
CA VAL A 127 31.26 -22.28 0.64
C VAL A 127 29.85 -22.44 0.11
N LYS A 128 29.67 -23.24 -0.95
CA LYS A 128 28.33 -23.50 -1.47
C LYS A 128 27.42 -24.13 -0.42
N ILE A 129 27.99 -24.75 0.61
CA ILE A 129 27.20 -25.46 1.62
C ILE A 129 26.94 -24.52 2.79
N GLY A 130 25.68 -24.45 3.21
CA GLY A 130 25.34 -23.61 4.33
C GLY A 130 23.85 -23.38 4.44
N ARG A 131 23.38 -23.09 5.64
CA ARG A 131 21.97 -22.81 5.83
C ARG A 131 21.67 -21.39 5.37
N ASP A 132 20.38 -21.11 5.17
CA ASP A 132 19.98 -19.75 4.86
C ASP A 132 20.50 -18.79 5.92
N GLY A 133 21.22 -17.76 5.48
CA GLY A 133 21.77 -16.78 6.37
C GLY A 133 23.20 -17.03 6.83
N GLN A 134 23.77 -18.20 6.53
CA GLN A 134 25.12 -18.53 6.96
C GLN A 134 26.09 -17.42 6.58
N GLU A 135 26.76 -16.86 7.57
CA GLU A 135 27.76 -15.82 7.31
C GLU A 135 29.05 -16.45 6.79
N ILE A 136 29.68 -15.76 5.85
CA ILE A 136 30.88 -16.25 5.17
C ILE A 136 32.07 -15.42 5.62
N GLU A 137 33.17 -16.10 5.95
CA GLU A 137 34.36 -15.41 6.43
C GLU A 137 34.84 -14.39 5.40
N LEU A 138 35.48 -13.33 5.90
CA LEU A 138 35.84 -12.18 5.07
C LEU A 138 36.58 -12.60 3.80
N GLU A 139 37.74 -13.24 3.96
CA GLU A 139 38.56 -13.56 2.79
C GLU A 139 37.88 -14.59 1.90
N CYS A 140 37.29 -15.63 2.50
CA CYS A 140 36.55 -16.62 1.71
C CYS A 140 35.46 -15.93 0.89
N GLY A 141 34.64 -15.11 1.54
CA GLY A 141 33.59 -14.42 0.81
C GLY A 141 34.13 -13.50 -0.26
N THR A 142 35.23 -12.79 0.03
CA THR A 142 35.84 -11.92 -0.97
C THR A 142 36.25 -12.73 -2.20
N GLN A 143 36.97 -13.83 -1.99
CA GLN A 143 37.40 -14.66 -3.11
C GLN A 143 36.21 -15.21 -3.89
N LEU A 144 35.13 -15.60 -3.20
CA LEU A 144 33.95 -16.09 -3.89
C LEU A 144 33.40 -15.03 -4.84
N CYS A 145 33.28 -13.79 -4.36
CA CYS A 145 32.76 -12.74 -5.22
C CYS A 145 33.66 -12.48 -6.42
N LEU A 146 34.98 -12.63 -6.24
CA LEU A 146 35.91 -12.38 -7.32
C LEU A 146 35.92 -13.50 -8.37
N LEU A 147 35.39 -14.68 -8.04
CA LEU A 147 35.24 -15.74 -9.03
C LEU A 147 34.11 -15.47 -10.00
N PHE A 148 33.16 -14.62 -9.64
CA PHE A 148 32.03 -14.34 -10.52
C PHE A 148 32.49 -13.68 -11.81
N PRO A 149 31.81 -13.94 -12.92
CA PRO A 149 32.13 -13.23 -14.15
C PRO A 149 31.92 -11.74 -13.96
N PRO A 150 32.72 -10.92 -14.62
CA PRO A 150 32.46 -9.48 -14.60
C PRO A 150 31.12 -9.16 -15.24
N ASP A 151 30.39 -8.21 -14.64
CA ASP A 151 29.09 -7.79 -15.13
C ASP A 151 29.19 -6.31 -15.52
N GLU A 152 29.34 -6.07 -16.82
CA GLU A 152 29.57 -4.71 -17.31
C GLU A 152 28.33 -3.83 -17.23
N SER A 153 27.18 -4.36 -16.83
CA SER A 153 25.94 -3.61 -16.82
C SER A 153 25.69 -2.88 -15.50
N ILE A 154 26.61 -2.95 -14.54
CA ILE A 154 26.41 -2.41 -13.21
C ILE A 154 27.25 -1.14 -13.06
N ASP A 155 26.63 -0.09 -12.54
CA ASP A 155 27.32 1.18 -12.30
C ASP A 155 27.86 1.16 -10.88
N LEU A 156 29.16 0.88 -10.73
CA LEU A 156 29.74 0.77 -9.40
C LEU A 156 29.82 2.10 -8.68
N TYR A 157 29.88 3.20 -9.42
CA TYR A 157 29.91 4.51 -8.78
C TYR A 157 28.59 4.82 -8.08
N GLN A 158 27.47 4.34 -8.63
CA GLN A 158 26.19 4.51 -7.95
C GLN A 158 26.19 3.84 -6.59
N VAL A 159 26.90 2.72 -6.44
CA VAL A 159 26.98 2.03 -5.16
C VAL A 159 28.04 2.67 -4.28
N ILE A 160 29.14 3.14 -4.88
CA ILE A 160 30.22 3.72 -4.08
C ILE A 160 29.75 4.97 -3.37
N HIS A 161 28.93 5.79 -4.03
CA HIS A 161 28.49 7.05 -3.43
C HIS A 161 27.69 6.84 -2.16
N LYS A 162 27.17 5.63 -1.92
CA LYS A 162 26.37 5.35 -0.73
C LYS A 162 27.21 4.91 0.46
N MET A 163 28.50 4.66 0.27
CA MET A 163 29.38 4.19 1.34
C MET A 163 29.92 5.35 2.17
N SER B 2 40.53 44.49 9.11
CA SER B 2 40.01 45.71 9.71
C SER B 2 38.74 46.15 8.99
N LYS B 3 37.90 46.89 9.71
CA LYS B 3 36.55 47.26 9.29
C LYS B 3 35.55 46.28 9.89
N LEU B 4 35.62 45.01 9.48
CA LEU B 4 34.85 43.98 10.18
C LEU B 4 35.44 43.72 11.56
N LYS B 5 36.74 43.48 11.63
CA LYS B 5 37.39 43.28 12.92
C LYS B 5 37.15 44.47 13.85
N TYR B 6 37.09 45.68 13.29
CA TYR B 6 36.80 46.84 14.13
C TYR B 6 35.39 46.75 14.70
N VAL B 7 34.42 46.36 13.87
CA VAL B 7 33.04 46.27 14.35
C VAL B 7 32.89 45.22 15.44
N LEU B 8 33.68 44.15 15.37
CA LEU B 8 33.60 43.04 16.31
C LEU B 8 34.48 43.23 17.53
N GLN B 9 35.17 44.37 17.66
CA GLN B 9 36.08 44.57 18.77
C GLN B 9 35.32 44.62 20.09
N ASP B 10 35.72 43.75 21.03
CA ASP B 10 35.13 43.71 22.37
C ASP B 10 33.62 43.55 22.33
N ALA B 11 33.11 42.87 21.31
CA ALA B 11 31.68 42.68 21.19
C ALA B 11 31.25 41.45 21.99
N ARG B 12 29.97 41.45 22.38
CA ARG B 12 29.33 40.27 22.94
C ARG B 12 28.53 39.59 21.83
N PHE B 13 28.55 38.26 21.84
CA PHE B 13 27.92 37.47 20.79
C PHE B 13 26.81 36.62 21.39
N PHE B 14 25.66 36.61 20.71
CA PHE B 14 24.53 35.82 21.14
C PHE B 14 24.05 34.96 19.99
N LEU B 15 23.81 33.68 20.27
CA LEU B 15 23.29 32.75 19.29
C LEU B 15 21.77 32.81 19.31
N ILE B 16 21.17 33.19 18.19
CA ILE B 16 19.74 33.40 18.10
C ILE B 16 19.15 32.27 17.27
N LYS B 17 18.33 31.43 17.91
CA LYS B 17 17.70 30.29 17.27
C LYS B 17 16.25 30.63 16.95
N SER B 18 15.95 30.74 15.66
CA SER B 18 14.59 30.93 15.18
C SER B 18 14.04 29.60 14.71
N ASN B 19 12.76 29.36 14.98
CA ASN B 19 12.13 28.12 14.57
C ASN B 19 11.71 28.12 13.10
N ASN B 20 11.93 29.22 12.38
CA ASN B 20 11.47 29.33 11.01
C ASN B 20 12.34 30.32 10.24
N HIS B 21 12.29 30.23 8.92
CA HIS B 21 12.98 31.19 8.07
C HIS B 21 12.23 32.50 7.96
N GLU B 22 10.92 32.48 8.14
CA GLU B 22 10.11 33.68 7.96
C GLU B 22 10.60 34.82 8.84
N ASN B 23 10.78 34.56 10.15
CA ASN B 23 11.21 35.62 11.05
C ASN B 23 12.55 36.19 10.63
N VAL B 24 13.47 35.33 10.19
CA VAL B 24 14.80 35.81 9.78
C VAL B 24 14.69 36.59 8.48
N SER B 25 13.80 36.18 7.57
CA SER B 25 13.57 36.97 6.36
C SER B 25 13.03 38.34 6.71
N LEU B 26 12.06 38.41 7.62
CA LEU B 26 11.54 39.72 8.05
C LEU B 26 12.64 40.58 8.65
N ALA B 27 13.47 40.00 9.52
CA ALA B 27 14.54 40.76 10.13
C ALA B 27 15.53 41.28 9.08
N LYS B 28 15.78 40.49 8.04
CA LYS B 28 16.69 40.92 6.99
C LYS B 28 16.07 42.02 6.12
N ALA B 29 14.78 41.91 5.83
CA ALA B 29 14.13 42.91 4.98
C ALA B 29 13.95 44.23 5.72
N LYS B 30 13.47 44.17 6.97
CA LYS B 30 13.10 45.36 7.73
C LYS B 30 14.19 45.83 8.70
N GLY B 31 15.23 45.03 8.93
CA GLY B 31 16.27 45.40 9.87
C GLY B 31 15.77 45.59 11.30
N VAL B 32 15.01 44.61 11.81
CA VAL B 32 14.46 44.67 13.16
C VAL B 32 14.46 43.28 13.78
N TRP B 33 14.21 43.24 15.09
CA TRP B 33 14.15 41.99 15.83
C TRP B 33 13.29 42.19 17.08
N SER B 34 12.71 41.10 17.56
CA SER B 34 11.91 41.15 18.78
C SER B 34 11.98 39.80 19.47
N THR B 35 11.46 39.75 20.70
CA THR B 35 11.47 38.55 21.52
C THR B 35 10.72 38.78 22.83
N LEU B 36 10.70 37.78 23.71
CA LEU B 36 9.98 37.90 24.97
C LEU B 36 10.69 38.90 25.89
N PRO B 37 9.95 39.49 26.83
CA PRO B 37 10.52 40.57 27.65
C PRO B 37 11.73 40.16 28.49
N VAL B 38 11.75 38.94 29.03
CA VAL B 38 12.92 38.50 29.80
C VAL B 38 14.17 38.53 28.93
N ASN B 39 14.08 38.02 27.71
CA ASN B 39 15.19 38.13 26.77
C ASN B 39 15.44 39.59 26.40
N GLU B 40 14.37 40.36 26.25
CA GLU B 40 14.51 41.78 25.90
C GLU B 40 15.38 42.50 26.92
N LYS B 41 15.15 42.27 28.22
CA LYS B 41 15.93 42.94 29.24
C LYS B 41 17.41 42.60 29.13
N LYS B 42 17.73 41.32 28.93
CA LYS B 42 19.12 40.94 28.74
C LYS B 42 19.75 41.69 27.57
N LEU B 43 19.03 41.79 26.45
CA LEU B 43 19.58 42.47 25.27
C LEU B 43 19.78 43.95 25.54
N ASN B 44 18.81 44.62 26.16
CA ASN B 44 18.96 46.04 26.46
C ASN B 44 20.14 46.29 27.40
N LEU B 45 20.24 45.50 28.47
CA LEU B 45 21.37 45.62 29.38
C LEU B 45 22.69 45.47 28.62
N ALA B 46 22.81 44.42 27.82
CA ALA B 46 24.04 44.21 27.07
C ALA B 46 24.30 45.34 26.10
N PHE B 47 23.25 45.91 25.51
CA PHE B 47 23.45 47.01 24.56
C PHE B 47 23.99 48.26 25.25
N ARG B 48 23.63 48.47 26.52
CA ARG B 48 24.10 49.66 27.22
C ARG B 48 25.53 49.50 27.75
N SER B 49 25.93 48.28 28.09
CA SER B 49 27.21 48.07 28.76
C SER B 49 28.33 47.63 27.83
N ALA B 50 28.01 47.17 26.62
CA ALA B 50 29.02 46.61 25.73
C ALA B 50 29.20 47.50 24.50
N ARG B 51 30.40 47.42 23.92
CA ARG B 51 30.68 48.21 22.73
C ARG B 51 29.78 47.80 21.57
N SER B 52 29.60 46.49 21.36
CA SER B 52 28.75 45.98 20.31
C SER B 52 28.07 44.69 20.78
N VAL B 53 26.82 44.52 20.37
CA VAL B 53 26.06 43.31 20.66
C VAL B 53 25.71 42.67 19.32
N ILE B 54 26.34 41.54 19.02
CA ILE B 54 26.18 40.85 17.74
C ILE B 54 25.21 39.69 17.94
N LEU B 55 24.15 39.66 17.15
CA LEU B 55 23.24 38.52 17.09
C LEU B 55 23.63 37.65 15.89
N ILE B 56 23.82 36.36 16.13
CA ILE B 56 24.16 35.40 15.08
C ILE B 56 22.96 34.47 14.91
N PHE B 57 22.38 34.47 13.72
CA PHE B 57 21.10 33.81 13.48
C PHE B 57 21.28 32.41 12.90
N SER B 58 20.44 31.49 13.36
CA SER B 58 20.44 30.12 12.85
C SER B 58 19.03 29.56 12.94
N VAL B 59 18.45 29.27 11.78
CA VAL B 59 17.13 28.63 11.73
C VAL B 59 17.28 27.17 12.09
N ARG B 60 16.54 26.71 13.10
CA ARG B 60 16.60 25.32 13.50
C ARG B 60 16.22 24.41 12.34
N GLU B 61 17.05 23.39 12.11
CA GLU B 61 16.92 22.36 11.08
C GLU B 61 17.58 22.78 9.77
N SER B 62 18.05 24.02 9.65
CA SER B 62 18.59 24.48 8.37
C SER B 62 20.03 24.07 8.14
N GLY B 63 20.74 23.69 9.20
CA GLY B 63 22.15 23.35 9.05
C GLY B 63 23.06 24.52 8.76
N LYS B 64 22.61 25.76 9.01
CA LYS B 64 23.41 26.92 8.66
C LYS B 64 23.13 28.07 9.64
N PHE B 65 24.04 29.03 9.63
CA PHE B 65 23.77 30.38 10.11
C PHE B 65 23.34 31.22 8.92
N GLN B 66 22.40 32.13 9.14
CA GLN B 66 21.87 32.98 8.08
C GLN B 66 22.49 34.36 8.04
N GLY B 67 23.46 34.65 8.91
CA GLY B 67 24.11 35.93 8.97
C GLY B 67 24.17 36.45 10.39
N PHE B 68 24.69 37.67 10.53
CA PHE B 68 24.75 38.28 11.85
C PHE B 68 24.63 39.78 11.73
N ALA B 69 24.01 40.38 12.75
CA ALA B 69 23.74 41.81 12.80
C ALA B 69 24.21 42.38 14.12
N ARG B 70 24.28 43.71 14.17
CA ARG B 70 24.65 44.46 15.36
C ARG B 70 23.41 45.19 15.87
N LEU B 71 23.17 45.12 17.18
CA LEU B 71 22.08 45.90 17.76
C LEU B 71 22.36 47.39 17.61
N SER B 72 21.41 48.11 17.02
CA SER B 72 21.58 49.54 16.80
C SER B 72 20.93 50.41 17.88
N SER B 73 19.97 49.87 18.63
CA SER B 73 19.29 50.64 19.65
C SER B 73 18.73 49.68 20.69
N GLU B 74 18.36 50.24 21.85
CA GLU B 74 17.53 49.50 22.77
C GLU B 74 16.17 49.25 22.13
N SER B 75 15.41 48.32 22.70
CA SER B 75 14.09 48.04 22.16
C SER B 75 13.18 49.25 22.37
N HIS B 76 12.22 49.41 21.46
CA HIS B 76 11.25 50.49 21.54
C HIS B 76 9.88 49.96 21.16
N HIS B 77 8.85 50.61 21.68
CA HIS B 77 7.48 50.31 21.31
C HIS B 77 6.95 51.35 20.32
N GLY B 78 5.83 51.02 19.70
CA GLY B 78 5.17 51.96 18.82
C GLY B 78 5.66 51.98 17.39
N GLY B 79 6.41 50.97 16.96
CA GLY B 79 6.84 50.88 15.58
C GLY B 79 5.78 50.23 14.70
N SER B 80 6.07 50.19 13.41
CA SER B 80 5.16 49.56 12.48
C SER B 80 5.01 48.07 12.82
N PRO B 81 3.79 47.54 12.81
CA PRO B 81 3.59 46.13 13.15
C PRO B 81 4.41 45.22 12.24
N ILE B 82 4.89 44.12 12.81
CA ILE B 82 5.63 43.09 12.09
C ILE B 82 4.91 41.76 12.28
N HIS B 83 4.67 41.06 11.17
CA HIS B 83 3.92 39.81 11.22
C HIS B 83 4.86 38.63 11.51
N TRP B 84 5.44 38.66 12.71
CA TRP B 84 6.26 37.54 13.15
C TRP B 84 5.40 36.28 13.17
N VAL B 85 6.04 35.15 12.91
CA VAL B 85 5.43 33.84 13.13
C VAL B 85 6.02 33.30 14.43
N LEU B 86 5.19 33.27 15.46
CA LEU B 86 5.57 33.00 16.84
C LEU B 86 5.30 31.54 17.19
N PRO B 87 5.97 31.02 18.22
CA PRO B 87 5.68 29.66 18.67
C PRO B 87 4.19 29.46 18.88
N ALA B 88 3.76 28.21 18.74
CA ALA B 88 2.36 27.88 18.94
C ALA B 88 1.91 28.24 20.35
N GLY B 89 0.81 28.98 20.44
CA GLY B 89 0.27 29.43 21.70
C GLY B 89 0.73 30.80 22.14
N MET B 90 1.85 31.29 21.61
CA MET B 90 2.39 32.59 21.95
C MET B 90 1.78 33.65 21.02
N SER B 91 1.29 34.74 21.59
CA SER B 91 0.68 35.80 20.83
C SER B 91 1.55 37.05 20.85
N ALA B 92 1.27 37.98 19.92
CA ALA B 92 2.06 39.20 19.81
C ALA B 92 1.98 40.03 21.09
N LYS B 93 0.91 39.88 21.87
CA LYS B 93 0.78 40.65 23.11
C LYS B 93 1.85 40.27 24.13
N MET B 94 2.43 39.08 24.02
CA MET B 94 3.45 38.64 24.96
C MET B 94 4.82 39.20 24.64
N LEU B 95 5.02 39.74 23.44
CA LEU B 95 6.32 40.25 23.03
C LEU B 95 6.66 41.53 23.78
N GLY B 96 7.96 41.80 23.88
CA GLY B 96 8.45 43.11 24.25
C GLY B 96 8.49 44.01 23.03
N GLY B 97 9.38 45.00 23.07
CA GLY B 97 9.51 45.95 21.99
C GLY B 97 10.28 45.40 20.81
N VAL B 98 10.70 46.32 19.95
CA VAL B 98 11.42 46.00 18.72
C VAL B 98 12.81 46.63 18.79
N PHE B 99 13.82 45.86 18.40
CA PHE B 99 15.18 46.36 18.26
C PHE B 99 15.46 46.70 16.82
N LYS B 100 16.11 47.85 16.60
CA LYS B 100 16.68 48.14 15.30
C LYS B 100 18.04 47.46 15.21
N ILE B 101 18.25 46.68 14.15
CA ILE B 101 19.50 45.95 13.95
C ILE B 101 20.07 46.34 12.59
N ASP B 102 21.39 46.51 12.54
CA ASP B 102 22.11 46.76 11.30
C ASP B 102 22.80 45.47 10.90
N TRP B 103 22.44 44.94 9.73
CA TRP B 103 23.03 43.69 9.28
C TRP B 103 24.49 43.90 8.88
N ILE B 104 25.33 42.93 9.26
CA ILE B 104 26.75 42.99 8.93
C ILE B 104 27.04 41.96 7.85
N CYS B 105 26.21 40.93 7.78
CA CYS B 105 26.37 39.88 6.79
C CYS B 105 25.06 39.12 6.68
N ARG B 106 24.41 39.18 5.51
CA ARG B 106 23.20 38.43 5.25
C ARG B 106 23.46 37.14 4.49
N ARG B 107 24.72 36.85 4.16
CA ARG B 107 25.06 35.61 3.49
C ARG B 107 25.21 34.47 4.49
N GLU B 108 24.94 33.25 4.01
CA GLU B 108 24.85 32.09 4.87
C GLU B 108 26.24 31.49 5.15
N LEU B 109 26.29 30.65 6.17
CA LEU B 109 27.46 29.85 6.51
C LEU B 109 27.00 28.50 7.04
N PRO B 110 27.34 27.40 6.37
CA PRO B 110 26.90 26.09 6.84
C PRO B 110 27.66 25.66 8.09
N PHE B 111 27.00 24.79 8.87
CA PHE B 111 27.63 24.27 10.08
C PHE B 111 28.97 23.61 9.78
N THR B 112 29.12 23.04 8.58
CA THR B 112 30.33 22.30 8.25
C THR B 112 31.58 23.18 8.36
N LYS B 113 31.48 24.44 7.92
CA LYS B 113 32.64 25.32 7.92
C LYS B 113 32.97 25.88 9.30
N SER B 114 32.15 25.62 10.31
CA SER B 114 32.44 26.05 11.68
C SER B 114 32.52 24.86 12.64
N ALA B 115 32.77 23.66 12.11
CA ALA B 115 32.84 22.47 12.94
C ALA B 115 34.02 22.46 13.88
N HIS B 116 35.05 23.26 13.60
CA HIS B 116 36.23 23.29 14.44
C HIS B 116 36.15 24.30 15.58
N LEU B 117 35.21 25.26 15.49
CA LEU B 117 35.06 26.28 16.52
C LEU B 117 34.20 25.76 17.66
N THR B 118 34.76 25.70 18.86
CA THR B 118 34.03 25.29 20.05
C THR B 118 33.85 26.47 20.98
N ASN B 119 32.68 26.54 21.64
CA ASN B 119 32.33 27.68 22.48
C ASN B 119 32.70 27.39 23.92
N PRO B 120 33.76 27.98 24.47
CA PRO B 120 34.13 27.68 25.86
C PRO B 120 33.03 28.01 26.86
N TRP B 121 32.10 28.90 26.52
CA TRP B 121 31.04 29.29 27.43
C TRP B 121 29.82 28.37 27.34
N ASN B 122 29.91 27.29 26.56
CA ASN B 122 28.89 26.25 26.53
C ASN B 122 29.59 24.88 26.49
N GLU B 123 30.38 24.62 27.53
CA GLU B 123 31.01 23.31 27.74
C GLU B 123 31.85 22.88 26.54
N HIS B 124 32.42 23.85 25.83
CA HIS B 124 33.33 23.58 24.72
C HIS B 124 32.67 22.77 23.60
N LYS B 125 31.35 22.82 23.51
CA LYS B 125 30.66 22.21 22.38
C LYS B 125 30.82 23.08 21.14
N PRO B 126 30.69 22.47 19.95
CA PRO B 126 30.79 23.25 18.72
C PRO B 126 29.84 24.44 18.75
N VAL B 127 30.32 25.58 18.24
CA VAL B 127 29.61 26.85 18.38
C VAL B 127 28.20 26.75 17.80
N LYS B 128 28.00 25.81 16.88
CA LYS B 128 26.67 25.61 16.31
C LYS B 128 25.66 25.20 17.36
N ILE B 129 26.12 24.54 18.43
CA ILE B 129 25.25 23.93 19.42
C ILE B 129 24.98 24.92 20.55
N GLY B 130 23.72 25.06 20.93
CA GLY B 130 23.37 25.93 22.03
C GLY B 130 21.90 26.30 22.06
N ARG B 131 21.40 26.61 23.25
CA ARG B 131 20.02 27.07 23.39
C ARG B 131 19.85 28.43 22.75
N ASP B 132 18.58 28.80 22.54
CA ASP B 132 18.27 30.16 22.11
C ASP B 132 18.82 31.15 23.11
N GLY B 133 19.63 32.09 22.63
CA GLY B 133 20.23 33.09 23.48
C GLY B 133 21.61 32.77 24.00
N GLN B 134 22.14 31.57 23.73
CA GLN B 134 23.44 31.19 24.25
C GLN B 134 24.49 32.23 23.88
N GLU B 135 25.22 32.72 24.87
CA GLU B 135 26.29 33.67 24.61
C GLU B 135 27.55 32.93 24.13
N ILE B 136 28.27 33.58 23.22
CA ILE B 136 29.46 33.01 22.60
C ILE B 136 30.68 33.77 23.11
N GLU B 137 31.71 33.03 23.49
CA GLU B 137 32.91 33.66 24.03
C GLU B 137 33.51 34.60 22.98
N LEU B 138 34.08 35.71 23.47
CA LEU B 138 34.55 36.79 22.61
C LEU B 138 35.33 36.29 21.40
N GLU B 139 36.42 35.56 21.65
CA GLU B 139 37.27 35.12 20.54
C GLU B 139 36.57 34.09 19.67
N CYS B 140 35.81 33.16 20.28
CA CYS B 140 35.10 32.18 19.49
C CYS B 140 34.07 32.84 18.57
N GLY B 141 33.31 33.81 19.09
CA GLY B 141 32.35 34.50 18.27
C GLY B 141 32.99 35.37 17.21
N THR B 142 34.13 35.98 17.53
CA THR B 142 34.87 36.75 16.54
C THR B 142 35.34 35.85 15.40
N GLN B 143 35.88 34.67 15.73
CA GLN B 143 36.33 33.75 14.70
C GLN B 143 35.16 33.20 13.90
N LEU B 144 34.02 32.95 14.55
CA LEU B 144 32.85 32.49 13.82
C LEU B 144 32.44 33.51 12.76
N CYS B 145 32.45 34.80 13.11
CA CYS B 145 32.05 35.82 12.16
C CYS B 145 33.06 35.95 11.02
N LEU B 146 34.34 35.73 11.30
CA LEU B 146 35.36 35.82 10.26
C LEU B 146 35.27 34.68 9.26
N LEU B 147 34.52 33.61 9.57
CA LEU B 147 34.35 32.50 8.65
C LEU B 147 33.36 32.81 7.53
N PHE B 148 32.46 33.77 7.74
CA PHE B 148 31.48 34.12 6.72
C PHE B 148 32.17 34.73 5.50
N PRO B 149 31.59 34.58 4.32
CA PRO B 149 32.07 35.33 3.16
C PRO B 149 31.72 36.80 3.30
N PRO B 150 32.48 37.69 2.65
CA PRO B 150 32.10 39.11 2.65
C PRO B 150 30.79 39.31 1.92
N ASP B 151 29.96 40.20 2.47
CA ASP B 151 28.66 40.55 1.89
C ASP B 151 28.80 41.94 1.26
N GLU B 152 28.95 41.97 -0.06
CA GLU B 152 29.19 43.23 -0.75
C GLU B 152 27.97 44.13 -0.81
N SER B 153 26.78 43.61 -0.50
CA SER B 153 25.58 44.45 -0.44
C SER B 153 25.47 45.24 0.85
N ILE B 154 26.47 45.15 1.73
CA ILE B 154 26.48 45.84 3.02
C ILE B 154 27.57 46.89 2.99
N ASP B 155 27.26 48.09 3.51
CA ASP B 155 28.23 49.15 3.68
C ASP B 155 28.72 49.11 5.13
N LEU B 156 29.85 48.43 5.35
CA LEU B 156 30.38 48.31 6.70
C LEU B 156 30.78 49.67 7.28
N TYR B 157 31.20 50.60 6.41
CA TYR B 157 31.51 51.94 6.90
C TYR B 157 30.28 52.60 7.52
N GLN B 158 29.12 52.43 6.88
CA GLN B 158 27.89 53.01 7.43
C GLN B 158 27.55 52.39 8.78
N VAL B 159 27.80 51.10 8.96
CA VAL B 159 27.52 50.46 10.23
C VAL B 159 28.44 51.03 11.32
N ILE B 160 29.70 51.27 10.97
CA ILE B 160 30.63 51.86 11.93
C ILE B 160 30.13 53.23 12.37
N HIS B 161 29.63 54.03 11.43
CA HIS B 161 29.19 55.38 11.74
C HIS B 161 27.99 55.39 12.69
N LYS B 162 27.20 54.32 12.70
CA LYS B 162 26.03 54.26 13.55
C LYS B 162 26.32 53.80 14.97
N MET B 163 27.53 53.31 15.24
CA MET B 163 27.93 52.89 16.58
C MET B 163 28.00 54.08 17.54
N SER C 2 -1.55 -5.70 17.88
CA SER C 2 -2.98 -5.57 18.10
C SER C 2 -3.27 -4.72 19.32
N LYS C 3 -2.67 -5.07 20.46
CA LYS C 3 -2.77 -4.22 21.65
C LYS C 3 -2.36 -2.80 21.31
N LEU C 4 -1.33 -2.63 20.49
CA LEU C 4 -0.92 -1.29 20.07
C LEU C 4 -1.97 -0.66 19.17
N LYS C 5 -2.35 -1.36 18.10
CA LYS C 5 -3.35 -0.82 17.18
C LYS C 5 -4.63 -0.42 17.90
N TYR C 6 -5.01 -1.16 18.95
CA TYR C 6 -6.21 -0.82 19.71
C TYR C 6 -6.05 0.51 20.43
N VAL C 7 -4.86 0.78 20.95
CA VAL C 7 -4.61 2.05 21.63
C VAL C 7 -4.65 3.21 20.64
N LEU C 8 -4.21 2.98 19.41
CA LEU C 8 -4.22 4.01 18.37
C LEU C 8 -5.58 4.16 17.70
N GLN C 9 -6.54 3.30 18.01
CA GLN C 9 -7.85 3.39 17.38
C GLN C 9 -8.49 4.74 17.66
N ASP C 10 -8.88 5.44 16.59
CA ASP C 10 -9.61 6.70 16.69
C ASP C 10 -8.86 7.71 17.55
N ALA C 11 -7.54 7.76 17.39
CA ALA C 11 -6.70 8.65 18.16
C ALA C 11 -6.50 9.99 17.46
N ARG C 12 -6.35 11.03 18.26
CA ARG C 12 -5.82 12.30 17.78
C ARG C 12 -4.32 12.32 18.03
N PHE C 13 -3.55 12.77 17.05
CA PHE C 13 -2.10 12.79 17.12
C PHE C 13 -1.59 14.22 17.06
N PHE C 14 -0.69 14.55 17.99
CA PHE C 14 -0.06 15.87 18.05
C PHE C 14 1.45 15.68 17.95
N LEU C 15 2.08 16.45 17.05
CA LEU C 15 3.53 16.46 16.91
C LEU C 15 4.09 17.51 17.86
N ILE C 16 4.82 17.07 18.88
CA ILE C 16 5.34 17.94 19.93
C ILE C 16 6.81 18.20 19.65
N LYS C 17 7.15 19.46 19.36
CA LYS C 17 8.52 19.86 19.08
C LYS C 17 9.12 20.47 20.35
N SER C 18 10.01 19.73 21.00
CA SER C 18 10.72 20.25 22.15
C SER C 18 12.05 20.85 21.72
N ASN C 19 12.44 21.95 22.38
CA ASN C 19 13.70 22.61 22.05
C ASN C 19 14.92 21.94 22.65
N ASN C 20 14.76 21.04 23.61
CA ASN C 20 15.90 20.36 24.20
C ASN C 20 15.51 18.94 24.59
N HIS C 21 16.53 18.14 24.92
CA HIS C 21 16.31 16.76 25.36
C HIS C 21 15.87 16.68 26.82
N GLU C 22 16.27 17.65 27.64
CA GLU C 22 15.97 17.58 29.07
C GLU C 22 14.48 17.43 29.31
N ASN C 23 13.65 18.24 28.64
CA ASN C 23 12.22 18.18 28.85
C ASN C 23 11.66 16.81 28.49
N VAL C 24 12.21 16.18 27.45
CA VAL C 24 11.75 14.85 27.08
C VAL C 24 12.15 13.83 28.14
N SER C 25 13.36 13.97 28.68
CA SER C 25 13.81 13.05 29.73
C SER C 25 13.02 13.25 31.00
N LEU C 26 12.78 14.51 31.39
CA LEU C 26 11.89 14.78 32.50
C LEU C 26 10.54 14.10 32.30
N ALA C 27 9.96 14.26 31.11
CA ALA C 27 8.63 13.73 30.85
C ALA C 27 8.61 12.21 30.87
N LYS C 28 9.69 11.56 30.44
CA LYS C 28 9.74 10.11 30.50
C LYS C 28 9.86 9.61 31.92
N ALA C 29 10.67 10.29 32.75
CA ALA C 29 10.84 9.87 34.13
C ALA C 29 9.57 10.07 34.94
N LYS C 30 9.01 11.28 34.90
CA LYS C 30 7.89 11.66 35.76
C LYS C 30 6.52 11.49 35.11
N GLY C 31 6.46 11.09 33.83
CA GLY C 31 5.20 10.90 33.14
C GLY C 31 4.29 12.12 33.14
N VAL C 32 4.85 13.29 32.79
CA VAL C 32 4.08 14.53 32.79
C VAL C 32 4.50 15.40 31.60
N TRP C 33 3.64 16.38 31.30
CA TRP C 33 3.89 17.32 30.21
C TRP C 33 3.12 18.61 30.51
N SER C 34 3.61 19.72 29.97
CA SER C 34 2.96 21.01 30.19
C SER C 34 3.22 21.90 28.97
N THR C 35 2.51 23.02 28.92
CA THR C 35 2.56 23.87 27.75
C THR C 35 1.68 25.09 28.00
N LEU C 36 1.73 26.03 27.05
CA LEU C 36 1.01 27.29 27.19
C LEU C 36 -0.50 27.06 27.22
N PRO C 37 -1.26 27.97 27.84
CA PRO C 37 -2.71 27.75 27.96
C PRO C 37 -3.41 27.55 26.63
N VAL C 38 -3.09 28.35 25.61
CA VAL C 38 -3.74 28.19 24.31
C VAL C 38 -3.61 26.76 23.81
N ASN C 39 -2.43 26.17 23.96
CA ASN C 39 -2.25 24.78 23.54
C ASN C 39 -2.92 23.82 24.52
N GLU C 40 -2.86 24.14 25.82
CA GLU C 40 -3.55 23.33 26.81
C GLU C 40 -5.01 23.14 26.47
N LYS C 41 -5.65 24.17 25.93
CA LYS C 41 -7.07 24.05 25.58
C LYS C 41 -7.26 23.03 24.45
N LYS C 42 -6.48 23.15 23.37
CA LYS C 42 -6.54 22.15 22.31
C LYS C 42 -6.35 20.74 22.86
N LEU C 43 -5.40 20.56 23.77
CA LEU C 43 -5.15 19.25 24.34
C LEU C 43 -6.34 18.77 25.16
N ASN C 44 -6.93 19.66 25.98
CA ASN C 44 -8.03 19.25 26.84
C ASN C 44 -9.27 18.92 26.02
N LEU C 45 -9.60 19.76 25.02
CA LEU C 45 -10.70 19.43 24.13
C LEU C 45 -10.48 18.09 23.45
N ALA C 46 -9.25 17.85 22.97
CA ALA C 46 -8.97 16.59 22.29
C ALA C 46 -9.15 15.39 23.21
N PHE C 47 -8.75 15.52 24.48
CA PHE C 47 -8.88 14.39 25.39
C PHE C 47 -10.34 14.01 25.59
N ARG C 48 -11.21 15.00 25.77
CA ARG C 48 -12.62 14.70 25.97
C ARG C 48 -13.26 14.14 24.70
N SER C 49 -12.71 14.47 23.53
CA SER C 49 -13.33 14.11 22.27
C SER C 49 -12.87 12.75 21.72
N ALA C 50 -11.61 12.38 21.92
CA ALA C 50 -11.03 11.21 21.30
C ALA C 50 -10.80 10.10 22.31
N ARG C 51 -10.88 8.86 21.85
CA ARG C 51 -10.56 7.73 22.72
C ARG C 51 -9.13 7.81 23.22
N SER C 52 -8.23 8.34 22.40
CA SER C 52 -6.83 8.49 22.79
C SER C 52 -6.26 9.73 22.13
N VAL C 53 -5.44 10.45 22.88
CA VAL C 53 -4.69 11.59 22.38
C VAL C 53 -3.22 11.20 22.49
N ILE C 54 -2.55 11.09 21.34
CA ILE C 54 -1.16 10.65 21.30
C ILE C 54 -0.27 11.86 21.04
N LEU C 55 0.70 12.08 21.92
CA LEU C 55 1.75 13.06 21.71
C LEU C 55 2.99 12.34 21.16
N ILE C 56 3.42 12.75 19.98
CA ILE C 56 4.66 12.25 19.38
C ILE C 56 5.72 13.31 19.59
N PHE C 57 6.82 12.94 20.23
CA PHE C 57 7.85 13.88 20.63
C PHE C 57 9.02 13.84 19.64
N SER C 58 9.48 15.02 19.23
CA SER C 58 10.67 15.15 18.41
C SER C 58 11.47 16.33 18.94
N VAL C 59 12.70 16.08 19.35
CA VAL C 59 13.59 17.14 19.80
C VAL C 59 14.19 17.82 18.57
N ARG C 60 13.96 19.13 18.46
CA ARG C 60 14.44 19.87 17.30
C ARG C 60 15.92 19.59 17.05
N GLU C 61 16.27 19.40 15.78
CA GLU C 61 17.64 19.20 15.32
C GLU C 61 18.20 17.85 15.71
N SER C 62 17.38 16.96 16.27
CA SER C 62 17.83 15.62 16.63
C SER C 62 17.68 14.63 15.48
N GLY C 63 16.93 14.97 14.45
CA GLY C 63 16.70 14.06 13.35
C GLY C 63 15.91 12.83 13.70
N LYS C 64 15.20 12.84 14.83
CA LYS C 64 14.53 11.65 15.32
C LYS C 64 13.25 12.03 16.07
N PHE C 65 12.38 11.04 16.24
CA PHE C 65 11.35 11.05 17.26
C PHE C 65 11.87 10.28 18.47
N GLN C 66 11.62 10.81 19.66
CA GLN C 66 12.09 10.16 20.89
C GLN C 66 11.05 9.23 21.52
N GLY C 67 9.86 9.09 20.92
CA GLY C 67 8.84 8.21 21.44
C GLY C 67 7.48 8.88 21.42
N PHE C 68 6.43 8.15 21.81
CA PHE C 68 5.10 8.74 21.88
C PHE C 68 4.38 8.25 23.14
N ALA C 69 3.35 9.01 23.52
CA ALA C 69 2.66 8.78 24.79
C ALA C 69 1.18 9.14 24.63
N ARG C 70 0.37 8.63 25.55
CA ARG C 70 -1.07 8.89 25.57
C ARG C 70 -1.43 9.73 26.78
N LEU C 71 -2.28 10.73 26.57
CA LEU C 71 -2.80 11.53 27.67
C LEU C 71 -3.71 10.67 28.56
N SER C 72 -3.39 10.60 29.84
CA SER C 72 -4.23 9.85 30.76
C SER C 72 -5.31 10.70 31.42
N SER C 73 -5.31 12.01 31.22
CA SER C 73 -6.33 12.86 31.83
C SER C 73 -6.12 14.29 31.37
N GLU C 74 -7.15 15.11 31.57
CA GLU C 74 -7.02 16.54 31.39
C GLU C 74 -5.97 17.10 32.34
N SER C 75 -5.52 18.32 32.06
CA SER C 75 -4.43 18.90 32.84
C SER C 75 -4.84 19.10 34.29
N HIS C 76 -3.84 19.01 35.18
CA HIS C 76 -4.01 19.22 36.61
C HIS C 76 -3.48 20.59 37.01
N HIS C 77 -3.83 21.01 38.22
CA HIS C 77 -3.48 22.35 38.68
C HIS C 77 -3.04 22.29 40.13
N GLY C 78 -2.21 23.27 40.51
CA GLY C 78 -1.72 23.41 41.87
C GLY C 78 -0.82 22.29 42.35
N GLY C 79 -0.13 21.59 41.44
CA GLY C 79 0.58 20.38 41.85
C GLY C 79 2.08 20.37 41.66
N SER C 80 2.82 20.75 42.72
CA SER C 80 4.27 20.57 42.85
C SER C 80 5.03 20.91 41.58
N PRO C 81 5.82 21.99 41.59
CA PRO C 81 6.49 22.43 40.35
C PRO C 81 7.34 21.33 39.73
N ILE C 82 7.43 21.38 38.41
CA ILE C 82 8.28 20.51 37.61
C ILE C 82 9.40 21.36 37.03
N HIS C 83 10.63 20.88 37.14
CA HIS C 83 11.81 21.68 36.78
C HIS C 83 12.09 21.62 35.28
N TRP C 84 11.08 21.97 34.49
CA TRP C 84 11.31 22.12 33.07
C TRP C 84 12.41 23.15 32.84
N VAL C 85 13.13 22.97 31.73
CA VAL C 85 13.98 24.03 31.20
C VAL C 85 13.20 24.64 30.04
N LEU C 86 12.50 25.74 30.33
CA LEU C 86 11.63 26.35 29.35
C LEU C 86 12.43 27.07 28.29
N PRO C 87 11.83 27.28 27.11
CA PRO C 87 12.47 28.16 26.12
C PRO C 87 12.88 29.48 26.76
N ALA C 88 13.99 30.02 26.26
CA ALA C 88 14.56 31.23 26.85
C ALA C 88 13.51 32.33 26.96
N GLY C 89 13.40 32.91 28.16
CA GLY C 89 12.49 34.00 28.41
C GLY C 89 11.13 33.60 28.94
N MET C 90 10.76 32.34 28.82
CA MET C 90 9.47 31.86 29.30
C MET C 90 9.57 31.50 30.77
N SER C 91 8.48 31.69 31.49
CA SER C 91 8.41 31.43 32.91
C SER C 91 7.31 30.43 33.22
N ALA C 92 7.50 29.65 34.30
CA ALA C 92 6.49 28.71 34.73
C ALA C 92 5.14 29.38 34.90
N LYS C 93 5.12 30.69 35.19
CA LYS C 93 3.87 31.40 35.38
C LYS C 93 3.06 31.51 34.09
N MET C 94 3.73 31.50 32.93
CA MET C 94 3.04 31.57 31.65
C MET C 94 2.36 30.27 31.27
N LEU C 95 2.66 29.18 31.95
CA LEU C 95 2.15 27.86 31.60
C LEU C 95 0.69 27.70 32.02
N GLY C 96 0.04 26.72 31.40
CA GLY C 96 -1.20 26.17 31.93
C GLY C 96 -0.89 25.11 32.95
N GLY C 97 -1.81 24.15 33.08
CA GLY C 97 -1.64 23.07 34.03
C GLY C 97 -0.64 22.02 33.56
N VAL C 98 -0.75 20.84 34.14
CA VAL C 98 0.13 19.71 33.85
C VAL C 98 -0.71 18.53 33.38
N PHE C 99 -0.22 17.85 32.34
CA PHE C 99 -0.88 16.66 31.82
C PHE C 99 -0.17 15.41 32.33
N LYS C 100 -0.95 14.47 32.86
CA LYS C 100 -0.45 13.14 33.10
C LYS C 100 -0.46 12.36 31.79
N ILE C 101 0.64 11.68 31.49
CA ILE C 101 0.76 10.91 30.26
C ILE C 101 1.37 9.55 30.56
N ASP C 102 0.85 8.52 29.91
CA ASP C 102 1.44 7.20 29.94
C ASP C 102 2.20 6.96 28.64
N TRP C 103 3.47 6.61 28.77
CA TRP C 103 4.27 6.34 27.59
C TRP C 103 3.86 5.04 26.92
N ILE C 104 3.77 5.06 25.60
CA ILE C 104 3.42 3.89 24.81
C ILE C 104 4.70 3.29 24.26
N CYS C 105 5.66 4.15 23.94
CA CYS C 105 6.96 3.74 23.43
C CYS C 105 7.97 4.81 23.78
N ARG C 106 9.09 4.40 24.38
CA ARG C 106 10.15 5.32 24.77
C ARG C 106 11.38 5.18 23.89
N ARG C 107 11.34 4.34 22.87
CA ARG C 107 12.45 4.16 21.96
C ARG C 107 12.36 5.15 20.80
N GLU C 108 13.50 5.46 20.22
CA GLU C 108 13.58 6.49 19.20
C GLU C 108 13.26 5.94 17.82
N LEU C 109 12.91 6.85 16.92
CA LEU C 109 12.73 6.57 15.50
C LEU C 109 13.39 7.68 14.69
N PRO C 110 14.38 7.36 13.87
CA PRO C 110 15.00 8.40 13.04
C PRO C 110 14.10 8.81 11.89
N PHE C 111 14.25 10.08 11.48
CA PHE C 111 13.46 10.59 10.37
C PHE C 111 13.63 9.75 9.10
N THR C 112 14.79 9.11 8.94
CA THR C 112 15.04 8.32 7.74
C THR C 112 14.00 7.22 7.56
N LYS C 113 13.51 6.63 8.66
CA LYS C 113 12.58 5.52 8.57
C LYS C 113 11.13 5.94 8.38
N SER C 114 10.82 7.23 8.54
CA SER C 114 9.48 7.74 8.30
C SER C 114 9.41 8.65 7.08
N ALA C 115 10.43 8.63 6.23
CA ALA C 115 10.49 9.55 5.09
C ALA C 115 9.40 9.29 4.06
N HIS C 116 8.83 8.07 4.04
CA HIS C 116 7.80 7.77 3.07
C HIS C 116 6.42 8.26 3.49
N LEU C 117 6.23 8.62 4.75
CA LEU C 117 4.94 9.06 5.24
C LEU C 117 4.76 10.56 4.99
N THR C 118 3.61 10.91 4.44
CA THR C 118 3.22 12.29 4.25
C THR C 118 2.00 12.59 5.11
N ASN C 119 1.99 13.75 5.76
CA ASN C 119 0.90 14.14 6.63
C ASN C 119 -0.15 14.86 5.81
N PRO C 120 -1.34 14.27 5.59
CA PRO C 120 -2.36 14.97 4.80
C PRO C 120 -2.79 16.29 5.42
N TRP C 121 -2.68 16.44 6.73
CA TRP C 121 -3.11 17.67 7.40
C TRP C 121 -2.04 18.75 7.38
N ASN C 122 -0.89 18.49 6.78
CA ASN C 122 0.16 19.48 6.59
C ASN C 122 0.63 19.49 5.14
N GLU C 123 -0.32 19.58 4.21
CA GLU C 123 -0.01 19.74 2.79
C GLU C 123 0.84 18.58 2.26
N HIS C 124 0.71 17.41 2.88
CA HIS C 124 1.42 16.19 2.47
C HIS C 124 2.92 16.33 2.53
N LYS C 125 3.43 17.23 3.38
CA LYS C 125 4.84 17.26 3.67
C LYS C 125 5.21 16.03 4.51
N PRO C 126 6.48 15.64 4.49
CA PRO C 126 6.90 14.50 5.32
C PRO C 126 6.52 14.74 6.78
N VAL C 127 6.03 13.67 7.43
CA VAL C 127 5.42 13.80 8.75
C VAL C 127 6.38 14.40 9.75
N LYS C 128 7.68 14.28 9.50
CA LYS C 128 8.68 14.88 10.39
C LYS C 128 8.60 16.41 10.40
N ILE C 129 8.01 17.01 9.37
CA ILE C 129 7.96 18.46 9.24
C ILE C 129 6.68 18.98 9.86
N GLY C 130 6.75 20.15 10.47
CA GLY C 130 5.58 20.78 11.03
C GLY C 130 5.93 21.68 12.21
N ARG C 131 5.09 22.68 12.43
CA ARG C 131 5.21 23.51 13.61
C ARG C 131 4.91 22.70 14.87
N ASP C 132 5.40 23.18 16.00
CA ASP C 132 5.04 22.56 17.27
C ASP C 132 3.52 22.47 17.39
N GLY C 133 3.04 21.29 17.78
CA GLY C 133 1.62 21.06 17.91
C GLY C 133 0.89 20.69 16.63
N GLN C 134 1.59 20.57 15.50
CA GLN C 134 0.95 20.16 14.27
C GLN C 134 0.25 18.83 14.46
N GLU C 135 -1.02 18.76 14.08
CA GLU C 135 -1.76 17.51 14.17
C GLU C 135 -1.47 16.63 12.97
N ILE C 136 -1.52 15.32 13.20
CA ILE C 136 -1.25 14.32 12.17
C ILE C 136 -2.54 13.56 11.89
N GLU C 137 -2.90 13.46 10.61
CA GLU C 137 -4.10 12.75 10.21
C GLU C 137 -4.09 11.33 10.76
N LEU C 138 -5.28 10.81 11.05
CA LEU C 138 -5.43 9.57 11.82
C LEU C 138 -4.60 8.43 11.22
N GLU C 139 -4.83 8.13 9.94
CA GLU C 139 -4.13 7.00 9.33
C GLU C 139 -2.62 7.22 9.31
N CYS C 140 -2.19 8.44 8.94
CA CYS C 140 -0.76 8.73 8.85
C CYS C 140 -0.08 8.57 10.21
N GLY C 141 -0.66 9.16 11.25
CA GLY C 141 -0.07 9.06 12.57
C GLY C 141 -0.11 7.65 13.14
N THR C 142 -1.09 6.85 12.72
CA THR C 142 -1.10 5.45 13.15
C THR C 142 0.04 4.67 12.50
N GLN C 143 0.28 4.91 11.21
CA GLN C 143 1.39 4.24 10.55
C GLN C 143 2.73 4.69 11.11
N LEU C 144 2.85 5.97 11.49
CA LEU C 144 4.10 6.45 12.06
C LEU C 144 4.39 5.78 13.40
N CYS C 145 3.37 5.64 14.25
CA CYS C 145 3.59 4.99 15.53
C CYS C 145 4.04 3.54 15.34
N LEU C 146 3.38 2.83 14.43
CA LEU C 146 3.76 1.44 14.16
C LEU C 146 5.18 1.30 13.65
N LEU C 147 5.80 2.39 13.21
CA LEU C 147 7.19 2.33 12.77
C LEU C 147 8.15 2.20 13.95
N PHE C 148 7.78 2.72 15.11
CA PHE C 148 8.65 2.66 16.27
C PHE C 148 8.94 1.19 16.63
N PRO C 149 10.14 0.92 17.14
CA PRO C 149 10.42 -0.43 17.65
C PRO C 149 9.54 -0.76 18.84
N PRO C 150 9.06 -1.99 18.93
CA PRO C 150 8.27 -2.38 20.11
C PRO C 150 9.06 -2.14 21.40
N ASP C 151 8.39 -1.53 22.37
CA ASP C 151 8.98 -1.22 23.68
C ASP C 151 8.37 -2.18 24.70
N GLU C 152 9.05 -3.32 24.89
CA GLU C 152 8.52 -4.37 25.77
C GLU C 152 8.51 -3.97 27.25
N SER C 153 9.15 -2.86 27.61
CA SER C 153 9.17 -2.43 29.01
C SER C 153 7.89 -1.74 29.44
N ILE C 154 6.87 -1.70 28.59
CA ILE C 154 5.66 -0.92 28.82
C ILE C 154 4.47 -1.88 28.97
N ASP C 155 3.70 -1.69 30.04
CA ASP C 155 2.51 -2.48 30.30
C ASP C 155 1.33 -1.80 29.63
N LEU C 156 0.92 -2.30 28.46
CA LEU C 156 -0.18 -1.67 27.74
C LEU C 156 -1.52 -1.84 28.43
N TYR C 157 -1.69 -2.87 29.26
CA TYR C 157 -2.97 -3.09 29.89
C TYR C 157 -3.33 -1.95 30.83
N GLN C 158 -2.34 -1.43 31.57
CA GLN C 158 -2.59 -0.28 32.43
C GLN C 158 -3.12 0.91 31.65
N VAL C 159 -2.73 1.03 30.38
CA VAL C 159 -3.20 2.13 29.55
C VAL C 159 -4.60 1.84 29.01
N ILE C 160 -4.86 0.59 28.62
CA ILE C 160 -6.19 0.24 28.13
C ILE C 160 -7.24 0.52 29.19
N HIS C 161 -6.92 0.26 30.47
CA HIS C 161 -7.91 0.42 31.53
C HIS C 161 -8.33 1.88 31.73
N LYS C 162 -7.50 2.84 31.31
CA LYS C 162 -7.83 4.25 31.47
C LYS C 162 -8.82 4.76 30.44
N MET C 163 -9.21 3.93 29.46
CA MET C 163 -10.14 4.36 28.43
C MET C 163 -11.58 4.09 28.85
N SER D 2 2.01 -56.58 -0.32
CA SER D 2 0.61 -56.21 -0.19
C SER D 2 0.32 -55.52 1.14
N LYS D 3 1.08 -55.87 2.18
CA LYS D 3 1.02 -55.12 3.43
C LYS D 3 1.26 -53.63 3.17
N LEU D 4 2.33 -53.33 2.43
CA LEU D 4 2.62 -51.94 2.07
C LEU D 4 1.49 -51.35 1.23
N LYS D 5 1.05 -52.07 0.20
CA LYS D 5 -0.04 -51.57 -0.63
C LYS D 5 -1.30 -51.32 0.19
N TYR D 6 -1.57 -52.17 1.18
CA TYR D 6 -2.77 -52.00 1.99
C TYR D 6 -2.72 -50.70 2.79
N VAL D 7 -1.56 -50.39 3.38
CA VAL D 7 -1.44 -49.14 4.12
C VAL D 7 -1.63 -47.94 3.19
N LEU D 8 -1.23 -48.06 1.93
CA LEU D 8 -1.28 -46.96 0.98
C LEU D 8 -2.61 -46.81 0.27
N GLN D 9 -3.58 -47.69 0.53
CA GLN D 9 -4.84 -47.66 -0.19
C GLN D 9 -5.54 -46.31 -0.01
N ASP D 10 -5.86 -45.67 -1.13
CA ASP D 10 -6.64 -44.42 -1.13
C ASP D 10 -6.02 -43.37 -0.22
N ALA D 11 -4.71 -43.41 -0.06
CA ALA D 11 -4.03 -42.45 0.79
C ALA D 11 -3.84 -41.13 0.06
N ARG D 12 -3.68 -40.07 0.83
CA ARG D 12 -3.22 -38.80 0.31
C ARG D 12 -1.74 -38.64 0.63
N PHE D 13 -1.00 -38.08 -0.31
CA PHE D 13 0.45 -37.96 -0.22
C PHE D 13 0.85 -36.49 -0.21
N PHE D 14 1.75 -36.13 0.70
CA PHE D 14 2.30 -34.79 0.77
C PHE D 14 3.81 -34.86 0.70
N LEU D 15 4.40 -34.04 -0.16
CA LEU D 15 5.84 -33.95 -0.30
C LEU D 15 6.37 -32.93 0.72
N ILE D 16 7.18 -33.39 1.66
CA ILE D 16 7.67 -32.56 2.75
C ILE D 16 9.13 -32.23 2.47
N LYS D 17 9.39 -30.96 2.16
CA LYS D 17 10.74 -30.49 1.87
C LYS D 17 11.33 -29.91 3.16
N SER D 18 12.22 -30.68 3.80
CA SER D 18 12.90 -30.25 5.00
C SER D 18 14.20 -29.53 4.64
N ASN D 19 14.52 -28.48 5.41
CA ASN D 19 15.68 -27.66 5.12
C ASN D 19 16.99 -28.24 5.67
N ASN D 20 16.93 -29.28 6.48
CA ASN D 20 18.15 -29.91 6.99
C ASN D 20 17.85 -31.37 7.32
N HIS D 21 18.92 -32.14 7.56
CA HIS D 21 18.77 -33.55 7.92
C HIS D 21 18.40 -33.74 9.38
N GLU D 22 18.73 -32.77 10.24
CA GLU D 22 18.49 -32.94 11.67
C GLU D 22 17.00 -33.12 11.95
N ASN D 23 16.16 -32.28 11.35
CA ASN D 23 14.73 -32.39 11.58
C ASN D 23 14.21 -33.76 11.21
N VAL D 24 14.74 -34.34 10.13
CA VAL D 24 14.32 -35.68 9.73
C VAL D 24 14.81 -36.71 10.74
N SER D 25 16.03 -36.53 11.25
CA SER D 25 16.53 -37.44 12.28
C SER D 25 15.70 -37.32 13.55
N LEU D 26 15.36 -36.09 13.95
CA LEU D 26 14.48 -35.92 15.10
C LEU D 26 13.15 -36.66 14.90
N ALA D 27 12.62 -36.63 13.67
CA ALA D 27 11.34 -37.28 13.42
C ALA D 27 11.47 -38.80 13.41
N LYS D 28 12.55 -39.32 12.82
CA LYS D 28 12.76 -40.77 12.85
C LYS D 28 12.94 -41.27 14.28
N ALA D 29 13.67 -40.52 15.11
CA ALA D 29 13.96 -40.97 16.46
C ALA D 29 12.71 -40.93 17.34
N LYS D 30 12.01 -39.81 17.35
CA LYS D 30 10.88 -39.60 18.25
C LYS D 30 9.52 -39.85 17.61
N GLY D 31 9.47 -40.09 16.30
CA GLY D 31 8.21 -40.31 15.61
C GLY D 31 7.22 -39.18 15.73
N VAL D 32 7.66 -37.95 15.45
CA VAL D 32 6.82 -36.76 15.53
C VAL D 32 7.20 -35.80 14.42
N TRP D 33 6.34 -34.81 14.20
CA TRP D 33 6.57 -33.79 13.18
C TRP D 33 5.77 -32.55 13.56
N SER D 34 6.16 -31.41 12.98
CA SER D 34 5.45 -30.16 13.23
C SER D 34 5.71 -29.20 12.08
N THR D 35 4.97 -28.09 12.07
CA THR D 35 5.04 -27.13 10.97
C THR D 35 4.23 -25.89 11.35
N LEU D 36 4.22 -24.91 10.45
CA LEU D 36 3.48 -23.67 10.66
C LEU D 36 1.98 -23.97 10.74
N PRO D 37 1.21 -23.08 11.38
CA PRO D 37 -0.21 -23.38 11.62
C PRO D 37 -1.02 -23.57 10.34
N VAL D 38 -0.84 -22.71 9.34
CA VAL D 38 -1.60 -22.85 8.10
C VAL D 38 -1.42 -24.25 7.52
N ASN D 39 -0.18 -24.75 7.51
CA ASN D 39 0.04 -26.11 7.02
C ASN D 39 -0.58 -27.14 7.95
N GLU D 40 -0.50 -26.90 9.26
CA GLU D 40 -1.12 -27.80 10.23
C GLU D 40 -2.61 -28.00 9.94
N LYS D 41 -3.30 -26.93 9.54
CA LYS D 41 -4.72 -27.03 9.22
C LYS D 41 -4.94 -27.93 8.01
N LYS D 42 -4.17 -27.72 6.93
CA LYS D 42 -4.27 -28.59 5.77
C LYS D 42 -3.96 -30.03 6.15
N LEU D 43 -3.02 -30.23 7.08
CA LEU D 43 -2.70 -31.59 7.51
C LEU D 43 -3.81 -32.17 8.38
N ASN D 44 -4.43 -31.35 9.22
CA ASN D 44 -5.49 -31.85 10.09
C ASN D 44 -6.76 -32.14 9.30
N LEU D 45 -7.07 -31.30 8.30
CA LEU D 45 -8.23 -31.58 7.46
C LEU D 45 -8.03 -32.87 6.67
N ALA D 46 -6.88 -33.00 6.00
CA ALA D 46 -6.59 -34.24 5.26
C ALA D 46 -6.68 -35.46 6.15
N PHE D 47 -6.16 -35.37 7.38
CA PHE D 47 -6.21 -36.53 8.27
C PHE D 47 -7.64 -36.97 8.52
N ARG D 48 -8.55 -36.02 8.71
CA ARG D 48 -9.95 -36.36 8.94
C ARG D 48 -10.61 -36.89 7.66
N SER D 49 -10.09 -36.52 6.50
CA SER D 49 -10.74 -36.81 5.23
C SER D 49 -10.25 -38.08 4.54
N ALA D 50 -9.05 -38.55 4.88
CA ALA D 50 -8.41 -39.61 4.12
C ALA D 50 -8.22 -40.86 4.97
N ARG D 51 -8.23 -42.01 4.31
CA ARG D 51 -7.92 -43.27 4.99
C ARG D 51 -6.52 -43.23 5.58
N SER D 52 -5.57 -42.65 4.86
CA SER D 52 -4.22 -42.46 5.34
C SER D 52 -3.68 -41.17 4.75
N VAL D 53 -2.84 -40.48 5.52
CA VAL D 53 -2.10 -39.31 5.05
C VAL D 53 -0.62 -39.67 5.12
N ILE D 54 0.05 -39.72 3.98
CA ILE D 54 1.44 -40.14 3.89
C ILE D 54 2.30 -38.92 3.63
N LEU D 55 3.33 -38.74 4.46
CA LEU D 55 4.30 -37.66 4.30
C LEU D 55 5.58 -38.24 3.72
N ILE D 56 5.99 -37.74 2.56
CA ILE D 56 7.23 -38.16 1.92
C ILE D 56 8.26 -37.06 2.17
N PHE D 57 9.41 -37.45 2.75
CA PHE D 57 10.40 -36.50 3.21
C PHE D 57 11.57 -36.41 2.24
N SER D 58 11.95 -35.19 1.89
CA SER D 58 13.13 -34.94 1.07
C SER D 58 13.86 -33.74 1.66
N VAL D 59 15.12 -33.93 2.01
CA VAL D 59 15.95 -32.83 2.51
C VAL D 59 16.44 -32.02 1.31
N ARG D 60 16.14 -30.72 1.32
CA ARG D 60 16.53 -29.87 0.21
C ARG D 60 18.00 -30.05 -0.13
N GLU D 61 18.29 -30.19 -1.42
CA GLU D 61 19.63 -30.28 -1.99
C GLU D 61 20.30 -31.62 -1.71
N SER D 62 19.60 -32.58 -1.10
CA SER D 62 20.18 -33.90 -0.84
C SER D 62 20.09 -34.82 -2.05
N GLY D 63 19.24 -34.50 -3.03
CA GLY D 63 19.04 -35.38 -4.16
C GLY D 63 18.33 -36.68 -3.84
N LYS D 64 17.73 -36.81 -2.65
CA LYS D 64 17.11 -38.06 -2.24
C LYS D 64 15.86 -37.78 -1.43
N PHE D 65 15.05 -38.83 -1.28
CA PHE D 65 14.03 -38.91 -0.24
C PHE D 65 14.62 -39.70 0.94
N GLN D 66 14.23 -39.30 2.15
CA GLN D 66 14.77 -39.92 3.35
C GLN D 66 13.80 -40.92 3.99
N GLY D 67 12.68 -41.21 3.35
CA GLY D 67 11.67 -42.09 3.87
C GLY D 67 10.30 -41.45 3.82
N PHE D 68 9.30 -42.22 4.26
CA PHE D 68 7.94 -41.71 4.36
C PHE D 68 7.25 -42.31 5.57
N ALA D 69 6.25 -41.59 6.08
CA ALA D 69 5.54 -41.97 7.29
C ALA D 69 4.05 -41.72 7.11
N ARG D 70 3.26 -42.26 8.04
CA ARG D 70 1.82 -42.08 8.04
C ARG D 70 1.39 -41.29 9.27
N LEU D 71 0.47 -40.34 9.07
CA LEU D 71 -0.05 -39.54 10.18
C LEU D 71 -0.83 -40.43 11.14
N SER D 72 -0.43 -40.40 12.42
CA SER D 72 -1.08 -41.20 13.44
C SER D 72 -2.22 -40.46 14.14
N SER D 73 -2.27 -39.14 14.05
CA SER D 73 -3.23 -38.36 14.83
C SER D 73 -3.18 -36.92 14.35
N GLU D 74 -4.23 -36.18 14.68
CA GLU D 74 -4.19 -34.75 14.49
C GLU D 74 -3.15 -34.14 15.43
N SER D 75 -2.93 -32.84 15.28
CA SER D 75 -1.77 -32.20 15.92
C SER D 75 -1.94 -32.15 17.43
N HIS D 76 -0.79 -32.21 18.12
CA HIS D 76 -0.65 -32.15 19.58
C HIS D 76 -1.95 -32.13 20.37
N GLY D 78 2.49 -32.50 21.87
CA GLY D 78 3.36 -31.37 22.11
C GLY D 78 3.60 -31.10 23.58
N GLY D 79 4.04 -32.11 24.31
CA GLY D 79 4.38 -31.94 25.71
C GLY D 79 5.82 -31.51 25.89
N SER D 80 6.74 -32.46 25.93
CA SER D 80 8.14 -32.13 26.11
C SER D 80 8.67 -31.45 24.84
N PRO D 81 9.34 -30.31 24.97
CA PRO D 81 9.77 -29.57 23.77
C PRO D 81 10.73 -30.39 22.93
N ILE D 82 10.62 -30.23 21.61
CA ILE D 82 11.48 -30.91 20.65
C ILE D 82 12.43 -29.88 20.06
N HIS D 83 13.72 -30.21 20.04
CA HIS D 83 14.75 -29.26 19.62
C HIS D 83 14.89 -29.22 18.10
N TRP D 84 13.80 -28.87 17.43
CA TRP D 84 13.86 -28.64 15.99
C TRP D 84 14.92 -27.58 15.69
N VAL D 85 15.52 -27.68 14.52
CA VAL D 85 16.37 -26.62 13.98
C VAL D 85 15.57 -25.96 12.86
N LEU D 86 14.92 -24.85 13.18
CA LEU D 86 13.95 -24.22 12.29
C LEU D 86 14.63 -23.36 11.25
N PRO D 87 13.92 -23.05 10.16
CA PRO D 87 14.43 -22.08 9.19
C PRO D 87 14.87 -20.80 9.87
N ALA D 88 15.90 -20.17 9.32
CA ALA D 88 16.49 -18.98 9.92
C ALA D 88 15.43 -17.91 10.19
N GLY D 89 15.41 -17.41 11.42
CA GLY D 89 14.48 -16.37 11.81
C GLY D 89 13.14 -16.87 12.29
N MET D 90 12.89 -18.17 12.21
CA MET D 90 11.63 -18.76 12.67
C MET D 90 11.80 -19.23 14.11
N SER D 91 10.76 -19.10 14.92
CA SER D 91 10.81 -19.44 16.32
C SER D 91 9.80 -20.53 16.65
N ALA D 92 10.09 -21.27 17.71
CA ALA D 92 9.17 -22.32 18.15
C ALA D 92 7.77 -21.75 18.40
N LYS D 93 7.67 -20.48 18.74
CA LYS D 93 6.37 -19.85 18.96
C LYS D 93 5.55 -19.74 17.69
N MET D 94 6.20 -19.73 16.52
CA MET D 94 5.48 -19.67 15.25
C MET D 94 4.81 -20.98 14.88
N LEU D 95 5.17 -22.08 15.54
CA LEU D 95 4.74 -23.41 15.14
C LEU D 95 3.35 -23.74 15.66
N GLY D 96 2.65 -24.58 14.91
CA GLY D 96 1.42 -25.19 15.38
C GLY D 96 1.74 -26.35 16.31
N GLY D 97 0.77 -27.26 16.41
CA GLY D 97 0.93 -28.42 17.27
C GLY D 97 1.95 -29.40 16.73
N VAL D 98 1.90 -30.60 17.30
CA VAL D 98 2.82 -31.69 16.97
C VAL D 98 2.01 -32.88 16.49
N PHE D 99 2.39 -33.44 15.35
CA PHE D 99 1.77 -34.65 14.83
C PHE D 99 2.59 -35.87 15.24
N LYS D 100 1.89 -36.91 15.71
CA LYS D 100 2.50 -38.22 15.82
C LYS D 100 2.51 -38.89 14.45
N ILE D 101 3.62 -39.52 14.10
CA ILE D 101 3.77 -40.15 12.80
C ILE D 101 4.41 -41.52 12.99
N ASP D 102 3.89 -42.51 12.27
CA ASP D 102 4.45 -43.85 12.27
C ASP D 102 5.20 -44.05 10.95
N TRP D 103 6.49 -44.33 11.06
CA TRP D 103 7.30 -44.51 9.87
C TRP D 103 6.97 -45.83 9.19
N ILE D 104 6.85 -45.78 7.87
CA ILE D 104 6.61 -46.97 7.07
C ILE D 104 7.94 -47.38 6.41
N CYS D 105 8.79 -46.39 6.16
CA CYS D 105 10.10 -46.63 5.57
C CYS D 105 11.04 -45.52 6.03
N ARG D 106 12.17 -45.90 6.59
CA ARG D 106 13.18 -44.95 7.02
C ARG D 106 14.41 -44.95 6.12
N ARG D 107 14.42 -45.75 5.07
CA ARG D 107 15.55 -45.84 4.15
C ARG D 107 15.39 -44.83 3.01
N GLU D 108 16.51 -44.57 2.35
CA GLU D 108 16.59 -43.51 1.36
C GLU D 108 16.22 -44.01 -0.04
N LEU D 109 15.89 -43.06 -0.91
CA LEU D 109 15.67 -43.33 -2.32
C LEU D 109 16.20 -42.15 -3.12
N PRO D 110 17.22 -42.35 -3.94
CA PRO D 110 17.74 -41.22 -4.72
C PRO D 110 16.79 -40.81 -5.82
N PHE D 111 16.80 -39.51 -6.13
CA PHE D 111 15.98 -38.98 -7.21
C PHE D 111 16.16 -39.78 -8.50
N THR D 112 17.34 -40.38 -8.69
CA THR D 112 17.59 -41.10 -9.94
C THR D 112 16.66 -42.29 -10.13
N LYS D 113 16.27 -42.96 -9.04
CA LYS D 113 15.38 -44.11 -9.15
C LYS D 113 13.92 -43.73 -9.38
N SER D 114 13.56 -42.45 -9.20
CA SER D 114 12.19 -42.01 -9.38
C SER D 114 12.06 -40.97 -10.51
N ALA D 115 13.08 -40.82 -11.35
CA ALA D 115 13.05 -39.82 -12.40
C ALA D 115 11.97 -40.09 -13.44
N HIS D 116 11.48 -41.32 -13.53
CA HIS D 116 10.47 -41.65 -14.54
C HIS D 116 9.06 -41.28 -14.14
N LEU D 117 8.83 -40.92 -12.87
CA LEU D 117 7.50 -40.64 -12.37
C LEU D 117 7.17 -39.16 -12.49
N THR D 118 5.93 -38.87 -12.87
CA THR D 118 5.45 -37.52 -13.02
C THR D 118 4.22 -37.32 -12.14
N ASN D 119 4.15 -36.16 -11.48
CA ASN D 119 3.06 -35.84 -10.58
C ASN D 119 1.97 -35.12 -11.37
N PRO D 120 0.85 -35.77 -11.69
CA PRO D 120 -0.20 -35.08 -12.46
C PRO D 120 -0.71 -33.82 -11.78
N TRP D 121 -0.59 -33.72 -10.46
CA TRP D 121 -1.07 -32.57 -9.72
C TRP D 121 -0.05 -31.45 -9.62
N ASN D 122 1.11 -31.61 -10.24
CA ASN D 122 2.10 -30.54 -10.36
C ASN D 122 2.58 -30.44 -11.80
N GLU D 123 1.63 -30.34 -12.73
CA GLU D 123 1.92 -30.10 -14.14
C GLU D 123 2.81 -31.20 -14.73
N HIS D 124 2.68 -32.41 -14.22
CA HIS D 124 3.43 -33.58 -14.70
C HIS D 124 4.94 -33.38 -14.61
N LYS D 125 5.40 -32.49 -13.75
CA LYS D 125 6.82 -32.39 -13.48
C LYS D 125 7.26 -33.62 -12.67
N PRO D 126 8.55 -33.97 -12.74
CA PRO D 126 9.04 -35.10 -11.95
C PRO D 126 8.68 -34.92 -10.49
N VAL D 127 8.30 -36.04 -9.85
CA VAL D 127 7.75 -35.99 -8.49
C VAL D 127 8.71 -35.30 -7.55
N LYS D 128 10.02 -35.40 -7.79
CA LYS D 128 11.01 -34.74 -6.95
C LYS D 128 10.87 -33.23 -6.95
N ILE D 129 10.27 -32.65 -7.99
CA ILE D 129 10.10 -31.20 -8.08
C ILE D 129 8.80 -30.83 -7.38
N GLY D 130 8.80 -29.68 -6.73
CA GLY D 130 7.61 -29.19 -6.05
C GLY D 130 7.99 -28.31 -4.87
N ARG D 131 7.08 -27.40 -4.53
CA ARG D 131 7.23 -26.63 -3.31
C ARG D 131 6.95 -27.51 -2.10
N ASP D 132 7.42 -27.06 -0.95
CA ASP D 132 7.11 -27.77 0.29
C ASP D 132 5.60 -27.96 0.40
N GLY D 133 5.19 -29.18 0.69
CA GLY D 133 3.79 -29.50 0.85
C GLY D 133 3.05 -29.88 -0.42
N GLN D 134 3.72 -29.87 -1.58
CA GLN D 134 3.07 -30.27 -2.81
C GLN D 134 2.40 -31.63 -2.65
N GLU D 135 1.12 -31.70 -2.99
CA GLU D 135 0.40 -32.97 -2.89
C GLU D 135 0.66 -33.82 -4.13
N ILE D 136 0.75 -35.13 -3.92
CA ILE D 136 1.09 -36.08 -4.98
C ILE D 136 -0.15 -36.90 -5.29
N GLU D 137 -0.50 -36.96 -6.58
CA GLU D 137 -1.68 -37.71 -7.00
C GLU D 137 -1.59 -39.16 -6.56
N LEU D 138 -2.76 -39.73 -6.21
CA LEU D 138 -2.84 -41.06 -5.60
C LEU D 138 -1.91 -42.07 -6.24
N GLU D 139 -2.06 -42.29 -7.54
CA GLU D 139 -1.33 -43.37 -8.20
C GLU D 139 0.17 -43.08 -8.28
N CYS D 140 0.54 -41.84 -8.58
CA CYS D 140 1.95 -41.47 -8.63
C CYS D 140 2.59 -41.62 -7.25
N GLY D 141 1.92 -41.10 -6.22
CA GLY D 141 2.45 -41.24 -4.87
C GLY D 141 2.59 -42.68 -4.43
N THR D 142 1.68 -43.55 -4.87
CA THR D 142 1.80 -44.96 -4.56
C THR D 142 3.03 -45.57 -5.24
N GLN D 143 3.20 -45.28 -6.54
CA GLN D 143 4.32 -45.85 -7.27
C GLN D 143 5.65 -45.37 -6.71
N LEU D 144 5.73 -44.10 -6.30
CA LEU D 144 6.96 -43.60 -5.69
C LEU D 144 7.27 -44.34 -4.40
N CYS D 145 6.27 -44.49 -3.53
CA CYS D 145 6.49 -45.22 -2.28
C CYS D 145 6.95 -46.65 -2.55
N LEU D 146 6.40 -47.28 -3.59
CA LEU D 146 6.79 -48.65 -3.91
C LEU D 146 8.23 -48.74 -4.40
N LEU D 147 8.83 -47.62 -4.84
CA LEU D 147 10.22 -47.66 -5.26
C LEU D 147 11.17 -47.79 -4.08
N PHE D 148 10.76 -47.29 -2.91
CA PHE D 148 11.66 -47.33 -1.75
C PHE D 148 12.05 -48.77 -1.43
N PRO D 149 13.21 -48.97 -0.83
CA PRO D 149 13.59 -50.30 -0.35
C PRO D 149 12.70 -50.72 0.81
N PRO D 150 12.33 -51.99 0.88
CA PRO D 150 11.61 -52.47 2.08
C PRO D 150 12.43 -52.20 3.33
N ASP D 151 11.75 -51.72 4.37
CA ASP D 151 12.39 -51.43 5.65
C ASP D 151 12.04 -52.57 6.61
N GLU D 152 12.88 -53.60 6.63
CA GLU D 152 12.64 -54.75 7.49
C GLU D 152 12.67 -54.38 8.97
N SER D 153 13.16 -53.20 9.32
CA SER D 153 13.18 -52.75 10.71
C SER D 153 11.85 -52.17 11.16
N ILE D 154 10.86 -52.10 10.28
CA ILE D 154 9.57 -51.48 10.59
C ILE D 154 8.50 -52.56 10.62
N ASP D 155 7.70 -52.55 11.68
CA ASP D 155 6.66 -53.56 11.90
C ASP D 155 5.36 -53.05 11.27
N LEU D 156 5.09 -53.46 10.03
CA LEU D 156 3.90 -52.96 9.33
C LEU D 156 2.62 -53.36 10.06
N TYR D 157 2.58 -54.55 10.67
CA TYR D 157 1.41 -54.92 11.46
C TYR D 157 1.15 -53.86 12.54
N GLN D 158 2.20 -53.41 13.22
CA GLN D 158 2.04 -52.38 14.24
C GLN D 158 1.46 -51.10 13.64
N VAL D 159 1.73 -50.83 12.36
CA VAL D 159 1.20 -49.63 11.72
C VAL D 159 -0.25 -49.84 11.30
N ILE D 160 -0.57 -51.01 10.75
CA ILE D 160 -1.94 -51.28 10.32
C ILE D 160 -2.92 -51.13 11.49
N HIS D 161 -2.49 -51.52 12.70
CA HIS D 161 -3.39 -51.51 13.84
C HIS D 161 -3.76 -50.11 14.30
N LYS D 162 -2.97 -49.10 13.95
CA LYS D 162 -3.27 -47.73 14.35
C LYS D 162 -4.26 -47.04 13.41
N MET D 163 -4.78 -47.76 12.42
CA MET D 163 -5.68 -47.17 11.43
C MET D 163 -7.15 -47.31 11.87
N SER E 2 -20.74 9.86 -8.65
CA SER E 2 -20.18 9.04 -7.58
C SER E 2 -19.04 8.16 -8.09
N LYS E 3 -19.09 7.82 -9.38
CA LYS E 3 -17.97 7.10 -9.98
C LYS E 3 -16.72 7.98 -10.04
N LEU E 4 -16.88 9.25 -10.43
CA LEU E 4 -15.75 10.17 -10.43
C LEU E 4 -15.25 10.42 -9.01
N LYS E 5 -16.17 10.64 -8.06
CA LYS E 5 -15.76 10.88 -6.69
C LYS E 5 -14.92 9.72 -6.15
N TYR E 6 -15.25 8.49 -6.53
CA TYR E 6 -14.46 7.36 -6.08
C TYR E 6 -13.02 7.45 -6.60
N VAL E 7 -12.86 7.83 -7.87
CA VAL E 7 -11.53 7.96 -8.44
C VAL E 7 -10.73 9.04 -7.73
N LEU E 8 -11.40 10.10 -7.29
CA LEU E 8 -10.75 11.22 -6.63
C LEU E 8 -10.59 11.02 -5.13
N GLN E 9 -11.07 9.91 -4.58
CA GLN E 9 -10.99 9.71 -3.14
C GLN E 9 -9.55 9.77 -2.65
N ASP E 10 -9.29 10.64 -1.67
CA ASP E 10 -7.98 10.74 -1.04
C ASP E 10 -6.89 10.97 -2.07
N ALA E 11 -7.24 11.58 -3.20
CA ALA E 11 -6.26 11.85 -4.23
C ALA E 11 -5.43 13.08 -3.90
N ARG E 12 -4.22 13.13 -4.44
CA ARG E 12 -3.43 14.34 -4.47
C ARG E 12 -3.53 14.96 -5.86
N PHE E 13 -3.53 16.29 -5.90
CA PHE E 13 -3.75 17.03 -7.14
C PHE E 13 -2.57 17.94 -7.41
N PHE E 14 -2.16 18.00 -8.66
CA PHE E 14 -1.05 18.84 -9.09
C PHE E 14 -1.48 19.64 -10.31
N LEU E 15 -1.29 20.95 -10.25
CA LEU E 15 -1.50 21.82 -11.39
C LEU E 15 -0.31 21.68 -12.34
N ILE E 16 -0.59 21.32 -13.59
CA ILE E 16 0.45 21.13 -14.60
C ILE E 16 0.30 22.25 -15.62
N LYS E 17 1.27 23.17 -15.65
CA LYS E 17 1.26 24.30 -16.58
C LYS E 17 2.05 23.90 -17.81
N SER E 18 1.36 23.33 -18.80
CA SER E 18 2.01 22.89 -20.02
C SER E 18 2.47 24.10 -20.84
N ASN E 19 3.65 23.97 -21.45
CA ASN E 19 4.20 25.07 -22.23
C ASN E 19 3.27 25.47 -23.38
N ASN E 20 2.57 24.50 -23.96
CA ASN E 20 1.80 24.74 -25.17
C ASN E 20 0.72 23.68 -25.30
N HIS E 21 -0.15 23.85 -26.31
CA HIS E 21 -1.24 22.91 -26.55
C HIS E 21 -0.76 21.62 -27.21
N GLU E 22 0.35 21.67 -27.96
CA GLU E 22 0.82 20.47 -28.64
C GLU E 22 1.12 19.35 -27.65
N ASN E 23 1.82 19.67 -26.56
CA ASN E 23 2.17 18.65 -25.58
C ASN E 23 0.93 18.03 -24.95
N VAL E 24 -0.07 18.86 -24.63
CA VAL E 24 -1.31 18.33 -24.09
C VAL E 24 -1.97 17.38 -25.10
N SER E 25 -1.90 17.72 -26.39
CA SER E 25 -2.47 16.85 -27.42
C SER E 25 -1.72 15.54 -27.53
N LEU E 26 -0.38 15.59 -27.49
CA LEU E 26 0.40 14.36 -27.45
C LEU E 26 -0.01 13.50 -26.27
N ALA E 27 -0.17 14.11 -25.09
CA ALA E 27 -0.50 13.35 -23.90
C ALA E 27 -1.89 12.73 -24.00
N LYS E 28 -2.84 13.44 -24.63
CA LYS E 28 -4.18 12.89 -24.80
C LYS E 28 -4.17 11.72 -25.77
N ALA E 29 -3.40 11.83 -26.86
CA ALA E 29 -3.42 10.78 -27.88
C ALA E 29 -2.73 9.51 -27.38
N LYS E 30 -1.56 9.66 -26.76
CA LYS E 30 -0.74 8.52 -26.36
C LYS E 30 -0.89 8.14 -24.89
N GLY E 31 -1.50 8.99 -24.07
CA GLY E 31 -1.66 8.70 -22.66
C GLY E 31 -0.34 8.64 -21.90
N VAL E 32 0.48 9.66 -22.06
CA VAL E 32 1.80 9.73 -21.42
C VAL E 32 2.07 11.15 -20.98
N TRP E 33 3.04 11.29 -20.07
CA TRP E 33 3.52 12.60 -19.65
C TRP E 33 4.96 12.47 -19.20
N SER E 34 5.69 13.58 -19.30
CA SER E 34 7.07 13.62 -18.84
C SER E 34 7.40 15.02 -18.38
N THR E 35 8.57 15.16 -17.77
CA THR E 35 8.96 16.40 -17.10
C THR E 35 10.39 16.23 -16.60
N LEU E 36 10.95 17.33 -16.09
CA LEU E 36 12.32 17.30 -15.59
C LEU E 36 12.45 16.33 -14.42
N PRO E 37 13.66 15.85 -14.16
CA PRO E 37 13.83 14.80 -13.13
C PRO E 37 13.35 15.22 -11.75
N VAL E 38 13.71 16.43 -11.30
CA VAL E 38 13.33 16.86 -9.95
C VAL E 38 11.82 16.78 -9.76
N ASN E 39 11.07 17.15 -10.79
CA ASN E 39 9.62 17.01 -10.70
C ASN E 39 9.20 15.56 -10.87
N GLU E 40 9.97 14.78 -11.62
CA GLU E 40 9.68 13.35 -11.77
C GLU E 40 9.71 12.65 -10.42
N LYS E 41 10.69 12.98 -9.57
CA LYS E 41 10.75 12.38 -8.25
C LYS E 41 9.53 12.75 -7.42
N LYS E 42 9.17 14.04 -7.40
CA LYS E 42 7.96 14.46 -6.70
C LYS E 42 6.76 13.60 -7.12
N LEU E 43 6.61 13.37 -8.42
CA LEU E 43 5.49 12.59 -8.92
C LEU E 43 5.61 11.13 -8.48
N ASN E 44 6.80 10.53 -8.64
CA ASN E 44 6.97 9.13 -8.27
C ASN E 44 6.69 8.90 -6.78
N LEU E 45 7.30 9.73 -5.92
CA LEU E 45 7.06 9.60 -4.49
C LEU E 45 5.58 9.76 -4.17
N ALA E 46 4.92 10.76 -4.77
CA ALA E 46 3.49 10.93 -4.55
C ALA E 46 2.70 9.72 -5.06
N PHE E 47 3.14 9.12 -6.17
CA PHE E 47 2.42 7.97 -6.70
C PHE E 47 2.48 6.80 -5.73
N ARG E 48 3.61 6.62 -5.04
CA ARG E 48 3.73 5.54 -4.06
C ARG E 48 2.92 5.83 -2.80
N SER E 49 2.73 7.11 -2.45
CA SER E 49 2.18 7.45 -1.15
C SER E 49 0.69 7.72 -1.15
N ALA E 50 0.07 7.95 -2.30
CA ALA E 50 -1.34 8.32 -2.38
C ALA E 50 -2.13 7.29 -3.17
N ARG E 51 -3.44 7.26 -2.91
CA ARG E 51 -4.32 6.35 -3.65
C ARG E 51 -4.38 6.73 -5.12
N SER E 52 -4.46 8.02 -5.42
CA SER E 52 -4.44 8.52 -6.79
C SER E 52 -3.68 9.83 -6.84
N VAL E 53 -2.98 10.06 -7.95
CA VAL E 53 -2.28 11.31 -8.21
C VAL E 53 -2.88 11.90 -9.48
N ILE E 54 -3.50 13.06 -9.36
CA ILE E 54 -4.23 13.69 -10.46
C ILE E 54 -3.40 14.86 -10.98
N LEU E 55 -3.18 14.87 -12.30
CA LEU E 55 -2.60 16.01 -12.99
C LEU E 55 -3.72 16.83 -13.61
N ILE E 56 -3.85 18.09 -13.19
CA ILE E 56 -4.82 19.01 -13.78
C ILE E 56 -4.06 19.92 -14.73
N PHE E 57 -4.46 19.92 -15.99
CA PHE E 57 -3.70 20.58 -17.05
C PHE E 57 -4.27 21.96 -17.34
N SER E 58 -3.36 22.92 -17.49
CA SER E 58 -3.71 24.28 -17.92
C SER E 58 -2.56 24.79 -18.79
N VAL E 59 -2.78 24.84 -20.10
CA VAL E 59 -1.79 25.42 -20.99
C VAL E 59 -1.55 26.87 -20.61
N ARG E 60 -0.28 27.26 -20.52
CA ARG E 60 0.06 28.62 -20.12
C ARG E 60 -0.57 29.63 -21.07
N GLU E 61 -1.26 30.62 -20.51
CA GLU E 61 -1.88 31.73 -21.23
C GLU E 61 -3.11 31.33 -22.04
N SER E 62 -3.70 30.17 -21.75
CA SER E 62 -4.87 29.73 -22.49
C SER E 62 -6.18 30.14 -21.83
N GLY E 63 -6.16 30.46 -20.53
CA GLY E 63 -7.36 30.82 -19.81
C GLY E 63 -8.27 29.66 -19.47
N LYS E 64 -7.79 28.42 -19.53
CA LYS E 64 -8.63 27.27 -19.26
C LYS E 64 -7.79 26.11 -18.73
N PHE E 65 -8.46 25.16 -18.09
CA PHE E 65 -7.92 23.82 -17.92
C PHE E 65 -8.38 22.95 -19.10
N GLN E 66 -7.48 22.12 -19.60
CA GLN E 66 -7.77 21.30 -20.78
C GLN E 66 -8.18 19.88 -20.42
N GLY E 67 -8.24 19.54 -19.13
CA GLY E 67 -8.56 18.20 -18.68
C GLY E 67 -7.70 17.79 -17.49
N PHE E 68 -7.97 16.62 -16.91
CA PHE E 68 -7.12 16.09 -15.86
C PHE E 68 -7.03 14.57 -16.01
N ALA E 69 -5.90 14.03 -15.56
CA ALA E 69 -5.62 12.61 -15.74
C ALA E 69 -4.98 12.06 -14.47
N ARG E 70 -5.08 10.75 -14.32
CA ARG E 70 -4.53 10.02 -13.19
C ARG E 70 -3.22 9.35 -13.60
N LEU E 71 -2.25 9.35 -12.68
CA LEU E 71 -1.02 8.60 -12.92
C LEU E 71 -1.30 7.10 -12.89
N SER E 72 -0.81 6.39 -13.91
CA SER E 72 -0.99 4.95 -13.98
C SER E 72 0.17 4.18 -13.40
N SER E 73 1.33 4.81 -13.22
CA SER E 73 2.50 4.11 -12.73
C SER E 73 3.62 5.13 -12.59
N GLU E 74 4.66 4.74 -11.86
CA GLU E 74 5.85 5.56 -11.80
C GLU E 74 6.45 5.71 -13.20
N SER E 75 7.40 6.63 -13.32
CA SER E 75 8.02 6.87 -14.62
C SER E 75 8.91 5.70 -15.00
N HIS E 76 8.89 5.35 -16.28
CA HIS E 76 9.73 4.30 -16.83
C HIS E 76 10.61 4.87 -17.92
N HIS E 77 11.81 4.32 -18.04
CA HIS E 77 12.76 4.70 -19.09
C HIS E 77 12.76 3.65 -20.18
N GLY E 78 12.99 4.10 -21.41
CA GLY E 78 12.91 3.23 -22.57
C GLY E 78 11.74 3.62 -23.45
N GLY E 79 10.85 2.68 -23.74
CA GLY E 79 9.67 2.96 -24.52
C GLY E 79 9.93 3.74 -25.80
N SER E 80 8.87 4.06 -26.52
CA SER E 80 9.03 4.78 -27.77
C SER E 80 9.27 6.27 -27.49
N PRO E 81 10.31 6.86 -28.08
CA PRO E 81 10.54 8.30 -27.85
C PRO E 81 9.34 9.15 -28.24
N ILE E 82 9.05 10.15 -27.42
CA ILE E 82 7.93 11.05 -27.61
C ILE E 82 8.48 12.42 -28.01
N HIS E 83 7.97 12.95 -29.13
CA HIS E 83 8.50 14.19 -29.70
C HIS E 83 7.77 15.39 -29.09
N TRP E 84 8.01 15.59 -27.80
CA TRP E 84 7.48 16.77 -27.13
C TRP E 84 8.03 18.04 -27.79
N VAL E 85 7.28 19.13 -27.64
CA VAL E 85 7.75 20.47 -28.00
C VAL E 85 8.17 21.13 -26.70
N LEU E 86 9.46 21.07 -26.38
CA LEU E 86 9.96 21.45 -25.08
C LEU E 86 10.13 22.96 -24.96
N PRO E 87 10.14 23.48 -23.74
CA PRO E 87 10.45 24.90 -23.54
C PRO E 87 11.75 25.28 -24.25
N ALA E 88 11.86 26.55 -24.61
CA ALA E 88 13.01 27.04 -25.38
C ALA E 88 14.32 26.71 -24.67
N GLY E 89 15.20 26.01 -25.39
CA GLY E 89 16.51 25.66 -24.86
C GLY E 89 16.59 24.31 -24.19
N MET E 90 15.47 23.69 -23.87
CA MET E 90 15.48 22.36 -23.28
C MET E 90 15.56 21.29 -24.35
N SER E 91 16.22 20.19 -24.02
CA SER E 91 16.38 19.07 -24.94
C SER E 91 15.89 17.80 -24.26
N ALA E 92 15.46 16.84 -25.09
CA ALA E 92 14.94 15.58 -24.57
C ALA E 92 15.87 14.97 -23.52
N LYS E 93 17.19 15.16 -23.68
CA LYS E 93 18.14 14.57 -22.75
C LYS E 93 17.94 15.08 -21.33
N MET E 94 17.38 16.27 -21.16
CA MET E 94 17.20 16.84 -19.83
C MET E 94 15.99 16.26 -19.10
N LEU E 95 15.12 15.53 -19.80
CA LEU E 95 13.91 14.99 -19.21
C LEU E 95 14.21 13.83 -18.28
N GLY E 96 13.27 13.56 -17.39
CA GLY E 96 13.22 12.31 -16.66
C GLY E 96 12.52 11.24 -17.47
N GLY E 97 12.02 10.23 -16.77
CA GLY E 97 11.30 9.17 -17.43
C GLY E 97 9.96 9.62 -17.96
N VAL E 98 9.22 8.66 -18.51
CA VAL E 98 7.89 8.88 -19.06
C VAL E 98 6.86 8.28 -18.11
N PHE E 99 5.81 9.03 -17.83
CA PHE E 99 4.69 8.58 -17.00
C PHE E 99 3.53 8.15 -17.89
N LYS E 100 2.99 6.97 -17.62
CA LYS E 100 1.71 6.59 -18.21
C LYS E 100 0.59 7.19 -17.38
N ILE E 101 -0.37 7.83 -18.06
CA ILE E 101 -1.49 8.49 -17.41
C ILE E 101 -2.78 8.03 -18.05
N ASP E 102 -3.83 7.89 -17.23
CA ASP E 102 -5.18 7.55 -17.69
C ASP E 102 -6.07 8.78 -17.55
N TRP E 103 -6.58 9.27 -18.66
CA TRP E 103 -7.36 10.50 -18.64
C TRP E 103 -8.72 10.27 -18.00
N ILE E 104 -9.12 11.18 -17.12
CA ILE E 104 -10.40 11.07 -16.44
C ILE E 104 -11.36 12.07 -17.06
N CYS E 105 -10.81 13.12 -17.67
CA CYS E 105 -11.63 14.09 -18.38
C CYS E 105 -10.75 14.85 -19.35
N ARG E 106 -11.10 14.77 -20.65
CA ARG E 106 -10.38 15.47 -21.69
C ARG E 106 -11.12 16.72 -22.18
N ARG E 107 -12.18 17.13 -21.49
CA ARG E 107 -12.93 18.33 -21.85
C ARG E 107 -12.42 19.54 -21.07
N GLU E 108 -12.74 20.73 -21.58
CA GLU E 108 -12.18 21.96 -21.06
C GLU E 108 -13.01 22.53 -19.92
N LEU E 109 -12.36 23.35 -19.10
CA LEU E 109 -12.99 24.16 -18.06
C LEU E 109 -12.36 25.55 -18.08
N PRO E 110 -13.10 26.60 -18.43
CA PRO E 110 -12.52 27.95 -18.44
C PRO E 110 -12.37 28.47 -17.02
N PHE E 111 -11.39 29.37 -16.84
CA PHE E 111 -11.13 29.90 -15.50
C PHE E 111 -12.33 30.64 -14.94
N THR E 112 -13.17 31.21 -15.80
CA THR E 112 -14.33 31.95 -15.32
C THR E 112 -15.27 31.07 -14.50
N LYS E 113 -15.28 29.77 -14.75
CA LYS E 113 -16.14 28.83 -14.03
C LYS E 113 -15.48 28.27 -12.78
N SER E 114 -14.23 28.62 -12.51
CA SER E 114 -13.56 28.20 -11.28
C SER E 114 -13.16 29.39 -10.41
N ALA E 115 -13.61 30.60 -10.76
CA ALA E 115 -13.16 31.80 -10.07
C ALA E 115 -13.47 31.77 -8.58
N HIS E 116 -14.46 30.98 -8.15
CA HIS E 116 -14.83 30.96 -6.74
C HIS E 116 -13.93 30.05 -5.91
N LEU E 117 -13.19 29.14 -6.53
CA LEU E 117 -12.39 28.16 -5.80
C LEU E 117 -11.02 28.73 -5.47
N THR E 118 -10.65 28.64 -4.20
CA THR E 118 -9.33 29.06 -3.72
C THR E 118 -8.57 27.87 -3.20
N ASN E 119 -7.25 27.86 -3.43
CA ASN E 119 -6.38 26.77 -3.05
C ASN E 119 -5.73 27.11 -1.71
N PRO E 120 -6.20 26.55 -0.59
CA PRO E 120 -5.59 26.86 0.71
C PRO E 120 -4.09 26.63 0.76
N TRP E 121 -3.55 25.74 -0.08
CA TRP E 121 -2.12 25.47 -0.08
C TRP E 121 -1.33 26.41 -1.00
N ASN E 122 -1.99 27.43 -1.56
CA ASN E 122 -1.31 28.50 -2.27
C ASN E 122 -1.91 29.83 -1.81
N GLU E 123 -1.91 30.05 -0.49
CA GLU E 123 -2.29 31.33 0.11
C GLU E 123 -3.72 31.73 -0.24
N HIS E 124 -4.59 30.75 -0.46
CA HIS E 124 -6.00 30.99 -0.74
C HIS E 124 -6.20 31.86 -1.98
N LYS E 125 -5.27 31.80 -2.92
CA LYS E 125 -5.49 32.42 -4.20
C LYS E 125 -6.36 31.51 -5.06
N PRO E 126 -7.06 32.06 -6.05
CA PRO E 126 -7.90 31.23 -6.91
C PRO E 126 -7.08 30.09 -7.49
N VAL E 127 -7.72 28.91 -7.61
CA VAL E 127 -6.99 27.71 -7.98
C VAL E 127 -6.32 27.85 -9.35
N LYS E 128 -6.81 28.75 -10.20
CA LYS E 128 -6.18 28.96 -11.51
C LYS E 128 -4.79 29.56 -11.41
N ILE E 129 -4.46 30.18 -10.28
CA ILE E 129 -3.16 30.80 -10.07
C ILE E 129 -2.23 29.79 -9.39
N GLY E 130 -0.96 29.85 -9.75
CA GLY E 130 0.03 28.97 -9.14
C GLY E 130 1.08 28.53 -10.12
N ARG E 131 2.32 28.43 -9.65
CA ARG E 131 3.40 28.04 -10.55
C ARG E 131 3.21 26.60 -11.01
N ASP E 132 4.04 26.21 -11.96
CA ASP E 132 4.04 24.83 -12.44
C ASP E 132 4.24 23.88 -11.27
N GLY E 133 3.44 22.82 -11.23
CA GLY E 133 3.53 21.83 -10.18
C GLY E 133 2.89 22.19 -8.86
N GLN E 134 2.22 23.33 -8.77
CA GLN E 134 1.56 23.72 -7.52
C GLN E 134 0.57 22.65 -7.08
N GLU E 135 0.74 22.15 -5.86
CA GLU E 135 -0.18 21.15 -5.35
C GLU E 135 -1.46 21.82 -4.83
N ILE E 136 -2.57 21.14 -5.02
CA ILE E 136 -3.90 21.66 -4.72
C ILE E 136 -4.49 20.86 -3.56
N GLU E 137 -4.96 21.54 -2.53
CA GLU E 137 -5.48 20.86 -1.36
C GLU E 137 -6.59 19.89 -1.76
N LEU E 138 -6.72 18.82 -0.96
CA LEU E 138 -7.62 17.71 -1.32
C LEU E 138 -9.01 18.20 -1.70
N GLU E 139 -9.67 18.93 -0.79
CA GLU E 139 -11.06 19.31 -1.03
C GLU E 139 -11.18 20.27 -2.21
N CYS E 140 -10.27 21.24 -2.29
CA CYS E 140 -10.29 22.18 -3.41
C CYS E 140 -10.11 21.46 -4.74
N GLY E 141 -9.11 20.58 -4.82
CA GLY E 141 -8.90 19.83 -6.05
C GLY E 141 -10.09 18.97 -6.44
N THR E 142 -10.71 18.33 -5.45
CA THR E 142 -11.89 17.52 -5.74
C THR E 142 -12.99 18.36 -6.35
N GLN E 143 -13.27 19.53 -5.76
CA GLN E 143 -14.31 20.40 -6.31
C GLN E 143 -13.93 20.92 -7.69
N LEU E 144 -12.67 21.30 -7.88
CA LEU E 144 -12.23 21.71 -9.21
C LEU E 144 -12.53 20.64 -10.24
N CYS E 145 -12.25 19.37 -9.92
CA CYS E 145 -12.50 18.30 -10.87
C CYS E 145 -14.00 18.09 -11.08
N LEU E 146 -14.80 18.23 -10.03
CA LEU E 146 -16.25 18.08 -10.17
C LEU E 146 -16.85 19.17 -11.04
N LEU E 147 -16.15 20.29 -11.24
CA LEU E 147 -16.67 21.36 -12.08
C LEU E 147 -16.59 21.03 -13.57
N PHE E 148 -15.61 20.22 -13.97
CA PHE E 148 -15.46 19.86 -15.37
C PHE E 148 -16.76 19.23 -15.89
N PRO E 149 -17.05 19.36 -17.17
CA PRO E 149 -18.17 18.63 -17.76
C PRO E 149 -17.88 17.15 -17.75
N PRO E 150 -18.90 16.31 -17.51
CA PRO E 150 -18.68 14.86 -17.63
C PRO E 150 -18.24 14.51 -19.04
N ASP E 151 -17.16 13.71 -19.14
CA ASP E 151 -16.61 13.28 -20.42
C ASP E 151 -17.20 11.90 -20.73
N GLU E 152 -18.25 11.88 -21.55
CA GLU E 152 -18.91 10.63 -21.91
C GLU E 152 -18.04 9.74 -22.79
N SER E 153 -16.92 10.25 -23.30
CA SER E 153 -16.00 9.45 -24.09
C SER E 153 -15.01 8.67 -23.24
N ILE E 154 -15.06 8.84 -21.92
CA ILE E 154 -14.11 8.21 -21.00
C ILE E 154 -14.80 7.06 -20.29
N ASP E 155 -14.14 5.91 -20.28
CA ASP E 155 -14.63 4.72 -19.57
C ASP E 155 -13.95 4.70 -18.22
N LEU E 156 -14.65 5.16 -17.18
CA LEU E 156 -14.04 5.25 -15.86
C LEU E 156 -13.79 3.87 -15.27
N TYR E 157 -14.65 2.89 -15.58
CA TYR E 157 -14.39 1.52 -15.13
C TYR E 157 -13.02 1.04 -15.61
N GLN E 158 -12.59 1.48 -16.79
CA GLN E 158 -11.24 1.15 -17.24
C GLN E 158 -10.19 1.77 -16.31
N VAL E 159 -10.48 2.93 -15.73
CA VAL E 159 -9.55 3.55 -14.80
C VAL E 159 -9.72 2.95 -13.40
N ILE E 160 -10.96 2.69 -12.99
CA ILE E 160 -11.20 2.12 -11.67
C ILE E 160 -10.58 0.73 -11.58
N HIS E 161 -10.79 -0.09 -12.60
CA HIS E 161 -10.16 -1.41 -12.63
C HIS E 161 -8.65 -1.31 -12.80
N LYS E 162 -8.14 -0.16 -13.24
CA LYS E 162 -6.71 0.03 -13.47
C LYS E 162 -5.98 0.57 -12.25
N MET E 163 -6.67 0.78 -11.13
CA MET E 163 -6.05 1.36 -9.94
C MET E 163 -5.39 0.29 -9.08
N SER F 2 -17.85 -41.33 -26.92
CA SER F 2 -17.21 -41.96 -25.78
C SER F 2 -15.85 -42.55 -26.17
N LYS F 3 -15.77 -43.09 -27.39
CA LYS F 3 -14.49 -43.60 -27.87
C LYS F 3 -13.44 -42.50 -27.94
N LEU F 4 -13.86 -41.26 -28.19
CA LEU F 4 -12.90 -40.16 -28.20
C LEU F 4 -12.44 -39.84 -26.78
N LYS F 5 -13.37 -39.70 -25.84
CA LYS F 5 -12.99 -39.46 -24.45
C LYS F 5 -12.13 -40.58 -23.90
N TYR F 6 -12.39 -41.82 -24.31
CA TYR F 6 -11.57 -42.92 -23.82
C TYR F 6 -10.12 -42.77 -24.27
N VAL F 7 -9.90 -42.33 -25.51
CA VAL F 7 -8.54 -42.13 -25.99
C VAL F 7 -7.86 -40.99 -25.26
N LEU F 8 -8.63 -39.99 -24.82
CA LEU F 8 -8.08 -38.83 -24.14
C LEU F 8 -7.90 -39.03 -22.64
N GLN F 9 -8.39 -40.14 -22.10
CA GLN F 9 -8.36 -40.34 -20.64
C GLN F 9 -6.94 -40.23 -20.10
N ASP F 10 -6.76 -39.38 -19.10
CA ASP F 10 -5.48 -39.24 -18.42
C ASP F 10 -4.37 -38.95 -19.42
N ALA F 11 -4.71 -38.35 -20.55
CA ALA F 11 -3.72 -38.08 -21.57
C ALA F 11 -2.93 -36.81 -21.23
N ARG F 12 -1.74 -36.71 -21.80
CA ARG F 12 -0.96 -35.49 -21.76
C ARG F 12 -1.01 -34.83 -23.13
N PHE F 13 -1.21 -33.51 -23.16
CA PHE F 13 -1.39 -32.76 -24.38
C PHE F 13 -0.23 -31.79 -24.58
N PHE F 14 0.25 -31.71 -25.82
CA PHE F 14 1.37 -30.85 -26.18
C PHE F 14 1.01 -30.04 -27.41
N LEU F 15 1.14 -28.72 -27.29
CA LEU F 15 0.95 -27.83 -28.44
C LEU F 15 2.20 -27.88 -29.31
N ILE F 16 2.01 -28.24 -30.58
CA ILE F 16 3.11 -28.38 -31.53
C ILE F 16 2.94 -27.30 -32.60
N LYS F 17 3.82 -26.30 -32.58
CA LYS F 17 3.78 -25.20 -33.54
C LYS F 17 4.66 -25.57 -34.74
N SER F 18 4.04 -26.13 -35.78
CA SER F 18 4.76 -26.41 -37.01
C SER F 18 4.99 -25.11 -37.77
N ASN F 19 6.16 -24.99 -38.39
CA ASN F 19 6.54 -23.75 -39.06
C ASN F 19 5.79 -23.52 -40.37
N ASN F 20 5.24 -24.58 -40.97
CA ASN F 20 4.55 -24.47 -42.25
C ASN F 20 3.50 -25.57 -42.34
N HIS F 21 2.68 -25.49 -43.39
CA HIS F 21 1.66 -26.52 -43.59
C HIS F 21 2.24 -27.81 -44.16
N GLU F 22 3.26 -27.72 -45.01
CA GLU F 22 3.81 -28.90 -45.65
C GLU F 22 4.15 -29.98 -44.63
N ASN F 23 4.85 -29.59 -43.55
CA ASN F 23 5.24 -30.58 -42.55
C ASN F 23 4.04 -31.22 -41.86
N VAL F 24 2.94 -30.48 -41.73
CA VAL F 24 1.73 -31.08 -41.19
C VAL F 24 1.11 -32.03 -42.21
N SER F 25 1.07 -31.62 -43.47
CA SER F 25 0.47 -32.45 -44.51
C SER F 25 1.21 -33.78 -44.65
N LEU F 26 2.55 -33.74 -44.63
CA LEU F 26 3.32 -34.98 -44.63
C LEU F 26 2.94 -35.86 -43.45
N ALA F 27 2.92 -35.28 -42.25
CA ALA F 27 2.58 -36.04 -41.06
C ALA F 27 1.16 -36.62 -41.18
N LYS F 28 0.24 -35.87 -41.78
CA LYS F 28 -1.10 -36.39 -42.00
C LYS F 28 -1.09 -37.56 -42.98
N ALA F 29 -0.26 -37.49 -44.01
CA ALA F 29 -0.25 -38.54 -45.03
C ALA F 29 0.56 -39.75 -44.58
N LYS F 30 1.67 -39.52 -43.87
CA LYS F 30 2.59 -40.60 -43.53
C LYS F 30 2.51 -41.04 -42.06
N GLY F 31 1.77 -40.31 -41.22
CA GLY F 31 1.63 -40.69 -39.83
C GLY F 31 2.95 -40.76 -39.08
N VAL F 32 3.77 -39.72 -39.22
CA VAL F 32 5.08 -39.66 -38.59
C VAL F 32 5.35 -38.23 -38.16
N TRP F 33 6.27 -38.08 -37.21
CA TRP F 33 6.67 -36.77 -36.72
C TRP F 33 8.11 -36.86 -36.22
N SER F 34 8.81 -35.72 -36.28
CA SER F 34 10.17 -35.66 -35.79
C SER F 34 10.43 -34.25 -35.25
N THR F 35 11.58 -34.08 -34.62
CA THR F 35 11.92 -32.82 -33.97
C THR F 35 13.34 -32.95 -33.43
N LEU F 36 13.85 -31.83 -32.91
CA LEU F 36 15.20 -31.81 -32.37
C LEU F 36 15.32 -32.78 -31.19
N PRO F 37 16.55 -33.22 -30.88
CA PRO F 37 16.70 -34.29 -29.88
C PRO F 37 16.16 -33.91 -28.51
N VAL F 38 16.45 -32.71 -28.02
CA VAL F 38 15.95 -32.30 -26.70
C VAL F 38 14.44 -32.48 -26.63
N ASN F 39 13.73 -32.00 -27.66
CA ASN F 39 12.29 -32.20 -27.69
C ASN F 39 11.94 -33.67 -27.86
N GLU F 40 12.76 -34.39 -28.63
CA GLU F 40 12.55 -35.83 -28.80
C GLU F 40 12.55 -36.54 -27.45
N LYS F 41 13.51 -36.21 -26.58
CA LYS F 41 13.58 -36.87 -25.28
C LYS F 41 12.34 -36.62 -24.45
N LYS F 42 11.86 -35.37 -24.42
CA LYS F 42 10.64 -35.06 -23.68
C LYS F 42 9.48 -35.94 -24.15
N LEU F 43 9.33 -36.10 -25.48
CA LEU F 43 8.26 -36.92 -26.01
C LEU F 43 8.44 -38.39 -25.62
N ASN F 44 9.67 -38.89 -25.67
CA ASN F 44 9.91 -40.29 -25.33
C ASN F 44 9.61 -40.58 -23.87
N LEU F 45 10.08 -39.70 -22.97
CA LEU F 45 9.79 -39.88 -21.55
C LEU F 45 8.29 -39.82 -21.28
N ALA F 46 7.60 -38.84 -21.89
CA ALA F 46 6.16 -38.73 -21.69
C ALA F 46 5.43 -39.94 -22.25
N PHE F 47 5.94 -40.53 -23.33
CA PHE F 47 5.27 -41.68 -23.92
C PHE F 47 5.32 -42.88 -22.99
N ARG F 48 6.43 -43.09 -22.29
CA ARG F 48 6.55 -44.23 -21.40
C ARG F 48 5.79 -44.03 -20.09
N SER F 49 5.70 -42.79 -19.60
CA SER F 49 5.08 -42.51 -18.32
C SER F 49 3.57 -42.32 -18.40
N ALA F 50 3.04 -41.91 -19.55
CA ALA F 50 1.65 -41.53 -19.67
C ALA F 50 0.85 -42.55 -20.43
N ARG F 51 -0.47 -42.56 -20.17
CA ARG F 51 -1.37 -43.45 -20.90
C ARG F 51 -1.44 -43.08 -22.37
N SER F 52 -1.50 -41.78 -22.66
CA SER F 52 -1.55 -41.29 -24.03
C SER F 52 -0.85 -39.94 -24.09
N VAL F 53 -0.16 -39.69 -25.20
CA VAL F 53 0.47 -38.40 -25.47
C VAL F 53 -0.19 -37.83 -26.71
N ILE F 54 -0.85 -36.68 -26.56
CA ILE F 54 -1.61 -36.06 -27.63
C ILE F 54 -0.84 -34.85 -28.15
N LEU F 55 -0.54 -34.85 -29.44
CA LEU F 55 0.03 -33.70 -30.11
C LEU F 55 -1.08 -32.90 -30.76
N ILE F 56 -1.22 -31.63 -30.36
CA ILE F 56 -2.18 -30.72 -30.97
C ILE F 56 -1.40 -29.77 -31.88
N PHE F 57 -1.71 -29.79 -33.17
CA PHE F 57 -0.93 -29.08 -34.17
C PHE F 57 -1.52 -27.73 -34.50
N SER F 58 -0.65 -26.74 -34.69
CA SER F 58 -1.07 -25.39 -35.08
C SER F 58 0.07 -24.74 -35.86
N VAL F 59 -0.11 -24.63 -37.18
CA VAL F 59 0.88 -23.93 -38.00
C VAL F 59 0.88 -22.45 -37.63
N ARG F 60 2.08 -21.88 -37.52
CA ARG F 60 2.20 -20.50 -37.08
C ARG F 60 1.56 -19.53 -38.07
N GLU F 61 0.83 -18.56 -37.54
CA GLU F 61 0.19 -17.49 -38.28
C GLU F 61 -0.99 -17.97 -39.12
N SER F 62 -1.36 -19.25 -39.04
CA SER F 62 -2.50 -19.77 -39.78
C SER F 62 -3.83 -19.51 -39.07
N GLY F 63 -3.79 -19.17 -37.78
CA GLY F 63 -5.00 -18.88 -37.04
C GLY F 63 -5.85 -20.08 -36.68
N LYS F 64 -5.29 -21.30 -36.76
CA LYS F 64 -6.09 -22.49 -36.57
C LYS F 64 -5.24 -23.62 -35.99
N PHE F 65 -5.93 -24.59 -35.40
CA PHE F 65 -5.37 -25.91 -35.15
C PHE F 65 -5.73 -26.81 -36.33
N GLN F 66 -4.75 -27.57 -36.82
CA GLN F 66 -4.98 -28.40 -37.99
C GLN F 66 -5.37 -29.83 -37.65
N GLY F 67 -5.36 -30.19 -36.35
CA GLY F 67 -5.71 -31.54 -35.93
C GLY F 67 -4.89 -31.96 -34.73
N PHE F 68 -5.10 -33.20 -34.27
CA PHE F 68 -4.30 -33.73 -33.18
C PHE F 68 -4.21 -35.24 -33.31
N ALA F 69 -3.04 -35.78 -32.94
CA ALA F 69 -2.76 -37.20 -33.05
C ALA F 69 -2.20 -37.71 -31.74
N ARG F 70 -2.19 -39.04 -31.61
CA ARG F 70 -1.61 -39.72 -30.46
C ARG F 70 -0.23 -40.26 -30.83
N LEU F 71 0.69 -40.22 -29.87
CA LEU F 71 1.98 -40.87 -30.07
C LEU F 71 1.81 -42.38 -30.05
N SER F 72 2.27 -43.04 -31.11
CA SER F 72 2.13 -44.48 -31.22
C SER F 72 3.33 -45.25 -30.68
N SER F 73 4.48 -44.60 -30.54
CA SER F 73 5.68 -45.27 -30.07
C SER F 73 6.74 -44.22 -29.79
N GLU F 74 7.86 -44.68 -29.23
CA GLU F 74 9.04 -43.83 -29.09
C GLU F 74 9.63 -43.55 -30.46
N SER F 75 10.67 -42.72 -30.48
CA SER F 75 11.29 -42.31 -31.74
C SER F 75 12.19 -43.42 -32.29
N HIS F 76 12.12 -43.61 -33.61
CA HIS F 76 12.86 -44.68 -34.28
C HIS F 76 13.82 -44.10 -35.30
N HIS F 77 15.05 -44.60 -35.30
CA HIS F 77 16.05 -44.27 -36.30
C HIS F 77 16.09 -45.36 -37.36
N GLY F 78 16.48 -44.97 -38.57
CA GLY F 78 16.73 -45.93 -39.64
C GLY F 78 15.57 -46.22 -40.57
N GLY F 79 14.44 -45.52 -40.43
CA GLY F 79 13.33 -45.70 -41.36
C GLY F 79 13.54 -44.95 -42.66
N SER F 80 12.63 -45.20 -43.59
CA SER F 80 12.70 -44.54 -44.89
C SER F 80 12.67 -43.02 -44.71
N PRO F 81 13.67 -42.29 -45.18
CA PRO F 81 13.75 -40.85 -44.89
C PRO F 81 12.48 -40.10 -45.29
N ILE F 82 12.17 -39.06 -44.50
CA ILE F 82 11.05 -38.16 -44.77
C ILE F 82 11.61 -36.82 -45.22
N HIS F 83 10.98 -36.24 -46.24
CA HIS F 83 11.46 -34.98 -46.83
C HIS F 83 10.79 -33.78 -46.17
N TRP F 84 11.03 -33.63 -44.87
CA TRP F 84 10.57 -32.44 -44.17
C TRP F 84 11.19 -31.20 -44.80
N VAL F 85 10.46 -30.09 -44.72
CA VAL F 85 11.01 -28.77 -45.02
C VAL F 85 11.27 -28.10 -43.68
N LEU F 86 12.52 -28.18 -43.22
CA LEU F 86 12.88 -27.78 -41.87
C LEU F 86 13.03 -26.27 -41.73
N PRO F 87 12.96 -25.76 -40.52
CA PRO F 87 13.18 -24.32 -40.30
C PRO F 87 14.52 -23.88 -40.90
N ALA F 88 14.60 -22.60 -41.23
CA ALA F 88 15.75 -22.05 -41.91
C ALA F 88 17.03 -22.31 -41.14
N GLY F 89 18.01 -22.94 -41.80
CA GLY F 89 19.31 -23.18 -41.22
C GLY F 89 19.46 -24.51 -40.50
N MET F 90 18.39 -25.27 -40.38
CA MET F 90 18.40 -26.57 -39.72
C MET F 90 18.50 -27.66 -40.77
N SER F 91 19.27 -28.70 -40.47
CA SER F 91 19.48 -29.79 -41.40
C SER F 91 18.96 -31.10 -40.81
N ALA F 92 18.62 -32.04 -41.70
CA ALA F 92 18.10 -33.33 -41.25
C ALA F 92 19.02 -33.97 -40.22
N LYS F 93 20.33 -33.72 -40.31
CA LYS F 93 21.28 -34.32 -39.38
C LYS F 93 21.07 -33.82 -37.95
N MET F 94 20.50 -32.64 -37.77
CA MET F 94 20.27 -32.11 -36.43
C MET F 94 19.05 -32.72 -35.75
N LEU F 95 18.22 -33.46 -36.50
CA LEU F 95 16.97 -33.99 -35.98
C LEU F 95 17.20 -35.25 -35.16
N GLY F 96 16.31 -35.48 -34.20
CA GLY F 96 16.23 -36.74 -33.51
C GLY F 96 15.58 -37.79 -34.38
N GLY F 97 15.09 -38.84 -33.73
CA GLY F 97 14.43 -39.92 -34.45
C GLY F 97 13.08 -39.49 -35.00
N VAL F 98 12.34 -40.50 -35.47
CA VAL F 98 11.05 -40.30 -36.12
C VAL F 98 9.98 -40.96 -35.26
N PHE F 99 8.92 -40.23 -34.96
CA PHE F 99 7.80 -40.71 -34.16
C PHE F 99 6.67 -41.17 -35.07
N LYS F 100 6.14 -42.35 -34.80
CA LYS F 100 4.88 -42.76 -35.40
C LYS F 100 3.73 -42.18 -34.61
N ILE F 101 2.73 -41.66 -35.31
CA ILE F 101 1.60 -40.98 -34.68
C ILE F 101 0.32 -41.44 -35.38
N ASP F 102 -0.70 -41.75 -34.58
CA ASP F 102 -2.01 -42.13 -35.09
C ASP F 102 -2.93 -40.91 -34.98
N TRP F 103 -3.41 -40.44 -36.12
CA TRP F 103 -4.26 -39.27 -36.13
C TRP F 103 -5.62 -39.59 -35.54
N ILE F 104 -6.14 -38.67 -34.73
CA ILE F 104 -7.45 -38.82 -34.13
C ILE F 104 -8.41 -37.86 -34.81
N CYS F 105 -7.85 -36.77 -35.33
CA CYS F 105 -8.65 -35.76 -36.02
C CYS F 105 -7.75 -34.99 -36.96
N ARG F 106 -8.09 -34.99 -38.25
CA ARG F 106 -7.33 -34.25 -39.25
C ARG F 106 -8.05 -32.96 -39.69
N ARG F 107 -9.20 -32.66 -39.12
CA ARG F 107 -9.97 -31.47 -39.45
C ARG F 107 -9.49 -30.27 -38.62
N GLU F 108 -9.89 -29.07 -39.06
CA GLU F 108 -9.40 -27.84 -38.49
C GLU F 108 -10.31 -27.34 -37.37
N LEU F 109 -9.74 -26.49 -36.51
CA LEU F 109 -10.48 -25.73 -35.52
C LEU F 109 -9.87 -24.33 -35.47
N PRO F 110 -10.66 -23.28 -35.71
CA PRO F 110 -10.12 -21.92 -35.65
C PRO F 110 -10.02 -21.41 -34.22
N PHE F 111 -9.01 -20.57 -33.99
CA PHE F 111 -8.80 -20.03 -32.65
C PHE F 111 -10.07 -19.38 -32.09
N THR F 112 -10.93 -18.86 -32.97
CA THR F 112 -12.13 -18.19 -32.51
C THR F 112 -13.06 -19.14 -31.76
N LYS F 113 -13.01 -20.43 -32.07
CA LYS F 113 -13.87 -21.39 -31.37
C LYS F 113 -13.28 -21.87 -30.04
N SER F 114 -12.01 -21.57 -29.77
CA SER F 114 -11.38 -21.97 -28.51
C SER F 114 -11.06 -20.77 -27.62
N ALA F 115 -11.63 -19.60 -27.92
CA ALA F 115 -11.31 -18.41 -27.14
C ALA F 115 -11.69 -18.54 -25.68
N HIS F 116 -12.58 -19.48 -25.34
CA HIS F 116 -13.02 -19.64 -23.96
C HIS F 116 -12.12 -20.55 -23.13
N LEU F 117 -11.24 -21.32 -23.75
CA LEU F 117 -10.37 -22.24 -23.03
C LEU F 117 -9.05 -21.56 -22.68
N THR F 118 -8.69 -21.60 -21.40
CA THR F 118 -7.43 -21.07 -20.92
C THR F 118 -6.61 -22.19 -20.30
N ASN F 119 -5.30 -22.13 -20.53
CA ASN F 119 -4.40 -23.18 -20.09
C ASN F 119 -3.83 -22.83 -18.72
N PRO F 120 -4.29 -23.47 -17.65
CA PRO F 120 -3.76 -23.13 -16.32
C PRO F 120 -2.29 -23.42 -16.14
N TRP F 121 -1.68 -24.24 -17.00
CA TRP F 121 -0.24 -24.48 -16.94
C TRP F 121 0.55 -23.51 -17.81
N ASN F 122 -0.11 -22.56 -18.46
CA ASN F 122 0.57 -21.44 -19.10
C ASN F 122 -0.07 -20.13 -18.65
N GLU F 123 -0.16 -19.95 -17.33
CA GLU F 123 -0.59 -18.69 -16.72
C GLU F 123 -1.99 -18.29 -17.17
N HIS F 124 -2.83 -19.28 -17.47
CA HIS F 124 -4.24 -19.09 -17.76
C HIS F 124 -4.49 -18.31 -19.06
N LYS F 125 -3.48 -18.20 -19.92
CA LYS F 125 -3.69 -17.56 -21.21
C LYS F 125 -4.52 -18.48 -22.11
N PRO F 126 -5.16 -17.92 -23.14
CA PRO F 126 -5.91 -18.76 -24.08
C PRO F 126 -5.04 -19.84 -24.69
N VAL F 127 -5.61 -21.04 -24.84
CA VAL F 127 -4.82 -22.21 -25.19
C VAL F 127 -4.15 -22.07 -26.56
N LYS F 128 -4.56 -21.11 -27.37
CA LYS F 128 -3.90 -20.87 -28.64
C LYS F 128 -2.53 -20.24 -28.48
N ILE F 129 -2.25 -19.63 -27.34
CA ILE F 129 -1.00 -18.94 -27.08
C ILE F 129 -0.07 -19.87 -26.32
N GLY F 130 1.18 -19.95 -26.76
CA GLY F 130 2.17 -20.78 -26.10
C GLY F 130 3.31 -21.09 -27.04
N ARG F 131 4.52 -21.17 -26.50
CA ARG F 131 5.65 -21.51 -27.34
C ARG F 131 5.50 -22.94 -27.85
N ASP F 132 6.35 -23.29 -28.81
CA ASP F 132 6.37 -24.65 -29.32
C ASP F 132 6.61 -25.64 -28.18
N GLY F 133 5.77 -26.66 -28.11
CA GLY F 133 5.90 -27.68 -27.09
C GLY F 133 5.20 -27.39 -25.78
N GLN F 134 4.51 -26.26 -25.66
CA GLN F 134 3.80 -25.95 -24.43
C GLN F 134 2.83 -27.08 -24.09
N GLU F 135 2.94 -27.60 -22.87
CA GLU F 135 2.01 -28.63 -22.42
C GLU F 135 0.71 -27.99 -21.93
N ILE F 136 -0.40 -28.67 -22.22
CA ILE F 136 -1.73 -28.17 -21.92
C ILE F 136 -2.32 -29.00 -20.79
N GLU F 137 -2.90 -28.34 -19.79
CA GLU F 137 -3.45 -29.04 -18.65
C GLU F 137 -4.51 -30.06 -19.10
N LEU F 138 -4.63 -31.14 -18.32
CA LEU F 138 -5.50 -32.26 -18.70
C LEU F 138 -6.89 -31.80 -19.12
N GLU F 139 -7.58 -31.07 -18.25
CA GLU F 139 -8.96 -30.69 -18.55
C GLU F 139 -9.03 -29.74 -19.74
N CYS F 140 -8.15 -28.73 -19.78
CA CYS F 140 -8.13 -27.80 -20.89
C CYS F 140 -7.88 -28.51 -22.21
N GLY F 141 -6.87 -29.37 -22.26
CA GLY F 141 -6.57 -30.08 -23.49
C GLY F 141 -7.69 -31.02 -23.91
N THR F 142 -8.33 -31.67 -22.94
CA THR F 142 -9.47 -32.52 -23.26
C THR F 142 -10.58 -31.73 -23.95
N GLN F 143 -11.03 -30.63 -23.33
CA GLN F 143 -12.10 -29.84 -23.92
C GLN F 143 -11.68 -29.26 -25.27
N LEU F 144 -10.44 -28.80 -25.39
CA LEU F 144 -9.95 -28.32 -26.67
C LEU F 144 -10.13 -29.38 -27.75
N CYS F 145 -9.86 -30.64 -27.42
CA CYS F 145 -10.01 -31.71 -28.41
C CYS F 145 -11.48 -31.96 -28.74
N LEU F 146 -12.35 -31.95 -27.72
CA LEU F 146 -13.77 -32.16 -27.96
C LEU F 146 -14.40 -31.02 -28.75
N LEU F 147 -13.72 -29.89 -28.89
CA LEU F 147 -14.23 -28.80 -29.71
C LEU F 147 -14.10 -29.08 -31.20
N PHE F 148 -13.11 -29.88 -31.59
CA PHE F 148 -12.90 -30.20 -32.99
C PHE F 148 -14.13 -30.90 -33.57
N PRO F 149 -14.43 -30.67 -34.84
CA PRO F 149 -15.52 -31.43 -35.47
C PRO F 149 -15.16 -32.90 -35.56
N PRO F 150 -16.12 -33.80 -35.45
CA PRO F 150 -15.82 -35.23 -35.59
C PRO F 150 -15.33 -35.54 -37.00
N ASP F 151 -14.32 -36.40 -37.08
CA ASP F 151 -13.65 -36.74 -38.33
C ASP F 151 -14.03 -38.16 -38.71
N GLU F 152 -15.00 -38.29 -39.63
CA GLU F 152 -15.46 -39.61 -40.07
C GLU F 152 -14.40 -40.39 -40.83
N SER F 153 -13.25 -39.76 -41.14
CA SER F 153 -12.19 -40.43 -41.86
C SER F 153 -11.25 -41.24 -40.97
N ILE F 154 -11.41 -41.17 -39.65
CA ILE F 154 -10.49 -41.78 -38.71
C ILE F 154 -11.16 -42.99 -38.07
N ASP F 155 -10.43 -44.10 -38.00
CA ASP F 155 -10.88 -45.31 -37.33
C ASP F 155 -10.29 -45.30 -35.92
N LEU F 156 -11.13 -44.96 -34.93
CA LEU F 156 -10.66 -44.86 -33.55
C LEU F 156 -10.29 -46.22 -32.96
N TYR F 157 -10.85 -47.31 -33.47
CA TYR F 157 -10.41 -48.62 -33.01
C TYR F 157 -8.96 -48.88 -33.40
N GLN F 158 -8.51 -48.28 -34.51
CA GLN F 158 -7.10 -48.40 -34.89
C GLN F 158 -6.19 -47.71 -33.88
N VAL F 159 -6.65 -46.58 -33.32
CA VAL F 159 -5.88 -45.91 -32.28
C VAL F 159 -6.02 -46.63 -30.94
N ILE F 160 -7.18 -47.25 -30.69
CA ILE F 160 -7.41 -47.96 -29.44
C ILE F 160 -6.57 -49.23 -29.39
N HIS F 161 -6.48 -49.95 -30.50
CA HIS F 161 -5.70 -51.19 -30.51
C HIS F 161 -4.21 -50.95 -30.33
N LYS F 162 -3.74 -49.75 -30.68
CA LYS F 162 -2.31 -49.44 -30.52
C LYS F 162 -1.95 -49.04 -29.09
N MET F 163 -2.94 -48.84 -28.22
CA MET F 163 -2.68 -48.44 -26.84
C MET F 163 -2.22 -49.63 -26.00
N SER G 2 -24.20 1.31 -16.15
CA SER G 2 -24.29 1.36 -14.70
C SER G 2 -23.23 0.47 -14.05
N LYS G 3 -23.08 0.58 -12.74
CA LYS G 3 -22.09 -0.23 -12.04
C LYS G 3 -22.42 -1.71 -12.13
N LEU G 4 -23.71 -2.06 -11.94
CA LEU G 4 -24.09 -3.47 -11.93
C LEU G 4 -23.81 -4.13 -13.29
N LYS G 5 -24.26 -3.49 -14.37
CA LYS G 5 -24.07 -4.09 -15.69
C LYS G 5 -22.60 -4.38 -15.96
N TYR G 6 -21.70 -3.51 -15.49
CA TYR G 6 -20.28 -3.72 -15.73
C TYR G 6 -19.78 -4.95 -15.00
N VAL G 7 -20.27 -5.21 -13.79
CA VAL G 7 -19.85 -6.40 -13.06
C VAL G 7 -20.39 -7.67 -13.71
N LEU G 8 -21.59 -7.60 -14.28
CA LEU G 8 -22.21 -8.75 -14.93
C LEU G 8 -21.74 -8.97 -16.35
N GLN G 9 -20.79 -8.17 -16.84
CA GLN G 9 -20.36 -8.29 -18.23
C GLN G 9 -19.77 -9.66 -18.51
N ASP G 10 -20.36 -10.37 -19.48
CA ASP G 10 -19.82 -11.64 -19.94
C ASP G 10 -19.65 -12.65 -18.82
N ALA G 11 -20.50 -12.58 -17.80
CA ALA G 11 -20.35 -13.47 -16.67
C ALA G 11 -20.96 -14.84 -16.97
N ARG G 12 -20.51 -15.84 -16.21
CA ARG G 12 -21.20 -17.11 -16.11
C ARG G 12 -22.13 -17.07 -14.91
N PHE G 13 -23.29 -17.69 -15.04
CA PHE G 13 -24.27 -17.75 -13.97
C PHE G 13 -24.54 -19.20 -13.59
N PHE G 14 -24.57 -19.46 -12.28
CA PHE G 14 -24.93 -20.77 -11.74
C PHE G 14 -26.07 -20.59 -10.75
N LEU G 15 -27.10 -21.42 -10.88
CA LEU G 15 -28.23 -21.40 -9.95
C LEU G 15 -27.92 -22.35 -8.80
N ILE G 16 -27.85 -21.81 -7.58
CA ILE G 16 -27.43 -22.55 -6.39
C ILE G 16 -28.68 -22.81 -5.55
N LYS G 17 -29.06 -24.07 -5.43
CA LYS G 17 -30.25 -24.48 -4.67
C LYS G 17 -29.79 -24.97 -3.30
N SER G 18 -29.95 -24.12 -2.29
CA SER G 18 -29.65 -24.49 -0.91
C SER G 18 -30.89 -25.09 -0.26
N ASN G 19 -30.69 -26.14 0.54
CA ASN G 19 -31.82 -26.81 1.17
C ASN G 19 -32.33 -26.08 2.41
N ASN G 20 -31.53 -25.20 3.00
CA ASN G 20 -31.97 -24.44 4.16
C ASN G 20 -31.53 -22.99 4.03
N HIS G 21 -32.13 -22.13 4.85
CA HIS G 21 -31.82 -20.71 4.85
C HIS G 21 -30.53 -20.37 5.59
N GLU G 22 -30.12 -21.20 6.55
CA GLU G 22 -28.96 -20.83 7.35
C GLU G 22 -27.70 -20.77 6.49
N ASN G 23 -27.48 -21.79 5.65
CA ASN G 23 -26.31 -21.77 4.78
C ASN G 23 -26.21 -20.46 4.01
N VAL G 24 -27.33 -19.97 3.50
CA VAL G 24 -27.33 -18.67 2.83
C VAL G 24 -27.01 -17.57 3.83
N SER G 25 -27.48 -17.71 5.07
CA SER G 25 -27.17 -16.72 6.10
C SER G 25 -25.70 -16.76 6.48
N LEU G 26 -25.14 -17.95 6.63
CA LEU G 26 -23.71 -18.06 6.92
C LEU G 26 -22.87 -17.46 5.80
N ALA G 27 -23.24 -17.74 4.54
CA ALA G 27 -22.50 -17.17 3.41
C ALA G 27 -22.59 -15.65 3.39
N LYS G 28 -23.75 -15.10 3.79
CA LYS G 28 -23.88 -13.65 3.84
C LYS G 28 -23.06 -13.05 4.98
N ALA G 29 -22.97 -13.76 6.11
CA ALA G 29 -22.24 -13.24 7.25
C ALA G 29 -20.73 -13.32 7.02
N LYS G 30 -20.24 -14.46 6.53
CA LYS G 30 -18.82 -14.69 6.36
C LYS G 30 -18.35 -14.55 4.91
N GLY G 31 -19.26 -14.32 3.97
CA GLY G 31 -18.90 -14.19 2.58
C GLY G 31 -18.10 -15.36 2.04
N VAL G 32 -18.62 -16.58 2.25
CA VAL G 32 -17.93 -17.80 1.83
C VAL G 32 -18.96 -18.81 1.35
N TRP G 33 -18.47 -19.81 0.60
CA TRP G 33 -19.33 -20.86 0.07
C TRP G 33 -18.50 -22.12 -0.13
N SER G 34 -19.17 -23.27 -0.09
CA SER G 34 -18.52 -24.55 -0.32
C SER G 34 -19.51 -25.53 -0.95
N THR G 35 -19.00 -26.68 -1.36
CA THR G 35 -19.79 -27.65 -2.09
C THR G 35 -18.95 -28.91 -2.29
N LEU G 36 -19.59 -29.93 -2.85
CA LEU G 36 -18.90 -31.18 -3.15
C LEU G 36 -17.73 -30.92 -4.11
N PRO G 37 -16.76 -31.84 -4.16
CA PRO G 37 -15.59 -31.61 -5.01
C PRO G 37 -15.92 -31.49 -6.48
N VAL G 38 -16.81 -32.34 -7.00
CA VAL G 38 -17.15 -32.30 -8.41
C VAL G 38 -17.69 -30.92 -8.79
N ASN G 39 -18.57 -30.36 -7.96
CA ASN G 39 -19.08 -29.02 -8.23
C ASN G 39 -18.00 -27.97 -8.03
N GLU G 40 -17.13 -28.19 -7.04
CA GLU G 40 -16.01 -27.27 -6.81
C GLU G 40 -15.18 -27.11 -8.07
N LYS G 41 -14.93 -28.21 -8.78
CA LYS G 41 -14.15 -28.12 -10.02
C LYS G 41 -14.87 -27.25 -11.05
N LYS G 42 -16.17 -27.50 -11.27
CA LYS G 42 -16.92 -26.68 -12.21
C LYS G 42 -16.79 -25.20 -11.87
N LEU G 43 -16.79 -24.87 -10.58
CA LEU G 43 -16.69 -23.48 -10.15
C LEU G 43 -15.29 -22.91 -10.36
N ASN G 44 -14.26 -23.69 -10.04
CA ASN G 44 -12.89 -23.21 -10.24
C ASN G 44 -12.56 -23.09 -11.72
N LEU G 45 -13.02 -24.02 -12.54
CA LEU G 45 -12.80 -23.91 -13.98
C LEU G 45 -13.43 -22.62 -14.52
N ALA G 46 -14.70 -22.39 -14.21
CA ALA G 46 -15.36 -21.19 -14.70
C ALA G 46 -14.67 -19.93 -14.22
N PHE G 47 -14.13 -19.94 -13.00
CA PHE G 47 -13.53 -18.73 -12.45
C PHE G 47 -12.33 -18.27 -13.27
N ARG G 48 -11.59 -19.21 -13.87
CA ARG G 48 -10.46 -18.88 -14.73
C ARG G 48 -10.88 -18.69 -16.18
N SER G 49 -12.16 -18.85 -16.49
CA SER G 49 -12.66 -18.75 -17.86
C SER G 49 -13.50 -17.51 -18.12
N ALA G 50 -14.15 -16.95 -17.11
CA ALA G 50 -15.06 -15.83 -17.30
C ALA G 50 -14.60 -14.64 -16.47
N ARG G 51 -14.87 -13.44 -16.99
CA ARG G 51 -14.62 -12.23 -16.22
C ARG G 51 -15.26 -12.33 -14.83
N SER G 52 -16.45 -12.93 -14.76
CA SER G 52 -17.15 -13.08 -13.50
C SER G 52 -17.92 -14.40 -13.48
N VAL G 53 -17.97 -15.01 -12.31
CA VAL G 53 -18.81 -16.17 -12.04
C VAL G 53 -19.82 -15.75 -10.98
N ILE G 54 -21.09 -15.74 -11.35
CA ILE G 54 -22.16 -15.25 -10.47
C ILE G 54 -22.95 -16.44 -9.95
N LEU G 55 -23.12 -16.50 -8.63
CA LEU G 55 -23.97 -17.50 -7.99
C LEU G 55 -25.30 -16.84 -7.63
N ILE G 56 -26.39 -17.39 -8.14
CA ILE G 56 -27.73 -16.95 -7.79
C ILE G 56 -28.33 -17.98 -6.85
N PHE G 57 -28.66 -17.56 -5.64
CA PHE G 57 -29.08 -18.46 -4.56
C PHE G 57 -30.60 -18.52 -4.47
N SER G 58 -31.11 -19.75 -4.28
CA SER G 58 -32.53 -19.95 -4.08
C SER G 58 -32.71 -21.11 -3.10
N VAL G 59 -33.21 -20.81 -1.90
CA VAL G 59 -33.51 -21.86 -0.94
C VAL G 59 -34.76 -22.60 -1.38
N ARG G 60 -34.66 -23.92 -1.50
CA ARG G 60 -35.79 -24.71 -1.95
C ARG G 60 -37.00 -24.49 -1.04
N GLU G 61 -38.17 -24.39 -1.65
CA GLU G 61 -39.48 -24.24 -1.02
C GLU G 61 -39.80 -22.78 -0.68
N SER G 62 -38.85 -21.85 -0.84
CA SER G 62 -39.04 -20.48 -0.43
C SER G 62 -39.72 -19.61 -1.48
N GLY G 63 -39.79 -20.08 -2.73
CA GLY G 63 -40.36 -19.26 -3.78
C GLY G 63 -39.63 -17.97 -4.04
N LYS G 64 -38.34 -17.92 -3.71
CA LYS G 64 -37.56 -16.70 -3.88
C LYS G 64 -36.11 -17.04 -4.18
N PHE G 65 -35.42 -16.08 -4.77
CA PHE G 65 -33.97 -16.01 -4.72
C PHE G 65 -33.58 -15.11 -3.56
N GLN G 66 -32.49 -15.43 -2.87
CA GLN G 66 -32.06 -14.67 -1.71
C GLN G 66 -30.92 -13.69 -2.03
N GLY G 67 -30.53 -13.58 -3.29
CA GLY G 67 -29.44 -12.73 -3.71
C GLY G 67 -28.51 -13.44 -4.65
N PHE G 68 -27.47 -12.73 -5.07
CA PHE G 68 -26.44 -13.32 -5.91
C PHE G 68 -25.08 -12.74 -5.53
N ALA G 69 -24.04 -13.55 -5.76
CA ALA G 69 -22.68 -13.19 -5.36
C ALA G 69 -21.71 -13.57 -6.47
N ARG G 70 -20.54 -12.96 -6.45
CA ARG G 70 -19.48 -13.19 -7.41
C ARG G 70 -18.33 -13.93 -6.73
N LEU G 71 -17.79 -14.93 -7.42
CA LEU G 71 -16.60 -15.63 -6.92
C LEU G 71 -15.43 -14.66 -6.92
N SER G 72 -14.81 -14.46 -5.76
CA SER G 72 -13.67 -13.56 -5.67
C SER G 72 -12.33 -14.27 -5.88
N SER G 73 -12.32 -15.60 -5.90
CA SER G 73 -11.09 -16.36 -6.11
C SER G 73 -11.45 -17.84 -6.18
N GLU G 74 -10.50 -18.64 -6.61
CA GLU G 74 -10.67 -20.09 -6.63
C GLU G 74 -10.87 -20.62 -5.22
N SER G 75 -11.23 -21.90 -5.13
CA SER G 75 -11.49 -22.52 -3.83
C SER G 75 -10.18 -22.78 -3.11
N HIS G 76 -10.12 -22.37 -1.85
CA HIS G 76 -8.93 -22.52 -1.02
C HIS G 76 -9.18 -23.59 0.04
N HIS G 77 -8.25 -24.54 0.15
CA HIS G 77 -8.32 -25.61 1.14
C HIS G 77 -7.72 -25.20 2.47
N GLY G 78 -7.89 -23.94 2.85
CA GLY G 78 -7.44 -23.45 4.14
C GLY G 78 -8.46 -22.51 4.73
N GLY G 79 -8.36 -22.35 6.05
CA GLY G 79 -9.27 -21.55 6.84
C GLY G 79 -9.74 -22.32 8.06
N SER G 80 -10.78 -21.80 8.71
CA SER G 80 -11.35 -22.46 9.88
C SER G 80 -12.77 -22.92 9.57
N PRO G 81 -13.06 -24.22 9.69
CA PRO G 81 -14.36 -24.77 9.27
C PRO G 81 -15.58 -23.94 9.63
N ILE G 82 -16.57 -23.91 8.70
CA ILE G 82 -17.84 -23.22 8.90
C ILE G 82 -18.90 -24.25 9.30
N HIS G 83 -19.87 -23.81 10.09
CA HIS G 83 -20.93 -24.69 10.60
C HIS G 83 -22.06 -24.81 9.58
N TRP G 84 -21.74 -25.41 8.43
CA TRP G 84 -22.75 -25.69 7.44
C TRP G 84 -23.77 -26.69 7.98
N VAL G 85 -25.01 -26.53 7.55
CA VAL G 85 -26.07 -27.52 7.80
C VAL G 85 -26.20 -28.30 6.50
N LEU G 86 -25.47 -29.41 6.40
CA LEU G 86 -25.34 -30.14 5.16
C LEU G 86 -26.55 -31.03 4.92
N PRO G 87 -26.77 -31.46 3.67
CA PRO G 87 -27.79 -32.47 3.40
C PRO G 87 -27.64 -33.67 4.32
N ALA G 88 -28.76 -34.31 4.64
CA ALA G 88 -28.76 -35.45 5.53
C ALA G 88 -27.81 -36.52 5.03
N GLY G 89 -26.94 -36.99 5.94
CA GLY G 89 -25.97 -38.03 5.63
C GLY G 89 -24.65 -37.54 5.07
N MET G 90 -24.50 -36.23 4.87
CA MET G 90 -23.31 -35.65 4.30
C MET G 90 -22.49 -34.98 5.39
N SER G 91 -21.19 -35.22 5.39
CA SER G 91 -20.29 -34.72 6.41
C SER G 91 -19.29 -33.74 5.81
N ALA G 92 -18.73 -32.88 6.67
CA ALA G 92 -17.73 -31.92 6.21
C ALA G 92 -16.56 -32.62 5.51
N LYS G 93 -16.34 -33.91 5.78
CA LYS G 93 -15.23 -34.62 5.16
C LYS G 93 -15.42 -34.75 3.66
N MET G 94 -16.66 -34.80 3.19
CA MET G 94 -16.93 -34.98 1.76
C MET G 94 -16.84 -33.67 0.98
N LEU G 95 -16.71 -32.54 1.67
CA LEU G 95 -16.72 -31.25 1.02
C LEU G 95 -15.41 -30.98 0.29
N GLY G 96 -15.48 -30.09 -0.70
CA GLY G 96 -14.32 -29.53 -1.32
C GLY G 96 -13.84 -28.31 -0.55
N GLY G 97 -13.11 -27.45 -1.25
CA GLY G 97 -12.57 -26.25 -0.63
C GLY G 97 -13.66 -25.23 -0.33
N VAL G 98 -13.20 -24.04 0.04
CA VAL G 98 -14.07 -22.93 0.39
C VAL G 98 -13.80 -21.77 -0.56
N PHE G 99 -14.86 -21.17 -1.07
CA PHE G 99 -14.77 -20.03 -1.97
C PHE G 99 -15.00 -18.74 -1.22
N LYS G 100 -14.17 -17.74 -1.49
CA LYS G 100 -14.44 -16.38 -1.04
C LYS G 100 -15.34 -15.71 -2.07
N ILE G 101 -16.44 -15.12 -1.61
CA ILE G 101 -17.43 -14.53 -2.48
C ILE G 101 -17.74 -13.11 -2.02
N ASP G 102 -17.84 -12.20 -2.98
CA ASP G 102 -18.24 -10.82 -2.72
C ASP G 102 -19.67 -10.63 -3.18
N TRP G 103 -20.56 -10.34 -2.22
CA TRP G 103 -21.97 -10.23 -2.55
C TRP G 103 -22.22 -9.04 -3.47
N ILE G 104 -23.05 -9.27 -4.49
CA ILE G 104 -23.49 -8.22 -5.38
C ILE G 104 -24.86 -7.67 -4.96
N CYS G 105 -25.72 -8.55 -4.45
CA CYS G 105 -27.06 -8.15 -4.03
C CYS G 105 -27.54 -9.14 -2.98
N ARG G 106 -27.83 -8.64 -1.79
CA ARG G 106 -28.30 -9.47 -0.68
C ARG G 106 -29.82 -9.43 -0.51
N ARG G 107 -30.52 -8.68 -1.36
CA ARG G 107 -31.97 -8.57 -1.27
C ARG G 107 -32.65 -9.71 -2.03
N GLU G 108 -33.89 -9.99 -1.64
CA GLU G 108 -34.64 -11.10 -2.21
C GLU G 108 -35.36 -10.68 -3.49
N LEU G 109 -35.81 -11.69 -4.23
CA LEU G 109 -36.64 -11.53 -5.43
C LEU G 109 -37.60 -12.71 -5.50
N PRO G 110 -38.90 -12.48 -5.43
CA PRO G 110 -39.84 -13.60 -5.49
C PRO G 110 -39.92 -14.18 -6.89
N PHE G 111 -40.24 -15.47 -6.96
CA PHE G 111 -40.36 -16.13 -8.25
C PHE G 111 -41.37 -15.45 -9.15
N THR G 112 -42.40 -14.82 -8.56
CA THR G 112 -43.43 -14.16 -9.37
C THR G 112 -42.87 -13.01 -10.18
N LYS G 113 -41.77 -12.40 -9.76
CA LYS G 113 -41.18 -11.28 -10.48
C LYS G 113 -40.34 -11.71 -11.67
N SER G 114 -39.97 -13.00 -11.77
CA SER G 114 -39.14 -13.49 -12.87
C SER G 114 -39.85 -14.54 -13.71
N ALA G 115 -41.19 -14.62 -13.62
CA ALA G 115 -41.92 -15.67 -14.32
C ALA G 115 -41.83 -15.54 -15.83
N HIS G 116 -41.42 -14.37 -16.35
CA HIS G 116 -41.33 -14.15 -17.78
C HIS G 116 -39.99 -14.56 -18.37
N LEU G 117 -38.96 -14.73 -17.54
CA LEU G 117 -37.65 -15.12 -18.04
C LEU G 117 -37.57 -16.63 -18.20
N THR G 118 -37.11 -17.07 -19.37
CA THR G 118 -36.87 -18.48 -19.65
C THR G 118 -35.38 -18.71 -19.84
N ASN G 119 -34.87 -19.79 -19.26
CA ASN G 119 -33.45 -20.10 -19.36
C ASN G 119 -33.20 -20.90 -20.63
N PRO G 120 -32.55 -20.34 -21.65
CA PRO G 120 -32.32 -21.09 -22.89
C PRO G 120 -31.47 -22.33 -22.71
N TRP G 121 -30.72 -22.43 -21.62
CA TRP G 121 -29.90 -23.61 -21.36
C TRP G 121 -30.63 -24.65 -20.52
N ASN G 122 -31.92 -24.43 -20.23
CA ASN G 122 -32.76 -25.39 -19.53
C ASN G 122 -34.10 -25.53 -20.24
N GLU G 123 -34.04 -25.71 -21.57
CA GLU G 123 -35.22 -25.96 -22.38
C GLU G 123 -36.24 -24.82 -22.28
N HIS G 124 -35.76 -23.61 -22.00
CA HIS G 124 -36.62 -22.44 -21.89
C HIS G 124 -37.72 -22.65 -20.85
N LYS G 125 -37.47 -23.50 -19.86
CA LYS G 125 -38.31 -23.50 -18.68
C LYS G 125 -38.05 -22.22 -17.88
N PRO G 126 -39.03 -21.75 -17.13
CA PRO G 126 -38.82 -20.55 -16.30
C PRO G 126 -37.52 -20.65 -15.52
N VAL G 127 -36.76 -19.55 -15.51
CA VAL G 127 -35.40 -19.58 -14.94
C VAL G 127 -35.44 -20.06 -13.49
N LYS G 128 -36.55 -19.85 -12.79
CA LYS G 128 -36.67 -20.35 -11.42
C LYS G 128 -36.53 -21.86 -11.36
N ILE G 129 -36.91 -22.57 -12.42
CA ILE G 129 -36.81 -24.02 -12.48
C ILE G 129 -35.38 -24.41 -12.81
N GLY G 130 -34.90 -25.48 -12.19
CA GLY G 130 -33.57 -25.99 -12.48
C GLY G 130 -32.99 -26.80 -11.35
N ARG G 131 -32.20 -27.82 -11.70
CA ARG G 131 -31.50 -28.58 -10.68
C ARG G 131 -30.43 -27.72 -10.02
N ASP G 132 -29.91 -28.19 -8.89
CA ASP G 132 -28.81 -27.51 -8.25
C ASP G 132 -27.63 -27.43 -9.21
N GLY G 133 -27.03 -26.25 -9.31
CA GLY G 133 -25.93 -26.03 -10.22
C GLY G 133 -26.32 -25.75 -11.66
N GLN G 134 -27.61 -25.70 -11.98
CA GLN G 134 -28.02 -25.39 -13.34
C GLN G 134 -27.39 -24.07 -13.77
N GLU G 135 -26.80 -24.06 -14.95
CA GLU G 135 -26.20 -22.86 -15.50
C GLU G 135 -27.24 -22.05 -16.26
N ILE G 136 -27.15 -20.73 -16.18
CA ILE G 136 -28.11 -19.84 -16.80
C ILE G 136 -27.41 -19.08 -17.93
N GLU G 137 -28.05 -19.06 -19.09
CA GLU G 137 -27.48 -18.38 -20.25
C GLU G 137 -27.22 -16.91 -19.96
N LEU G 138 -26.15 -16.39 -20.57
CA LEU G 138 -25.65 -15.05 -20.26
C LEU G 138 -26.77 -14.01 -20.22
N GLU G 139 -27.41 -13.77 -21.36
CA GLU G 139 -28.44 -12.73 -21.43
C GLU G 139 -29.54 -12.99 -20.41
N CYS G 140 -29.94 -14.26 -20.24
CA CYS G 140 -31.01 -14.58 -19.29
C CYS G 140 -30.57 -14.29 -17.85
N GLY G 141 -29.39 -14.79 -17.46
CA GLY G 141 -28.90 -14.50 -16.12
C GLY G 141 -28.71 -13.02 -15.87
N THR G 142 -28.30 -12.27 -16.89
CA THR G 142 -28.18 -10.82 -16.74
C THR G 142 -29.54 -10.19 -16.45
N GLN G 143 -30.55 -10.54 -17.25
CA GLN G 143 -31.89 -10.01 -17.01
C GLN G 143 -32.40 -10.38 -15.63
N LEU G 144 -32.18 -11.64 -15.22
CA LEU G 144 -32.59 -12.04 -13.88
C LEU G 144 -31.94 -11.16 -12.82
N CYS G 145 -30.62 -10.93 -12.95
CA CYS G 145 -29.92 -10.12 -11.96
C CYS G 145 -30.43 -8.68 -11.95
N LEU G 146 -30.82 -8.15 -13.11
CA LEU G 146 -31.32 -6.79 -13.16
C LEU G 146 -32.71 -6.66 -12.54
N LEU G 147 -33.41 -7.78 -12.33
CA LEU G 147 -34.73 -7.72 -11.71
C LEU G 147 -34.65 -7.45 -10.22
N PHE G 148 -33.59 -7.93 -9.56
CA PHE G 148 -33.41 -7.74 -8.13
C PHE G 148 -33.54 -6.26 -7.77
N PRO G 149 -33.98 -5.94 -6.55
CA PRO G 149 -33.95 -4.55 -6.11
C PRO G 149 -32.51 -4.10 -5.90
N PRO G 150 -32.19 -2.85 -6.26
CA PRO G 150 -30.85 -2.34 -5.98
C PRO G 150 -30.52 -2.46 -4.50
N ASP G 151 -29.30 -2.84 -4.20
CA ASP G 151 -28.83 -3.04 -2.83
C ASP G 151 -27.83 -1.93 -2.51
N GLU G 152 -28.34 -0.84 -1.92
CA GLU G 152 -27.51 0.31 -1.61
C GLU G 152 -26.48 0.03 -0.53
N SER G 153 -26.57 -1.10 0.17
CA SER G 153 -25.65 -1.44 1.23
C SER G 153 -24.36 -2.10 0.73
N ILE G 154 -24.17 -2.20 -0.58
CA ILE G 154 -23.07 -2.95 -1.16
C ILE G 154 -22.17 -1.98 -1.92
N ASP G 155 -20.87 -2.02 -1.62
CA ASP G 155 -19.89 -1.19 -2.30
C ASP G 155 -19.40 -1.95 -3.53
N LEU G 156 -20.00 -1.64 -4.68
CA LEU G 156 -19.59 -2.31 -5.92
C LEU G 156 -18.10 -2.08 -6.18
N TYR G 157 -17.62 -0.85 -5.96
CA TYR G 157 -16.18 -0.62 -5.96
C TYR G 157 -15.54 -1.46 -4.87
N GLN G 158 -14.82 -2.52 -5.27
CA GLN G 158 -14.15 -3.44 -4.35
C GLN G 158 -14.00 -4.79 -5.05
N VAL G 159 -15.11 -5.31 -5.56
CA VAL G 159 -15.01 -6.46 -6.46
C VAL G 159 -14.60 -6.00 -7.85
N ILE G 160 -15.04 -4.81 -8.26
CA ILE G 160 -14.57 -4.24 -9.52
C ILE G 160 -13.05 -4.19 -9.54
N HIS G 161 -12.42 -4.00 -8.37
CA HIS G 161 -10.96 -4.01 -8.30
C HIS G 161 -10.39 -5.39 -8.57
N LYS G 162 -11.11 -6.46 -8.20
CA LYS G 162 -10.60 -7.82 -8.38
C LYS G 162 -10.81 -8.37 -9.78
N MET G 163 -11.48 -7.62 -10.66
CA MET G 163 -11.82 -8.13 -11.98
C MET G 163 -10.72 -7.84 -12.99
N THR H 1 -28.25 51.91 4.07
CA THR H 1 -28.47 50.48 4.29
C THR H 1 -27.39 49.65 3.59
N SER H 2 -26.42 50.33 2.98
CA SER H 2 -25.43 49.63 2.17
C SER H 2 -24.38 48.91 3.01
N LYS H 3 -24.22 49.30 4.28
CA LYS H 3 -23.35 48.50 5.17
C LYS H 3 -23.86 47.07 5.25
N LEU H 4 -25.16 46.90 5.51
CA LEU H 4 -25.73 45.56 5.52
C LEU H 4 -25.61 44.89 4.16
N LYS H 5 -25.99 45.61 3.10
CA LYS H 5 -25.92 45.03 1.76
C LYS H 5 -24.48 44.67 1.39
N TYR H 6 -23.51 45.46 1.84
CA TYR H 6 -22.12 45.15 1.55
C TYR H 6 -21.71 43.84 2.20
N VAL H 7 -22.11 43.63 3.45
CA VAL H 7 -21.79 42.37 4.13
C VAL H 7 -22.41 41.19 3.41
N LEU H 8 -23.63 41.38 2.88
CA LEU H 8 -24.36 40.32 2.20
C LEU H 8 -23.97 40.14 0.74
N GLN H 9 -23.14 41.02 0.20
CA GLN H 9 -22.82 40.98 -1.22
C GLN H 9 -22.28 39.61 -1.61
N ASP H 10 -23.01 38.92 -2.50
CA ASP H 10 -22.56 37.65 -3.06
C ASP H 10 -22.30 36.61 -1.97
N ALA H 11 -23.11 36.63 -0.92
CA ALA H 11 -22.89 35.73 0.20
C ALA H 11 -23.57 34.38 -0.03
N ARG H 12 -23.08 33.36 0.67
CA ARG H 12 -23.75 32.08 0.80
C ARG H 12 -24.64 32.12 2.04
N PHE H 13 -25.77 31.40 1.97
CA PHE H 13 -26.75 31.39 3.05
C PHE H 13 -27.06 29.97 3.47
N PHE H 14 -26.96 29.69 4.77
CA PHE H 14 -27.34 28.41 5.34
C PHE H 14 -28.45 28.63 6.35
N LEU H 15 -29.51 27.83 6.24
CA LEU H 15 -30.59 27.83 7.22
C LEU H 15 -30.21 26.89 8.36
N ILE H 16 -30.10 27.43 9.57
CA ILE H 16 -29.65 26.67 10.72
C ILE H 16 -30.84 26.38 11.62
N LYS H 17 -31.25 25.11 11.68
CA LYS H 17 -32.41 24.68 12.47
C LYS H 17 -31.93 24.21 13.83
N SER H 18 -31.79 25.16 14.75
CA SER H 18 -31.39 24.83 16.11
C SER H 18 -32.51 24.07 16.82
N ASN H 19 -32.12 23.05 17.59
CA ASN H 19 -33.12 22.24 18.28
C ASN H 19 -33.81 23.02 19.41
N ASN H 20 -33.09 23.91 20.09
CA ASN H 20 -33.66 24.65 21.21
C ASN H 20 -33.13 26.07 21.19
N HIS H 21 -33.80 26.93 21.98
CA HIS H 21 -33.41 28.34 22.07
C HIS H 21 -32.12 28.50 22.86
N GLU H 22 -31.81 27.57 23.76
CA GLU H 22 -30.66 27.75 24.62
C GLU H 22 -29.36 27.84 23.82
N ASN H 23 -29.21 26.96 22.82
CA ASN H 23 -27.99 26.98 22.01
C ASN H 23 -27.85 28.29 21.25
N VAL H 24 -28.97 28.86 20.78
CA VAL H 24 -28.90 30.14 20.11
C VAL H 24 -28.44 31.21 21.09
N SER H 25 -28.92 31.16 22.33
CA SER H 25 -28.48 32.12 23.34
C SER H 25 -27.00 31.96 23.66
N LEU H 26 -26.53 30.71 23.72
CA LEU H 26 -25.10 30.46 23.82
C LEU H 26 -24.36 31.17 22.68
N ALA H 27 -24.86 31.02 21.46
CA ALA H 27 -24.16 31.56 20.29
C ALA H 27 -24.08 33.08 20.33
N LYS H 28 -25.19 33.73 20.72
CA LYS H 28 -25.18 35.19 20.78
C LYS H 28 -24.19 35.70 21.82
N ALA H 29 -24.18 35.06 23.00
CA ALA H 29 -23.32 35.54 24.08
C ALA H 29 -21.84 35.32 23.77
N LYS H 30 -21.50 34.11 23.32
CA LYS H 30 -20.11 33.73 23.08
C LYS H 30 -19.68 33.87 21.62
N GLY H 31 -20.62 34.13 20.70
CA GLY H 31 -20.26 34.29 19.30
C GLY H 31 -19.63 33.07 18.66
N VAL H 32 -20.13 31.88 18.98
CA VAL H 32 -19.60 30.64 18.44
C VAL H 32 -20.74 29.75 17.98
N TRP H 33 -20.40 28.79 17.12
CA TRP H 33 -21.34 27.78 16.66
C TRP H 33 -20.58 26.49 16.41
N SER H 34 -21.30 25.38 16.45
CA SER H 34 -20.69 24.07 16.26
C SER H 34 -21.70 23.15 15.58
N THR H 35 -21.21 22.01 15.09
CA THR H 35 -22.05 21.06 14.38
C THR H 35 -21.29 19.79 14.00
N LEU H 36 -21.98 18.82 13.39
CA LEU H 36 -21.36 17.55 13.04
C LEU H 36 -20.27 17.74 12.00
N PRO H 37 -19.26 16.86 11.98
CA PRO H 37 -18.16 17.02 11.02
C PRO H 37 -18.59 17.18 9.57
N VAL H 38 -19.55 16.37 9.11
CA VAL H 38 -19.95 16.44 7.70
C VAL H 38 -20.51 17.82 7.37
N ASN H 39 -21.35 18.36 8.26
CA ASN H 39 -21.83 19.72 8.06
C ASN H 39 -20.69 20.73 8.22
N GLU H 40 -19.77 20.46 9.14
CA GLU H 40 -18.60 21.30 9.30
C GLU H 40 -17.84 21.48 8.00
N LYS H 41 -17.67 20.40 7.23
CA LYS H 41 -16.92 20.49 5.98
C LYS H 41 -17.57 21.45 5.01
N LYS H 42 -18.91 21.41 4.91
CA LYS H 42 -19.61 22.33 4.01
C LYS H 42 -19.38 23.77 4.40
N LEU H 43 -19.37 24.07 5.70
CA LEU H 43 -19.17 25.45 6.15
C LEU H 43 -17.77 25.94 5.82
N ASN H 44 -16.75 25.11 6.04
CA ASN H 44 -15.38 25.51 5.72
C ASN H 44 -15.19 25.68 4.22
N LEU H 45 -15.68 24.72 3.43
CA LEU H 45 -15.59 24.84 1.98
C LEU H 45 -16.25 26.14 1.51
N ALA H 46 -17.44 26.42 2.04
CA ALA H 46 -18.13 27.66 1.68
C ALA H 46 -17.35 28.89 2.13
N PHE H 47 -16.73 28.82 3.31
CA PHE H 47 -16.06 30.01 3.85
C PHE H 47 -14.96 30.50 2.92
N ARG H 48 -14.24 29.58 2.28
CA ARG H 48 -13.16 29.99 1.39
C ARG H 48 -13.67 30.42 0.03
N SER H 49 -14.88 30.01 -0.35
CA SER H 49 -15.39 30.20 -1.70
C SER H 49 -16.30 31.42 -1.85
N ALA H 50 -16.68 32.08 -0.76
CA ALA H 50 -17.60 33.20 -0.85
C ALA H 50 -17.12 34.33 0.05
N ARG H 51 -17.42 35.57 -0.39
CA ARG H 51 -17.02 36.73 0.39
C ARG H 51 -17.59 36.68 1.81
N SER H 52 -18.81 36.16 1.95
CA SER H 52 -19.46 36.08 3.25
C SER H 52 -20.30 34.81 3.30
N VAL H 53 -20.27 34.15 4.45
CA VAL H 53 -21.11 32.98 4.73
C VAL H 53 -22.04 33.35 5.88
N ILE H 54 -23.33 33.38 5.62
CA ILE H 54 -24.33 33.85 6.57
C ILE H 54 -25.12 32.66 7.10
N LEU H 55 -25.23 32.56 8.43
CA LEU H 55 -26.09 31.58 9.07
C LEU H 55 -27.38 32.26 9.49
N ILE H 56 -28.51 31.74 9.03
CA ILE H 56 -29.83 32.23 9.39
C ILE H 56 -30.46 31.23 10.34
N PHE H 57 -30.65 31.63 11.59
CA PHE H 57 -31.10 30.73 12.65
C PHE H 57 -32.61 30.68 12.74
N SER H 58 -33.15 29.46 12.81
CA SER H 58 -34.58 29.23 13.02
C SER H 58 -34.72 28.06 13.98
N VAL H 59 -35.13 28.33 15.21
CA VAL H 59 -35.30 27.26 16.19
C VAL H 59 -36.54 26.44 15.83
N ARG H 60 -36.37 25.12 15.82
CA ARG H 60 -37.46 24.23 15.43
C ARG H 60 -38.68 24.46 16.33
N GLU H 61 -39.85 24.61 15.70
CA GLU H 61 -41.17 24.74 16.30
C GLU H 61 -41.51 26.19 16.64
N SER H 62 -40.57 27.13 16.46
CA SER H 62 -40.76 28.49 16.96
C SER H 62 -41.51 29.40 15.99
N GLY H 63 -41.62 29.02 14.71
CA GLY H 63 -42.28 29.88 13.74
C GLY H 63 -41.56 31.19 13.51
N LYS H 64 -40.25 31.25 13.76
CA LYS H 64 -39.51 32.50 13.65
C LYS H 64 -38.08 32.22 13.23
N PHE H 65 -37.44 33.26 12.69
CA PHE H 65 -35.99 33.35 12.62
C PHE H 65 -35.53 34.17 13.81
N GLN H 66 -34.41 33.78 14.42
CA GLN H 66 -33.89 34.47 15.59
C GLN H 66 -32.74 35.41 15.26
N GLY H 67 -32.44 35.60 13.98
CA GLY H 67 -31.34 36.43 13.54
C GLY H 67 -30.42 35.68 12.59
N PHE H 68 -29.36 36.37 12.19
CA PHE H 68 -28.36 35.77 11.32
C PHE H 68 -26.99 36.30 11.68
N ALA H 69 -25.97 35.49 11.41
CA ALA H 69 -24.59 35.82 11.72
C ALA H 69 -23.70 35.45 10.55
N ARG H 70 -22.50 36.00 10.55
CA ARG H 70 -21.50 35.76 9.50
C ARG H 70 -20.37 34.93 10.09
N LEU H 71 -19.93 33.92 9.35
CA LEU H 71 -18.76 33.15 9.76
C LEU H 71 -17.52 34.04 9.72
N SER H 72 -16.82 34.12 10.85
CA SER H 72 -15.61 34.93 10.91
C SER H 72 -14.38 34.20 10.42
N SER H 73 -14.38 32.87 10.50
CA SER H 73 -13.23 32.09 10.04
C SER H 73 -13.63 30.62 10.06
N GLU H 74 -12.74 29.79 9.53
CA GLU H 74 -12.97 28.36 9.51
C GLU H 74 -12.98 27.81 10.94
N SER H 75 -13.55 26.62 11.09
CA SER H 75 -13.68 26.04 12.42
C SER H 75 -12.31 25.73 13.00
N HIS H 76 -12.19 25.90 14.31
CA HIS H 76 -10.96 25.62 15.03
C HIS H 76 -11.22 24.57 16.11
N HIS H 77 -10.14 24.07 16.69
CA HIS H 77 -10.21 23.04 17.71
C HIS H 77 -9.55 23.49 19.01
N GLY H 78 -9.65 24.79 19.30
CA GLY H 78 -9.19 25.35 20.55
C GLY H 78 -10.30 26.09 21.26
N GLY H 79 -9.96 27.00 22.16
CA GLY H 79 -10.93 27.69 22.96
C GLY H 79 -11.38 26.88 24.16
N SER H 80 -12.15 27.53 25.03
CA SER H 80 -12.65 26.89 26.24
C SER H 80 -13.90 26.08 25.94
N PRO H 81 -14.35 25.28 26.90
CA PRO H 81 -15.53 24.43 26.66
C PRO H 81 -16.80 25.25 26.46
N ILE H 82 -17.74 24.64 25.74
CA ILE H 82 -19.03 25.23 25.44
C ILE H 82 -20.10 24.22 25.80
N HIS H 83 -21.02 24.60 26.70
CA HIS H 83 -22.00 23.66 27.24
C HIS H 83 -23.28 23.69 26.39
N TRP H 84 -23.12 23.24 25.14
CA TRP H 84 -24.27 23.06 24.27
C TRP H 84 -25.26 22.09 24.90
N VAL H 85 -26.54 22.27 24.58
CA VAL H 85 -27.59 21.32 24.94
C VAL H 85 -27.94 20.60 23.63
N LEU H 86 -27.27 19.49 23.39
CA LEU H 86 -27.34 18.79 22.11
C LEU H 86 -28.62 17.98 21.98
N PRO H 87 -29.03 17.70 20.74
CA PRO H 87 -30.17 16.82 20.52
C PRO H 87 -30.05 15.53 21.33
N ALA H 88 -31.20 14.94 21.65
CA ALA H 88 -31.23 13.75 22.51
C ALA H 88 -30.32 12.66 21.98
N GLY H 89 -29.46 12.14 22.85
CA GLY H 89 -28.56 11.07 22.49
C GLY H 89 -27.30 11.50 21.79
N MET H 90 -27.13 12.79 21.50
CA MET H 90 -25.93 13.29 20.88
C MET H 90 -24.94 13.73 21.95
N SER H 91 -23.66 13.51 21.69
CA SER H 91 -22.61 13.83 22.66
C SER H 91 -21.63 14.81 22.04
N ALA H 92 -20.96 15.58 22.91
CA ALA H 92 -19.94 16.52 22.45
C ALA H 92 -18.90 15.81 21.57
N LYS H 93 -18.64 14.53 21.83
CA LYS H 93 -17.65 13.80 21.06
C LYS H 93 -18.06 13.64 19.59
N MET H 94 -19.35 13.71 19.28
CA MET H 94 -19.78 13.61 17.89
C MET H 94 -19.54 14.88 17.10
N LEU H 95 -19.40 16.02 17.78
CA LEU H 95 -19.24 17.30 17.12
C LEU H 95 -17.88 17.40 16.43
N GLY H 96 -17.81 18.32 15.47
CA GLY H 96 -16.54 18.74 14.91
C GLY H 96 -15.99 19.90 15.70
N GLY H 97 -15.41 20.88 15.01
CA GLY H 97 -14.82 22.03 15.66
C GLY H 97 -15.82 23.13 15.95
N VAL H 98 -15.27 24.32 16.21
CA VAL H 98 -16.06 25.49 16.57
C VAL H 98 -15.81 26.59 15.55
N PHE H 99 -16.88 27.28 15.15
CA PHE H 99 -16.81 28.42 14.25
C PHE H 99 -16.99 29.71 15.06
N LYS H 100 -16.03 30.62 14.96
CA LYS H 100 -16.26 31.97 15.48
C LYS H 100 -17.21 32.70 14.55
N ILE H 101 -18.22 33.35 15.11
CA ILE H 101 -19.23 34.04 14.31
C ILE H 101 -19.49 35.43 14.89
N ASP H 102 -19.62 36.40 13.99
CA ASP H 102 -20.03 37.76 14.34
C ASP H 102 -21.49 37.92 13.97
N TRP H 103 -22.30 38.34 14.94
CA TRP H 103 -23.72 38.50 14.68
C TRP H 103 -23.98 39.75 13.85
N ILE H 104 -24.83 39.61 12.84
CA ILE H 104 -25.26 40.72 12.00
C ILE H 104 -26.59 41.28 12.46
N CYS H 105 -27.51 40.39 12.87
CA CYS H 105 -28.81 40.80 13.39
C CYS H 105 -29.24 39.78 14.43
N ARG H 106 -29.55 40.27 15.63
CA ARG H 106 -29.96 39.42 16.73
C ARG H 106 -31.46 39.46 16.99
N ARG H 107 -32.20 40.27 16.23
CA ARG H 107 -33.62 40.43 16.40
C ARG H 107 -34.40 39.40 15.57
N GLU H 108 -35.65 39.17 15.98
CA GLU H 108 -36.45 38.10 15.39
C GLU H 108 -37.19 38.56 14.15
N LEU H 109 -37.59 37.58 13.34
CA LEU H 109 -38.44 37.79 12.17
C LEU H 109 -39.42 36.64 12.06
N PRO H 110 -40.72 36.89 12.18
CA PRO H 110 -41.69 35.80 12.11
C PRO H 110 -41.86 35.28 10.69
N PHE H 111 -42.26 34.00 10.59
CA PHE H 111 -42.50 33.39 9.29
C PHE H 111 -43.52 34.19 8.47
N THR H 112 -44.44 34.87 9.16
CA THR H 112 -45.49 35.60 8.44
C THR H 112 -44.93 36.74 7.61
N LYS H 113 -43.80 37.32 8.02
CA LYS H 113 -43.21 38.43 7.28
C LYS H 113 -42.44 37.99 6.05
N SER H 114 -42.15 36.70 5.91
CA SER H 114 -41.41 36.19 4.75
C SER H 114 -42.20 35.18 3.94
N ALA H 115 -43.52 35.06 4.17
CA ALA H 115 -44.31 34.09 3.43
C ALA H 115 -44.28 34.34 1.93
N HIS H 116 -43.90 35.55 1.50
CA HIS H 116 -43.87 35.88 0.08
C HIS H 116 -42.58 35.46 -0.62
N LEU H 117 -41.57 35.01 0.11
CA LEU H 117 -40.28 34.65 -0.47
C LEU H 117 -40.19 33.15 -0.65
N THR H 118 -39.77 32.73 -1.84
CA THR H 118 -39.55 31.32 -2.15
C THR H 118 -38.07 31.08 -2.41
N ASN H 119 -37.57 29.93 -1.96
CA ASN H 119 -36.16 29.61 -2.11
C ASN H 119 -35.96 28.80 -3.38
N PRO H 120 -35.33 29.35 -4.41
CA PRO H 120 -35.15 28.60 -5.66
C PRO H 120 -34.31 27.34 -5.53
N TRP H 121 -33.49 27.22 -4.49
CA TRP H 121 -32.68 26.02 -4.28
C TRP H 121 -33.38 24.99 -3.41
N ASN H 122 -34.66 25.21 -3.08
CA ASN H 122 -35.49 24.23 -2.38
C ASN H 122 -36.85 24.14 -3.07
N GLU H 123 -36.82 23.97 -4.39
CA GLU H 123 -38.03 23.75 -5.19
C GLU H 123 -39.06 24.87 -4.97
N HIS H 124 -38.57 26.09 -4.75
CA HIS H 124 -39.41 27.27 -4.62
C HIS H 124 -40.46 27.12 -3.52
N LYS H 125 -40.15 26.35 -2.49
CA LYS H 125 -40.98 26.35 -1.31
C LYS H 125 -40.69 27.59 -0.47
N PRO H 126 -41.65 28.04 0.34
CA PRO H 126 -41.39 29.20 1.21
C PRO H 126 -40.07 29.05 1.93
N VAL H 127 -39.32 30.16 2.00
CA VAL H 127 -37.96 30.11 2.53
C VAL H 127 -37.95 29.55 3.94
N LYS H 128 -39.02 29.78 4.71
CA LYS H 128 -39.10 29.20 6.05
C LYS H 128 -38.98 27.68 6.02
N ILE H 129 -39.39 27.04 4.93
CA ILE H 129 -39.36 25.59 4.83
C ILE H 129 -37.96 25.14 4.43
N GLY H 130 -37.50 24.04 5.03
CA GLY H 130 -36.21 23.49 4.68
C GLY H 130 -35.59 22.64 5.76
N ARG H 131 -34.85 21.61 5.35
CA ARG H 131 -34.11 20.80 6.29
C ARG H 131 -33.03 21.66 6.97
N ASP H 132 -32.40 21.08 7.98
CA ASP H 132 -31.28 21.76 8.62
C ASP H 132 -30.11 21.87 7.65
N GLY H 133 -29.52 23.06 7.56
CA GLY H 133 -28.44 23.30 6.63
C GLY H 133 -28.87 23.57 5.20
N GLN H 134 -30.18 23.61 4.94
CA GLN H 134 -30.66 23.97 3.62
C GLN H 134 -30.06 25.30 3.19
N GLU H 135 -29.47 25.31 2.00
CA GLU H 135 -28.86 26.52 1.47
C GLU H 135 -29.92 27.37 0.77
N ILE H 136 -29.79 28.69 0.93
CA ILE H 136 -30.76 29.63 0.39
C ILE H 136 -30.11 30.42 -0.73
N GLU H 137 -30.77 30.45 -1.88
CA GLU H 137 -30.24 31.15 -3.05
C GLU H 137 -29.90 32.60 -2.71
N LEU H 138 -28.85 33.10 -3.35
CA LEU H 138 -28.31 34.44 -3.12
C LEU H 138 -29.39 35.51 -2.96
N GLU H 139 -30.13 35.79 -4.03
CA GLU H 139 -31.10 36.89 -3.99
C GLU H 139 -32.18 36.64 -2.94
N CYS H 140 -32.67 35.40 -2.85
CA CYS H 140 -33.67 35.08 -1.83
C CYS H 140 -33.13 35.30 -0.43
N GLY H 141 -31.91 34.81 -0.16
CA GLY H 141 -31.31 35.03 1.14
C GLY H 141 -31.04 36.49 1.44
N THR H 142 -30.70 37.27 0.41
CA THR H 142 -30.50 38.70 0.62
C THR H 142 -31.82 39.38 0.99
N GLN H 143 -32.90 39.07 0.26
CA GLN H 143 -34.18 39.69 0.57
C GLN H 143 -34.68 39.24 1.95
N LEU H 144 -34.42 37.99 2.33
CA LEU H 144 -34.81 37.55 3.67
C LEU H 144 -34.11 38.38 4.73
N CYS H 145 -32.77 38.49 4.65
CA CYS H 145 -32.02 39.22 5.65
C CYS H 145 -32.46 40.68 5.75
N LEU H 146 -32.77 41.30 4.60
CA LEU H 146 -33.21 42.69 4.63
C LEU H 146 -34.56 42.86 5.29
N LEU H 147 -35.37 41.79 5.35
CA LEU H 147 -36.66 41.86 6.03
C LEU H 147 -36.50 42.06 7.53
N PHE H 148 -35.39 41.59 8.09
CA PHE H 148 -35.19 41.68 9.53
C PHE H 148 -35.21 43.14 9.99
N PRO H 149 -35.59 43.39 11.24
CA PRO H 149 -35.46 44.73 11.78
C PRO H 149 -34.00 45.11 11.89
N PRO H 150 -33.66 46.39 11.67
CA PRO H 150 -32.27 46.80 11.87
C PRO H 150 -31.85 46.61 13.31
N ASP H 151 -30.61 46.17 13.50
CA ASP H 151 -30.02 45.94 14.81
C ASP H 151 -28.93 46.98 15.00
N GLU H 152 -29.29 48.10 15.63
CA GLU H 152 -28.36 49.20 15.81
C GLU H 152 -27.27 48.90 16.83
N SER H 153 -27.34 47.77 17.53
CA SER H 153 -26.37 47.42 18.55
C SER H 153 -25.18 46.63 18.01
N ILE H 154 -25.12 46.40 16.70
CA ILE H 154 -24.06 45.63 16.08
C ILE H 154 -23.13 46.58 15.34
N ASP H 155 -21.83 46.40 15.53
CA ASP H 155 -20.82 47.22 14.86
C ASP H 155 -20.41 46.51 13.58
N LEU H 156 -20.97 46.94 12.45
CA LEU H 156 -20.69 46.29 11.18
C LEU H 156 -19.26 46.54 10.70
N TYR H 157 -18.62 47.61 11.17
CA TYR H 157 -17.25 47.89 10.73
C TYR H 157 -16.29 46.81 11.22
N GLN H 158 -16.56 46.20 12.37
CA GLN H 158 -15.70 45.11 12.84
C GLN H 158 -15.77 43.92 11.89
N VAL H 159 -16.95 43.64 11.34
CA VAL H 159 -17.07 42.55 10.38
C VAL H 159 -16.48 42.94 9.03
N ILE H 160 -16.70 44.19 8.61
CA ILE H 160 -16.22 44.62 7.31
C ILE H 160 -14.69 44.50 7.23
N HIS H 161 -14.00 44.79 8.33
CA HIS H 161 -12.54 44.67 8.33
C HIS H 161 -12.10 43.24 8.09
N LYS H 162 -12.89 42.25 8.51
CA LYS H 162 -12.54 40.85 8.32
C LYS H 162 -12.83 40.34 6.93
N MET H 163 -13.38 41.17 6.05
CA MET H 163 -13.68 40.76 4.68
C MET H 163 -12.54 41.16 3.75
C1 9N8 I . 10.62 -13.00 1.80
C2 9N8 I . 10.72 -12.07 0.78
C3 9N8 I . 11.58 -12.30 -0.28
C4 9N8 I . 12.34 -13.45 -0.31
C5 9N8 I . 12.25 -14.38 0.72
C6 9N8 I . 13.12 -15.62 0.65
C7 9N8 I . 14.38 -15.63 1.51
C8 9N8 I . 15.27 -16.67 1.69
C11 9N8 I . 18.50 -14.38 5.81
C12 9N8 I . 18.67 -15.06 6.99
C15 9N8 I . 19.14 -13.17 5.62
C16 9N8 I . 14.84 -14.58 2.28
O1 9N8 I . 12.85 -16.54 -0.04
F 9N8 I . 13.19 -13.69 -1.34
C 9N8 I . 11.40 -14.13 1.78
BR 9N8 I . 11.26 -15.41 3.22
C9 9N8 I . 16.00 -15.01 2.88
N 9N8 I . 16.22 -16.26 2.51
C10 9N8 I . 16.87 -14.21 3.84
O 9N8 I . 16.91 -13.03 3.80
N1 9N8 I . 17.63 -14.97 4.81
N2 9N8 I . 19.92 -12.67 6.57
C14 9N8 I . 20.09 -13.30 7.71
C13 9N8 I . 19.49 -14.51 7.97
H 9N8 I . 10.04 -12.84 2.51
H1 9N8 I . 10.20 -11.31 0.79
H2 9N8 I . 11.64 -11.69 -0.97
H3 9N8 I . 15.22 -17.51 1.29
H6 9N8 I . 18.25 -15.87 7.15
H9 9N8 I . 19.02 -12.70 4.82
H10 9N8 I . 14.45 -13.74 2.37
H4 9N8 I . 16.89 -16.75 2.77
H5 9N8 I . 17.55 -15.84 4.80
H8 9N8 I . 20.65 -12.93 8.36
H7 9N8 I . 19.62 -14.95 8.78
S SO4 J . 17.48 -22.83 6.84
O1 SO4 J . 16.58 -22.21 5.89
O2 SO4 J . 18.67 -23.32 6.14
O3 SO4 J . 17.88 -21.85 7.84
O4 SO4 J . 16.81 -23.95 7.49
S SO4 K . 25.14 -14.92 -17.05
O1 SO4 K . 24.76 -13.50 -17.12
O2 SO4 K . 26.59 -15.05 -17.03
O3 SO4 K . 24.57 -15.51 -15.84
O4 SO4 K . 24.61 -15.63 -18.22
S SO4 L . 10.95 -21.26 -9.86
O1 SO4 L . 9.80 -21.97 -9.32
O2 SO4 L . 10.76 -19.81 -9.68
O3 SO4 L . 12.17 -21.69 -9.18
O4 SO4 L . 11.08 -21.55 -11.30
C1 9N8 M . 9.35 37.22 18.45
C2 9N8 M . 9.49 38.17 17.47
C3 9N8 M . 10.39 37.98 16.44
C4 9N8 M . 11.14 36.82 16.38
C5 9N8 M . 11.00 35.87 17.36
C6 9N8 M . 11.86 34.61 17.26
C7 9N8 M . 13.05 34.50 18.20
C8 9N8 M . 13.83 33.38 18.43
C11 9N8 M . 16.98 35.53 22.73
C12 9N8 M . 17.19 34.79 23.89
C15 9N8 M . 17.64 36.74 22.57
C16 9N8 M . 13.56 35.52 18.97
O1 9N8 M . 11.63 33.77 16.46
F 9N8 M . 12.02 36.63 15.37
C 9N8 M . 10.11 36.06 18.39
BR 9N8 M . 9.91 34.72 19.77
C9 9N8 M . 14.64 34.99 19.65
N 9N8 M . 14.77 33.72 19.31
C10 9N8 M . 15.53 35.74 20.63
O 9N8 M . 15.73 36.89 20.49
N1 9N8 M . 16.11 34.97 21.72
N2 9N8 M . 18.45 37.19 23.51
C14 9N8 M . 18.66 36.51 24.63
C13 9N8 M . 18.04 35.29 24.85
H 9N8 M . 8.75 37.34 19.15
H1 9N8 M . 8.99 38.96 17.50
H2 9N8 M . 10.48 38.61 15.78
H3 9N8 M . 13.73 32.55 18.05
H6 9N8 M . 16.78 33.97 24.01
H9 9N8 M . 17.51 37.24 21.80
H10 9N8 M . 13.25 36.39 19.01
H4 9N8 M . 15.37 33.18 19.62
H5 9N8 M . 15.92 34.13 21.77
H8 9N8 M . 19.23 36.86 25.27
H7 9N8 M . 18.20 34.82 25.64
S SO4 N . 15.51 27.13 23.99
O1 SO4 N . 14.84 26.10 24.78
O2 SO4 N . 15.86 28.25 24.86
O3 SO4 N . 16.74 26.57 23.41
O4 SO4 N . 14.63 27.58 22.92
S SO4 O . 9.59 28.67 7.21
O1 SO4 O . 8.39 28.06 7.79
O2 SO4 O . 9.71 30.04 7.68
O3 SO4 O . 10.77 27.90 7.60
O4 SO4 O . 9.48 28.67 5.74
S SO4 P . 24.47 33.58 -0.26
O1 SO4 P . 23.78 33.50 1.02
O2 SO4 P . 25.91 33.36 -0.06
O3 SO4 P . 23.95 32.53 -1.15
O4 SO4 P . 24.25 34.89 -0.86
S SO4 Q . 3.58 48.45 20.60
O1 SO4 Q . 4.25 48.85 19.36
O2 SO4 Q . 4.54 48.47 21.70
O3 SO4 Q . 2.49 49.38 20.89
O4 SO4 Q . 3.05 47.09 20.46
S SO4 R . -1.69 29.58 17.56
O1 SO4 R . -2.93 28.86 17.82
O2 SO4 R . -1.06 29.96 18.82
O3 SO4 R . -0.78 28.70 16.80
O4 SO4 R . -1.97 30.78 16.77
C1 9N8 S . 6.76 23.51 29.15
C2 9N8 S . 7.13 22.38 29.85
C3 9N8 S . 7.80 21.35 29.19
C4 9N8 S . 8.10 21.48 27.85
C5 9N8 S . 7.72 22.60 27.16
C6 9N8 S . 8.05 22.71 25.68
C7 9N8 S . 6.95 22.39 24.66
C8 9N8 S . 7.06 22.38 23.28
C11 9N8 S . 1.55 21.86 21.85
C12 9N8 S . 1.00 22.71 20.91
C15 9N8 S . 0.78 20.81 22.35
C16 9N8 S . 5.62 22.06 24.93
O1 9N8 S . 9.14 23.02 25.31
F 9N8 S . 8.76 20.48 27.20
C 9N8 S . 7.06 23.61 27.81
BR 9N8 S . 6.55 25.20 26.83
C9 9N8 S . 5.00 21.86 23.71
N 9N8 S . 5.90 22.07 22.77
C10 9N8 S . 3.55 21.50 23.44
O 9N8 S . 2.96 20.75 24.16
N1 9N8 S . 2.92 22.09 22.27
N2 9N8 S . -0.46 20.65 21.93
C14 9N8 S . -1.02 21.44 21.04
C13 9N8 S . -0.31 22.50 20.50
H 9N8 S . 6.30 24.20 29.59
H1 9N8 S . 6.94 22.29 30.75
H2 9N8 S . 8.06 20.59 29.66
H3 9N8 S . 7.85 22.56 22.80
H6 9N8 S . 1.50 23.41 20.57
H9 9N8 S . 1.14 20.24 22.98
H10 9N8 S . 5.24 21.99 25.77
H4 9N8 S . 5.74 22.00 21.91
H5 9N8 S . 3.41 22.63 21.78
H8 9N8 S . -1.89 21.30 20.77
H7 9N8 S . -0.70 23.06 19.87
S SO4 T . 6.59 26.75 16.37
O1 SO4 T . 7.14 28.01 15.87
O2 SO4 T . 5.14 26.84 16.48
O3 SO4 T . 6.95 25.66 15.46
O4 SO4 T . 7.15 26.49 17.70
S SO4 U . 16.53 3.00 22.03
O1 SO4 U . 17.78 2.38 21.59
O2 SO4 U . 16.46 2.96 23.49
O3 SO4 U . 16.48 4.38 21.57
O4 SO4 U . 15.40 2.26 21.46
S SO4 V . 19.86 19.21 25.47
O1 SO4 V . 18.91 19.34 26.57
O2 SO4 V . 20.84 20.31 25.52
O3 SO4 V . 20.57 17.92 25.58
O4 SO4 V . 19.15 19.25 24.18
C1 9N8 W . 9.01 -27.24 12.29
C2 9N8 W . 9.34 -28.37 13.01
C3 9N8 W . 10.00 -29.42 12.39
C4 9N8 W . 10.33 -29.32 11.05
C5 9N8 W . 10.00 -28.19 10.33
C6 9N8 W . 10.38 -28.12 8.84
C7 9N8 W . 9.27 -28.26 7.81
C8 9N8 W . 9.32 -27.86 6.48
C11 9N8 W . 3.91 -28.76 4.94
C12 9N8 W . 3.35 -27.90 4.01
C15 9N8 W . 3.16 -29.81 5.44
C16 9N8 W . 8.01 -28.78 8.00
O1 9N8 W . 11.50 -27.96 8.51
F 9N8 W . 10.98 -30.36 10.45
C 9N8 W . 9.34 -27.14 10.95
BR 9N8 W . 8.86 -25.53 9.99
C9 9N8 W . 7.34 -28.69 6.79
N 9N8 W . 8.16 -28.13 5.92
C10 9N8 W . 5.92 -29.12 6.50
O 9N8 W . 5.36 -29.90 7.18
N1 9N8 W . 5.28 -28.49 5.35
N2 9N8 W . 1.91 -29.99 5.03
C14 9N8 W . 1.35 -29.18 4.15
C13 9N8 W . 2.05 -28.11 3.61
H 9N8 W . 8.57 -26.53 12.71
H1 9N8 W . 9.12 -28.42 13.91
H2 9N8 W . 10.22 -30.17 12.87
H3 9N8 W . 10.05 -27.47 6.07
H6 9N8 W . 3.84 -27.19 3.66
H9 9N8 W . 3.53 -30.38 6.07
H10 9N8 W . 7.66 -29.13 8.80
H4 9N8 W . 7.96 -27.97 5.08
H5 9N8 W . 5.74 -27.92 4.90
H8 9N8 W . 0.47 -29.34 3.88
H7 9N8 W . 1.64 -27.56 2.98
S SO4 X . 8.43 -23.47 -0.69
O1 SO4 X . 9.02 -23.57 0.64
O2 SO4 X . 8.74 -22.18 -1.26
O3 SO4 X . 8.98 -24.52 -1.55
O4 SO4 X . 6.99 -23.64 -0.59
S SO4 Y . 19.50 -46.46 4.10
O1 SO4 Y . 20.93 -46.44 3.82
O2 SO4 Y . 18.84 -47.31 3.12
O3 SO4 Y . 19.28 -46.98 5.44
O4 SO4 Y . 18.97 -45.11 4.00
S SO4 Z . 22.27 -31.00 8.29
O1 SO4 Z . 22.93 -29.72 8.58
O2 SO4 Z . 23.29 -32.04 8.09
O3 SO4 Z . 21.41 -31.38 9.42
O4 SO4 Z . 21.47 -30.87 7.08
C1 9N8 AA . 8.18 17.67 -21.24
C2 9N8 AA . 7.25 16.95 -21.97
C3 9N8 AA . 5.96 17.41 -22.12
C4 9N8 AA . 5.60 18.61 -21.54
C5 9N8 AA . 6.51 19.34 -20.82
C6 9N8 AA . 6.07 20.63 -20.18
C7 9N8 AA . 5.70 20.59 -18.71
C8 9N8 AA . 5.22 21.64 -17.94
C11 9N8 AA . 5.60 19.29 -12.80
C12 9N8 AA . 6.22 20.03 -11.82
C15 9N8 AA . 5.04 18.07 -12.49
C16 9N8 AA . 5.78 19.50 -17.86
O1 9N8 AA . 5.97 21.63 -20.80
F 9N8 AA . 4.34 19.09 -21.67
C 9N8 AA . 7.80 18.86 -20.67
BR 9N8 AA . 9.09 19.90 -19.65
C9 9N8 AA . 5.35 19.92 -16.62
N 9N8 AA . 5.03 21.20 -16.71
C10 9N8 AA . 5.27 19.11 -15.34
O 9N8 AA . 5.00 17.95 -15.33
N1 9N8 AA . 5.57 19.86 -14.14
N2 9N8 AA . 5.10 17.62 -11.26
C14 9N8 AA . 5.68 18.30 -10.29
C13 9N8 AA . 6.26 19.53 -10.53
H 9N8 AA . 9.05 17.36 -21.15
H1 9N8 AA . 7.51 16.15 -22.37
H2 9N8 AA . 5.34 16.92 -22.61
H3 9N8 AA . 5.06 22.51 -18.24
H6 9N8 AA . 6.59 20.86 -12.02
H9 9N8 AA . 4.63 17.56 -13.15
H10 9N8 AA . 6.07 18.65 -18.09
H4 9N8 AA . 4.74 21.69 -16.05
H5 9N8 AA . 5.78 20.70 -14.22
H8 9N8 AA . 5.70 17.95 -9.43
H7 9N8 AA . 6.67 20.01 -9.85
S SO4 BA . 6.99 27.92 -13.00
O1 SO4 BA . 5.65 28.49 -12.95
O2 SO4 BA . 7.16 27.21 -14.26
O3 SO4 BA . 7.18 27.00 -11.89
O4 SO4 BA . 7.97 28.99 -12.90
S SO4 CA . 8.34 28.02 -24.21
O1 SO4 CA . 7.59 29.26 -24.32
O2 SO4 CA . 9.46 28.04 -25.16
O3 SO4 CA . 8.86 27.87 -22.86
O4 SO4 CA . 7.48 26.88 -24.52
S SO4 DA . -15.01 20.24 -24.87
O1 SO4 DA . -16.03 20.39 -23.84
O2 SO4 DA . -13.71 20.68 -24.38
O3 SO4 DA . -14.92 18.84 -25.27
O4 SO4 DA . -15.37 21.04 -26.04
S SO4 EA . 0.31 25.64 -29.40
O1 SO4 EA . -0.03 25.78 -27.98
O2 SO4 EA . -0.92 25.50 -30.20
O3 SO4 EA . 1.03 26.84 -29.85
O4 SO4 EA . 1.15 24.46 -29.60
C1 9N8 FA . 11.27 -31.60 -38.07
C2 9N8 FA . 10.45 -32.42 -38.83
C3 9N8 FA . 9.13 -32.08 -39.03
C4 9N8 FA . 8.62 -30.93 -38.47
C5 9N8 FA . 9.43 -30.10 -37.73
C6 9N8 FA . 8.78 -28.86 -37.14
C7 9N8 FA . 8.42 -28.87 -35.67
C8 9N8 FA . 8.00 -27.80 -34.90
C11 9N8 FA . 8.24 -30.14 -29.74
C12 9N8 FA . 8.76 -29.37 -28.70
C15 9N8 FA . 7.75 -31.40 -29.46
C16 9N8 FA . 8.47 -29.96 -34.81
O1 9N8 FA . 8.54 -27.92 -37.81
F 9N8 FA . 7.32 -30.58 -38.66
C 9N8 FA . 10.75 -30.44 -37.52
BR 9N8 FA . 11.94 -29.32 -36.48
C9 9N8 FA . 8.05 -29.50 -33.57
N 9N8 FA . 7.79 -28.22 -33.67
C10 9N8 FA . 7.95 -30.30 -32.28
O 9N8 FA . 7.66 -31.46 -32.29
N1 9N8 FA . 8.25 -29.57 -31.07
N2 9N8 FA . 7.77 -31.87 -28.23
C14 9N8 FA . 8.25 -31.16 -27.23
C13 9N8 FA . 8.76 -29.89 -27.43
H 9N8 FA . 12.16 -31.83 -37.94
H1 9N8 FA . 10.79 -33.20 -39.21
H2 9N8 FA . 8.57 -32.62 -39.54
H3 9N8 FA . 7.87 -26.93 -35.21
H6 9N8 FA . 9.09 -28.52 -28.87
H9 9N8 FA . 7.40 -31.92 -30.15
H10 9N8 FA . 8.72 -30.83 -35.03
H4 9N8 FA . 7.52 -27.72 -33.01
H5 9N8 FA . 8.47 -28.73 -31.16
H8 9N8 FA . 8.25 -31.52 -26.37
H7 9N8 FA . 9.11 -29.40 -26.72
S SO4 GA . 9.34 -21.44 -29.76
O1 SO4 GA . 10.02 -20.20 -30.13
O2 SO4 GA . 9.75 -22.51 -30.65
O3 SO4 GA . 9.69 -21.77 -28.39
O4 SO4 GA . 7.90 -21.24 -29.86
S SO4 HA . -11.99 -29.49 -42.37
O1 SO4 HA . -13.17 -29.44 -41.51
O2 SO4 HA . -12.05 -28.39 -43.32
O3 SO4 HA . -10.78 -29.36 -41.58
O4 SO4 HA . -11.97 -30.77 -43.08
S SO4 IA . 3.06 -23.60 -46.62
O1 SO4 IA . 2.80 -23.16 -45.24
O2 SO4 IA . 4.04 -24.68 -46.62
O3 SO4 IA . 1.81 -24.08 -47.23
O4 SO4 IA . 3.58 -22.47 -47.40
C1 9N8 JA . -21.83 -27.12 1.55
C2 9N8 JA . -21.60 -25.91 2.20
C3 9N8 JA . -22.56 -24.92 2.16
C4 9N8 JA . -23.75 -25.12 1.49
C5 9N8 JA . -23.98 -26.33 0.85
C6 9N8 JA . -25.27 -26.55 0.09
C7 9N8 JA . -25.21 -26.40 -1.41
C8 9N8 JA . -26.24 -26.59 -2.32
C11 9N8 JA . -23.29 -26.37 -7.17
C12 9N8 JA . -23.60 -27.32 -8.14
C15 9N8 JA . -22.38 -25.38 -7.46
C16 9N8 JA . -24.09 -26.07 -2.16
O1 9N8 JA . -26.28 -26.85 0.65
F 9N8 JA . -24.70 -24.14 1.45
C 9N8 JA . -23.01 -27.31 0.87
BR 9N8 JA . -23.36 -28.99 -0.03
C9 9N8 JA . -24.48 -26.05 -3.48
N 9N8 JA . -25.77 -26.37 -3.54
C10 9N8 JA . -23.62 -25.75 -4.70
O 9N8 JA . -22.72 -24.97 -4.64
N1 9N8 JA . -23.98 -26.48 -5.89
N2 9N8 JA . -21.79 -25.32 -8.64
C14 9N8 JA . -22.06 -26.21 -9.58
C13 9N8 JA . -22.97 -27.23 -9.37
H 9N8 JA . -21.19 -27.78 1.57
H1 9N8 JA . -20.81 -25.77 2.65
H2 9N8 JA . -22.40 -24.11 2.60
H3 9N8 JA . -27.12 -26.83 -2.11
H6 9N8 JA . -24.21 -27.99 -7.97
H9 9N8 JA . -22.17 -24.74 -6.81
H10 9N8 JA . -23.24 -25.89 -1.83
H4 9N8 JA . -26.23 -26.43 -4.27
H5 9N8 JA . -24.65 -27.03 -5.84
H8 9N8 JA . -21.63 -26.14 -10.41
H7 9N8 JA . -23.15 -27.85 -10.04
S SO4 KA . -30.07 -31.75 -7.47
O1 SO4 KA . -30.94 -32.70 -8.16
O2 SO4 KA . -28.90 -31.48 -8.29
O3 SO4 KA . -30.80 -30.51 -7.23
O4 SO4 KA . -29.65 -32.32 -6.20
S SO4 LA . -35.18 -7.13 1.36
O1 SO4 LA . -34.95 -6.40 0.11
O2 SO4 LA . -36.36 -6.58 2.04
O3 SO4 LA . -35.40 -8.55 1.06
O4 SO4 LA . -34.01 -6.98 2.22
C1 9N8 MA . -24.02 21.60 18.35
C2 9N8 MA . -23.82 22.76 19.09
C3 9N8 MA . -24.81 23.72 19.14
C4 9N8 MA . -26.00 23.53 18.46
C5 9N8 MA . -26.19 22.39 17.73
C6 9N8 MA . -27.49 22.17 16.95
C7 9N8 MA . -27.45 22.45 15.45
C8 9N8 MA . -28.52 22.48 14.58
C11 9N8 MA . -25.64 22.66 9.66
C12 9N8 MA . -26.11 21.86 8.63
C15 9N8 MA . -24.61 23.55 9.41
C16 9N8 MA . -26.32 22.74 14.70
O1 9N8 MA . -28.48 21.80 17.48
F 9N8 MA . -26.97 24.49 18.52
C 9N8 MA . -25.21 21.43 17.66
BR 9N8 MA . -25.52 19.81 16.63
C9 9N8 MA . -26.76 22.93 13.39
N 9N8 MA . -28.07 22.75 13.38
C10 9N8 MA . -25.93 23.26 12.16
O 9N8 MA . -25.06 24.06 12.17
N1 9N8 MA . -26.27 22.51 10.96
N2 9N8 MA . -24.08 23.64 8.19
C14 9N8 MA . -24.52 22.89 7.19
C13 9N8 MA . -25.55 21.98 7.37
H 9N8 MA . -23.36 20.94 18.32
H1 9N8 MA . -23.03 22.88 19.55
H2 9N8 MA . -24.68 24.49 19.64
H3 9N8 MA . -29.41 22.31 14.80
H6 9N8 MA . -26.81 21.26 8.78
H9 9N8 MA . -24.29 24.08 10.09
H10 9N8 MA . -25.44 22.80 15.00
H4 9N8 MA . -28.57 22.81 12.66
H5 9N8 MA . -26.92 21.94 11.02
H8 9N8 MA . -24.13 22.98 6.36
H7 9N8 MA . -25.85 21.45 6.67
S SO4 NA . -36.42 41.60 19.01
O1 SO4 NA . -36.93 41.62 17.64
O2 SO4 NA . -35.43 42.65 19.16
O3 SO4 NA . -37.53 41.83 19.93
O4 SO4 NA . -35.82 40.30 19.30
#